data_5BQM
#
_entry.id   5BQM
#
_cell.length_a   88.201
_cell.length_b   143.916
_cell.length_c   172.762
_cell.angle_alpha   90.00
_cell.angle_beta   90.00
_cell.angle_gamma   90.00
#
_symmetry.space_group_name_H-M   'P 21 21 21'
#
loop_
_entity.id
_entity.type
_entity.pdbx_description
1 polymer 'Botulinum neurotoxin type D'
2 polymer 'Somatoliberin,Botulinum neurotoxin type D'
3 non-polymer 'ZINC ION'
4 water water
#
loop_
_entity_poly.entity_id
_entity_poly.type
_entity_poly.pdbx_seq_one_letter_code
_entity_poly.pdbx_strand_id
1 'polypeptide(L)'
;MTWPVKDFNYSDPVNDNDILYLRIPQNKLITTPVKAFMITQNIWVIPERFSSDTNPSLSKPPRPTSKYQSYYDPSYLSTD
EQKDTFLKGIIKLFKRINERDIGKKLINYLVVGSPFMGDSSTPEDTFDFTRHTTNIAVEKFENGSWKVTNIITPSVLIFG
PLPNILDYTASLTLQGQQSNPSFEGFGTLSILKVAPEFLLTFSDVTSNQSSAVLGKSIFCMDPVIALMHELTHSLHQLYG
INIPSDKRIRPQVSEGFFSQDGPNVQFEELYTFGGLDVEIIPQIERSQLREKALGHYKDIAKRLNNINKTIPSSWISNID
KYKKIFSEKYNFDKDNTGNFVVNIDKFNSLYSDLTNVMSEVVYSSQYNVKNRTHYFSRHYLPVFANILDDNIYTIRDGFN
LTNKGFNIENSGQNIERNPALQKLSSESVVDLFTKVCVDGIITSKTKSLIEGR
;
A,C
2 'polypeptide(L)'
;HVDAIFTQSYRKVLAQLSARKLLQDILNRQQGERNQEQGALAGGGGSGGGGSGGGGSALVLQCIKVKNNRLPYVADKDSI
SQEIFENKIITDETNVQNYSDKFSLDESILDGQVPINPEIVDPLLPNVNMEPLNLPGEEIVFYDDITKYVDYLNSYYYLE
SQKLSNNVENITLTTSVEEALGYSNKIYTFLPSLAEKVNKGVQAGLFLNWANEVVEDFTTNIMKKDTLDKISDVSVIIPY
IGPALNIGNSALRGNFNQAFATAGVAFLLEGFPEFTIPALGVFTFYSSIQEREKIIKTIENCLEQRVKRWKDSYQWMVSN
WLSRITTQFNHINYQMYDSLSYQADAIKAKIDLEYKKYSGSDKENIKSQVENLKNSLDVKISEAMNNINKFIRECSVTYL
FKNMLPKVIDELNKFDLRTKTELINLIDSHNIILVGEVDRLKAKVNESFENTMPFNIFSYTNNSLLKDIINEYF
;
B,D
#
loop_
_chem_comp.id
_chem_comp.type
_chem_comp.name
_chem_comp.formula
ZN non-polymer 'ZINC ION' 'Zn 2'
#
# COMPACT_ATOMS: atom_id res chain seq x y z
N THR A 2 -4.19 8.49 -50.55
CA THR A 2 -4.47 7.16 -49.93
C THR A 2 -3.45 6.12 -50.39
N TRP A 3 -2.70 5.55 -49.44
CA TRP A 3 -1.85 4.39 -49.70
C TRP A 3 -2.71 3.14 -49.60
N PRO A 4 -2.62 2.23 -50.60
CA PRO A 4 -3.57 1.12 -50.67
C PRO A 4 -3.28 0.02 -49.65
N VAL A 5 -4.33 -0.48 -48.99
CA VAL A 5 -4.22 -1.55 -48.01
C VAL A 5 -4.46 -2.88 -48.73
N LYS A 6 -3.41 -3.69 -48.87
CA LYS A 6 -3.50 -4.97 -49.56
C LYS A 6 -4.16 -6.03 -48.69
N ASP A 7 -5.00 -6.85 -49.32
CA ASP A 7 -5.68 -7.96 -48.63
C ASP A 7 -4.77 -9.18 -48.59
N PHE A 8 -4.90 -9.98 -47.53
CA PHE A 8 -4.06 -11.16 -47.31
C PHE A 8 -4.81 -12.27 -46.58
N ASN A 9 -4.26 -13.48 -46.71
CA ASN A 9 -4.59 -14.62 -45.85
C ASN A 9 -3.28 -15.19 -45.31
N TYR A 10 -3.35 -15.87 -44.16
CA TYR A 10 -2.18 -16.55 -43.61
C TYR A 10 -1.85 -17.81 -44.42
N SER A 11 -2.86 -18.37 -45.11
CA SER A 11 -2.67 -19.49 -46.03
C SER A 11 -1.83 -19.17 -47.27
N ASP A 12 -1.76 -17.89 -47.66
CA ASP A 12 -1.02 -17.46 -48.85
C ASP A 12 0.48 -17.73 -48.71
N PRO A 13 1.12 -18.27 -49.77
CA PRO A 13 2.53 -18.67 -49.65
C PRO A 13 3.51 -17.50 -49.79
N VAL A 14 4.77 -17.77 -49.52
CA VAL A 14 5.84 -16.78 -49.65
C VAL A 14 6.10 -16.52 -51.14
N ASN A 15 5.93 -15.27 -51.55
CA ASN A 15 6.06 -14.87 -52.96
C ASN A 15 7.34 -14.06 -53.28
N ASP A 16 8.21 -13.87 -52.29
CA ASP A 16 9.45 -13.10 -52.42
C ASP A 16 9.22 -11.66 -52.90
N ASN A 17 8.20 -11.02 -52.33
CA ASN A 17 7.85 -9.64 -52.66
C ASN A 17 7.23 -8.95 -51.43
N ASP A 18 5.97 -9.28 -51.12
CA ASP A 18 5.26 -8.70 -49.95
C ASP A 18 5.09 -9.69 -48.79
N ILE A 19 5.06 -11.00 -49.09
CA ILE A 19 5.10 -12.05 -48.07
C ILE A 19 6.53 -12.59 -48.01
N LEU A 20 7.11 -12.59 -46.80
CA LEU A 20 8.50 -13.03 -46.56
C LEU A 20 8.62 -13.70 -45.19
N TYR A 21 9.82 -14.23 -44.91
CA TYR A 21 10.20 -14.69 -43.58
C TYR A 21 11.31 -13.78 -43.05
N LEU A 22 11.10 -13.22 -41.85
CA LEU A 22 12.01 -12.20 -41.27
C LEU A 22 12.68 -12.68 -39.98
N ARG A 23 13.97 -12.36 -39.84
CA ARG A 23 14.73 -12.58 -38.60
C ARG A 23 14.61 -11.32 -37.74
N ILE A 24 14.02 -11.46 -36.55
CA ILE A 24 13.81 -10.35 -35.61
C ILE A 24 14.56 -10.67 -34.30
N PRO A 25 15.78 -10.13 -34.12
CA PRO A 25 16.51 -10.29 -32.85
C PRO A 25 15.86 -9.61 -31.63
N GLN A 26 14.98 -8.65 -31.87
CA GLN A 26 14.32 -7.91 -30.78
C GLN A 26 13.32 -8.78 -29.99
N ASN A 27 12.73 -9.78 -30.65
CA ASN A 27 11.82 -10.73 -30.01
C ASN A 27 12.59 -11.90 -29.41
N LYS A 28 12.55 -12.00 -28.08
CA LYS A 28 13.21 -13.10 -27.35
C LYS A 28 12.36 -14.38 -27.34
N LEU A 29 11.03 -14.23 -27.31
CA LEU A 29 10.10 -15.36 -27.27
C LEU A 29 10.28 -16.33 -28.43
N ILE A 30 10.44 -15.77 -29.64
CA ILE A 30 10.59 -16.55 -30.86
C ILE A 30 11.98 -16.33 -31.44
N THR A 31 12.86 -17.32 -31.25
CA THR A 31 14.24 -17.28 -31.75
C THR A 31 14.33 -17.49 -33.26
N THR A 32 13.45 -18.33 -33.81
CA THR A 32 13.44 -18.63 -35.24
C THR A 32 12.90 -17.45 -36.07
N PRO A 33 13.08 -17.47 -37.40
CA PRO A 33 12.42 -16.47 -38.25
C PRO A 33 10.89 -16.62 -38.28
N VAL A 34 10.21 -15.51 -38.56
CA VAL A 34 8.74 -15.43 -38.46
C VAL A 34 8.14 -14.92 -39.75
N LYS A 35 6.95 -15.43 -40.09
CA LYS A 35 6.27 -15.07 -41.35
C LYS A 35 5.69 -13.66 -41.24
N ALA A 36 5.99 -12.84 -42.24
CA ALA A 36 5.58 -11.43 -42.28
C ALA A 36 4.85 -11.08 -43.57
N PHE A 37 4.00 -10.06 -43.50
CA PHE A 37 3.20 -9.58 -44.63
C PHE A 37 3.33 -8.07 -44.71
N MET A 38 3.34 -7.51 -45.92
CA MET A 38 3.38 -6.06 -46.12
C MET A 38 2.02 -5.54 -46.58
N ILE A 39 1.22 -5.06 -45.63
CA ILE A 39 -0.12 -4.51 -45.91
C ILE A 39 -0.09 -3.22 -46.75
N THR A 40 0.96 -2.42 -46.54
CA THR A 40 1.24 -1.26 -47.40
C THR A 40 2.73 -0.89 -47.32
N GLN A 41 3.18 -0.04 -48.24
CA GLN A 41 4.61 0.28 -48.40
C GLN A 41 5.32 0.55 -47.07
N ASN A 42 6.26 -0.32 -46.72
CA ASN A 42 7.07 -0.21 -45.49
C ASN A 42 6.31 -0.34 -44.17
N ILE A 43 5.11 -0.94 -44.20
CA ILE A 43 4.32 -1.19 -43.00
C ILE A 43 3.93 -2.67 -42.98
N TRP A 44 4.61 -3.44 -42.15
CA TRP A 44 4.52 -4.90 -42.15
C TRP A 44 3.78 -5.44 -40.93
N VAL A 45 2.97 -6.48 -41.15
CA VAL A 45 2.29 -7.21 -40.08
C VAL A 45 2.99 -8.55 -39.88
N ILE A 46 3.23 -8.91 -38.61
CA ILE A 46 3.86 -10.17 -38.23
C ILE A 46 2.96 -10.82 -37.16
N PRO A 47 2.01 -11.70 -37.57
CA PRO A 47 1.08 -12.32 -36.61
C PRO A 47 1.73 -13.29 -35.60
N GLU A 48 2.47 -12.73 -34.64
CA GLU A 48 3.23 -13.51 -33.65
C GLU A 48 3.20 -12.78 -32.30
N ARG A 49 3.29 -13.55 -31.21
CA ARG A 49 3.41 -12.97 -29.87
C ARG A 49 4.84 -12.46 -29.66
N PHE A 50 5.00 -11.54 -28.71
CA PHE A 50 6.25 -10.80 -28.51
C PHE A 50 6.67 -10.79 -27.04
N SER A 51 7.97 -10.72 -26.80
CA SER A 51 8.52 -10.54 -25.44
C SER A 51 9.98 -10.11 -25.50
N SER A 52 10.32 -9.07 -24.74
CA SER A 52 11.70 -8.56 -24.65
C SER A 52 12.48 -9.13 -23.47
N ASP A 53 11.80 -9.81 -22.54
CA ASP A 53 12.41 -10.30 -21.31
C ASP A 53 13.28 -11.53 -21.55
N THR A 54 14.37 -11.64 -20.79
CA THR A 54 15.12 -12.88 -20.67
C THR A 54 14.31 -13.84 -19.79
N ASN A 55 14.29 -15.11 -20.16
CA ASN A 55 13.35 -16.11 -19.61
C ASN A 55 11.88 -15.68 -19.75
N PRO A 56 11.42 -15.45 -20.99
CA PRO A 56 10.06 -14.99 -21.23
C PRO A 56 9.03 -16.12 -21.16
N SER A 57 7.77 -15.76 -20.94
CA SER A 57 6.69 -16.74 -20.85
C SER A 57 5.33 -16.10 -21.07
N LEU A 58 4.50 -16.74 -21.88
CA LEU A 58 3.12 -16.29 -22.14
C LEU A 58 2.16 -16.62 -21.00
N SER A 59 2.55 -17.57 -20.14
CA SER A 59 1.74 -17.98 -18.99
C SER A 59 1.60 -16.88 -17.93
N LYS A 60 0.56 -17.02 -17.10
CA LYS A 60 0.25 -16.06 -16.05
C LYS A 60 1.29 -16.16 -14.92
N PRO A 61 1.88 -15.02 -14.50
CA PRO A 61 2.84 -15.04 -13.40
C PRO A 61 2.16 -15.20 -12.03
N PRO A 62 2.95 -15.46 -10.96
CA PRO A 62 2.37 -15.58 -9.62
C PRO A 62 1.81 -14.28 -9.07
N ARG A 63 2.60 -13.21 -9.12
CA ARG A 63 2.18 -11.87 -8.72
C ARG A 63 2.12 -10.94 -9.95
N PRO A 64 1.44 -9.78 -9.84
CA PRO A 64 1.32 -8.90 -11.01
C PRO A 64 2.64 -8.24 -11.44
N THR A 65 2.96 -8.32 -12.73
CA THR A 65 4.20 -7.75 -13.27
C THR A 65 4.08 -6.27 -13.64
N SER A 66 2.85 -5.74 -13.72
CA SER A 66 2.61 -4.33 -14.04
C SER A 66 1.56 -3.69 -13.13
N LYS A 67 1.54 -2.36 -13.14
CA LYS A 67 0.56 -1.58 -12.38
C LYS A 67 -0.79 -1.51 -13.11
N TYR A 68 -0.80 -1.82 -14.40
CA TYR A 68 -2.01 -1.76 -15.23
C TYR A 68 -2.92 -2.94 -14.94
N GLN A 69 -4.14 -2.88 -15.48
CA GLN A 69 -5.06 -4.01 -15.45
C GLN A 69 -4.50 -5.04 -16.43
N SER A 70 -4.37 -6.29 -15.97
CA SER A 70 -3.61 -7.31 -16.68
C SER A 70 -4.43 -8.56 -17.00
N TYR A 71 -4.20 -9.13 -18.18
CA TYR A 71 -4.88 -10.35 -18.63
C TYR A 71 -3.91 -11.17 -19.50
N TYR A 72 -3.72 -12.44 -19.15
CA TYR A 72 -2.80 -13.34 -19.86
C TYR A 72 -3.57 -14.46 -20.55
N ASP A 73 -3.00 -14.96 -21.65
CA ASP A 73 -3.55 -16.11 -22.37
C ASP A 73 -2.46 -16.70 -23.29
N PRO A 74 -1.91 -17.88 -22.94
CA PRO A 74 -0.99 -18.58 -23.85
C PRO A 74 -1.61 -19.04 -25.17
N SER A 75 -2.91 -19.32 -25.17
CA SER A 75 -3.62 -19.78 -26.37
C SER A 75 -3.69 -18.77 -27.50
N TYR A 76 -3.68 -17.48 -27.18
CA TYR A 76 -3.87 -16.41 -28.17
C TYR A 76 -2.70 -16.30 -29.15
N LEU A 77 -3.01 -16.36 -30.44
CA LEU A 77 -2.05 -16.15 -31.54
C LEU A 77 -0.95 -17.22 -31.58
N SER A 78 -1.38 -18.48 -31.56
CA SER A 78 -0.49 -19.64 -31.71
C SER A 78 -0.85 -20.46 -32.96
N THR A 79 -2.14 -20.82 -33.09
CA THR A 79 -2.65 -21.53 -34.26
C THR A 79 -2.77 -20.60 -35.47
N ASP A 80 -2.82 -21.19 -36.66
CA ASP A 80 -2.88 -20.43 -37.92
C ASP A 80 -4.24 -19.76 -38.17
N GLU A 81 -5.31 -20.32 -37.62
CA GLU A 81 -6.65 -19.72 -37.71
C GLU A 81 -6.74 -18.38 -36.97
N GLN A 82 -6.11 -18.31 -35.79
CA GLN A 82 -6.04 -17.08 -34.99
C GLN A 82 -5.14 -16.01 -35.63
N LYS A 83 -4.03 -16.44 -36.23
CA LYS A 83 -3.15 -15.53 -36.99
C LYS A 83 -3.82 -14.98 -38.24
N ASP A 84 -4.67 -15.79 -38.88
CA ASP A 84 -5.49 -15.36 -40.01
C ASP A 84 -6.54 -14.31 -39.58
N THR A 85 -7.11 -14.50 -38.40
CA THR A 85 -8.03 -13.53 -37.81
C THR A 85 -7.32 -12.22 -37.44
N PHE A 86 -6.15 -12.34 -36.81
CA PHE A 86 -5.31 -11.19 -36.44
C PHE A 86 -4.85 -10.37 -37.64
N LEU A 87 -4.49 -11.04 -38.73
CA LEU A 87 -4.01 -10.39 -39.95
C LEU A 87 -5.11 -9.57 -40.63
N LYS A 88 -6.29 -10.18 -40.80
CA LYS A 88 -7.46 -9.48 -41.35
C LYS A 88 -7.93 -8.33 -40.46
N GLY A 89 -7.74 -8.47 -39.14
CA GLY A 89 -8.13 -7.45 -38.17
C GLY A 89 -7.43 -6.14 -38.37
N ILE A 90 -6.10 -6.18 -38.44
CA ILE A 90 -5.28 -4.98 -38.66
C ILE A 90 -5.47 -4.43 -40.08
N ILE A 91 -5.55 -5.33 -41.06
CA ILE A 91 -5.89 -4.95 -42.45
C ILE A 91 -7.23 -4.20 -42.51
N LYS A 92 -8.22 -4.65 -41.73
CA LYS A 92 -9.51 -3.96 -41.63
C LYS A 92 -9.39 -2.60 -40.95
N LEU A 93 -8.58 -2.52 -39.88
CA LEU A 93 -8.34 -1.25 -39.18
C LEU A 93 -7.61 -0.22 -40.06
N PHE A 94 -6.59 -0.68 -40.79
CA PHE A 94 -5.87 0.18 -41.74
C PHE A 94 -6.77 0.75 -42.85
N LYS A 95 -7.79 0.00 -43.25
CA LYS A 95 -8.82 0.52 -44.16
C LYS A 95 -9.67 1.61 -43.49
N ARG A 96 -10.03 1.38 -42.23
CA ARG A 96 -10.80 2.36 -41.44
C ARG A 96 -10.01 3.65 -41.15
N ILE A 97 -8.68 3.56 -41.06
CA ILE A 97 -7.82 4.76 -40.90
C ILE A 97 -7.94 5.64 -42.15
N ASN A 98 -7.90 5.04 -43.33
CA ASN A 98 -8.05 5.77 -44.60
C ASN A 98 -9.47 6.31 -44.90
N GLU A 99 -10.42 6.14 -43.96
CA GLU A 99 -11.76 6.69 -44.12
C GLU A 99 -11.78 8.21 -43.94
N ARG A 100 -11.07 8.70 -42.92
CA ARG A 100 -10.89 10.15 -42.72
C ARG A 100 -9.58 10.64 -43.35
N ASP A 101 -9.45 11.96 -43.46
CA ASP A 101 -8.28 12.58 -44.10
C ASP A 101 -7.02 12.55 -43.24
N ILE A 102 -7.17 12.79 -41.94
CA ILE A 102 -6.03 12.77 -41.00
C ILE A 102 -5.33 11.41 -40.93
N GLY A 103 -6.08 10.33 -41.12
CA GLY A 103 -5.52 8.98 -41.18
C GLY A 103 -4.71 8.71 -42.44
N LYS A 104 -5.17 9.23 -43.58
CA LYS A 104 -4.43 9.16 -44.85
C LYS A 104 -3.10 9.90 -44.70
N LYS A 105 -3.15 11.07 -44.07
CA LYS A 105 -1.97 11.87 -43.77
C LYS A 105 -1.02 11.18 -42.78
N LEU A 106 -1.59 10.54 -41.75
CA LEU A 106 -0.81 9.78 -40.76
C LEU A 106 -0.04 8.63 -41.40
N ILE A 107 -0.72 7.82 -42.20
CA ILE A 107 -0.09 6.68 -42.89
C ILE A 107 1.01 7.18 -43.84
N ASN A 108 0.72 8.26 -44.58
CA ASN A 108 1.69 8.85 -45.50
C ASN A 108 3.02 9.22 -44.83
N TYR A 109 2.93 9.83 -43.65
CA TYR A 109 4.14 10.15 -42.86
C TYR A 109 4.95 8.89 -42.54
N LEU A 110 4.26 7.82 -42.13
CA LEU A 110 4.91 6.55 -41.79
C LEU A 110 5.58 5.88 -43.00
N VAL A 111 4.91 5.94 -44.16
CA VAL A 111 5.44 5.32 -45.38
C VAL A 111 6.72 6.00 -45.84
N VAL A 112 6.65 7.33 -46.02
CA VAL A 112 7.79 8.10 -46.54
C VAL A 112 8.92 8.29 -45.53
N GLY A 113 8.57 8.44 -44.25
CA GLY A 113 9.56 8.71 -43.20
C GLY A 113 10.34 7.50 -42.74
N SER A 114 11.25 7.02 -43.58
CA SER A 114 12.12 5.88 -43.24
C SER A 114 13.23 6.36 -42.32
N PRO A 115 13.82 5.45 -41.50
CA PRO A 115 14.88 5.90 -40.59
C PRO A 115 16.19 6.20 -41.32
N PHE A 116 16.93 7.20 -40.84
CA PHE A 116 18.17 7.64 -41.49
C PHE A 116 19.25 6.57 -41.36
N MET A 117 19.99 6.36 -42.46
CA MET A 117 21.06 5.36 -42.50
C MET A 117 22.31 5.92 -41.83
N GLY A 118 22.31 5.94 -40.50
CA GLY A 118 23.39 6.52 -39.71
C GLY A 118 22.95 6.96 -38.33
N ASP A 119 23.90 7.45 -37.54
CA ASP A 119 23.65 7.90 -36.17
C ASP A 119 24.77 8.85 -35.71
N SER A 120 24.83 9.17 -34.41
CA SER A 120 25.91 9.99 -33.84
C SER A 120 27.31 9.36 -33.99
N SER A 121 27.38 8.04 -33.93
CA SER A 121 28.64 7.30 -34.11
C SER A 121 29.21 7.43 -35.53
N THR A 122 28.34 7.37 -36.54
CA THR A 122 28.74 7.53 -37.94
C THR A 122 29.24 8.96 -38.19
N PRO A 123 30.35 9.12 -38.93
CA PRO A 123 30.82 10.48 -39.26
C PRO A 123 29.94 11.18 -40.30
N GLU A 124 30.19 12.46 -40.52
CA GLU A 124 29.36 13.30 -41.39
C GLU A 124 29.30 12.84 -42.86
N ASP A 125 30.39 12.26 -43.35
CA ASP A 125 30.54 11.94 -44.78
C ASP A 125 30.17 10.50 -45.18
N THR A 126 29.33 9.83 -44.38
CA THR A 126 29.04 8.40 -44.58
C THR A 126 27.55 8.05 -44.35
N PHE A 127 27.03 7.16 -45.18
CA PHE A 127 25.78 6.44 -44.92
C PHE A 127 26.15 5.06 -44.37
N ASP A 128 25.56 4.68 -43.22
CA ASP A 128 25.73 3.34 -42.65
C ASP A 128 24.49 2.51 -42.96
N PHE A 129 24.64 1.54 -43.89
CA PHE A 129 23.55 0.65 -44.30
C PHE A 129 23.55 -0.71 -43.59
N THR A 130 24.26 -0.83 -42.46
CA THR A 130 24.48 -2.13 -41.80
C THR A 130 24.02 -2.15 -40.34
N ARG A 131 22.95 -1.41 -40.03
CA ARG A 131 22.46 -1.24 -38.66
C ARG A 131 21.04 -1.80 -38.49
N HIS A 132 20.75 -2.33 -37.30
CA HIS A 132 19.45 -2.96 -37.00
C HIS A 132 18.28 -1.99 -36.82
N THR A 133 18.57 -0.72 -36.56
CA THR A 133 17.53 0.32 -36.45
C THR A 133 16.88 0.66 -37.80
N THR A 134 17.60 0.41 -38.90
CA THR A 134 17.09 0.57 -40.27
C THR A 134 16.74 -0.76 -40.93
N ASN A 135 17.63 -1.75 -40.81
CA ASN A 135 17.51 -3.02 -41.54
C ASN A 135 16.89 -4.17 -40.74
N ILE A 136 16.19 -5.05 -41.46
CA ILE A 136 15.72 -6.33 -40.94
C ILE A 136 16.08 -7.40 -41.98
N ALA A 137 16.56 -8.56 -41.51
CA ALA A 137 17.07 -9.61 -42.39
C ALA A 137 15.97 -10.55 -42.88
N VAL A 138 15.92 -10.75 -44.21
CA VAL A 138 15.03 -11.72 -44.86
C VAL A 138 15.79 -13.04 -45.02
N GLU A 139 15.09 -14.16 -44.87
CA GLU A 139 15.73 -15.49 -44.85
C GLU A 139 14.91 -16.59 -45.55
N LYS A 140 15.59 -17.38 -46.39
CA LYS A 140 15.05 -18.64 -46.92
C LYS A 140 15.27 -19.76 -45.92
N PHE A 141 14.59 -20.89 -46.15
CA PHE A 141 14.82 -22.14 -45.41
C PHE A 141 15.49 -23.15 -46.36
N GLU A 142 16.78 -22.93 -46.62
CA GLU A 142 17.54 -23.75 -47.58
C GLU A 142 18.14 -25.00 -46.93
N ASN A 143 17.58 -26.16 -47.29
CA ASN A 143 18.09 -27.48 -46.88
C ASN A 143 18.22 -27.66 -45.37
N GLY A 144 17.07 -27.63 -44.69
CA GLY A 144 17.00 -27.86 -43.23
C GLY A 144 17.69 -26.83 -42.36
N SER A 145 17.81 -25.59 -42.85
CA SER A 145 18.48 -24.52 -42.11
C SER A 145 18.14 -23.14 -42.69
N TRP A 146 18.17 -22.12 -41.83
CA TRP A 146 17.79 -20.76 -42.22
C TRP A 146 19.01 -19.93 -42.64
N LYS A 147 19.07 -19.60 -43.93
CA LYS A 147 20.16 -18.80 -44.52
C LYS A 147 19.67 -17.37 -44.77
N VAL A 148 20.60 -16.40 -44.70
CA VAL A 148 20.28 -14.99 -44.91
C VAL A 148 20.32 -14.68 -46.40
N THR A 149 19.18 -14.24 -46.94
CA THR A 149 19.00 -14.04 -48.39
C THR A 149 19.04 -12.56 -48.78
N ASN A 150 18.12 -11.78 -48.21
CA ASN A 150 17.93 -10.37 -48.55
C ASN A 150 17.68 -9.53 -47.29
N ILE A 151 17.43 -8.24 -47.46
CA ILE A 151 16.98 -7.36 -46.37
C ILE A 151 15.78 -6.51 -46.80
N ILE A 152 15.16 -5.87 -45.81
CA ILE A 152 14.11 -4.88 -46.04
C ILE A 152 14.41 -3.63 -45.20
N THR A 153 13.79 -2.52 -45.57
CA THR A 153 13.93 -1.24 -44.86
C THR A 153 12.55 -0.76 -44.40
N PRO A 154 11.97 -1.44 -43.40
CA PRO A 154 10.61 -1.13 -42.97
C PRO A 154 10.54 0.09 -42.05
N SER A 155 9.35 0.66 -41.93
CA SER A 155 9.06 1.78 -41.04
C SER A 155 8.40 1.27 -39.76
N VAL A 156 7.32 0.51 -39.91
CA VAL A 156 6.57 -0.05 -38.77
C VAL A 156 6.45 -1.57 -38.94
N LEU A 157 6.85 -2.30 -37.91
CA LEU A 157 6.57 -3.73 -37.79
C LEU A 157 5.47 -3.90 -36.75
N ILE A 158 4.36 -4.52 -37.14
CA ILE A 158 3.19 -4.67 -36.26
C ILE A 158 3.10 -6.12 -35.77
N PHE A 159 3.68 -6.37 -34.59
CA PHE A 159 3.59 -7.68 -33.92
C PHE A 159 2.28 -7.84 -33.17
N GLY A 160 2.07 -9.05 -32.63
CA GLY A 160 1.00 -9.33 -31.69
C GLY A 160 1.34 -8.86 -30.29
N PRO A 161 0.47 -9.16 -29.30
CA PRO A 161 0.64 -8.63 -27.96
C PRO A 161 1.75 -9.30 -27.13
N LEU A 162 2.05 -8.70 -25.99
CA LEU A 162 2.98 -9.27 -25.01
C LEU A 162 2.27 -10.39 -24.22
N PRO A 163 2.98 -11.04 -23.27
CA PRO A 163 2.30 -11.90 -22.29
C PRO A 163 1.05 -11.26 -21.70
N ASN A 164 1.16 -10.02 -21.22
CA ASN A 164 0.01 -9.20 -20.87
C ASN A 164 -0.58 -8.63 -22.16
N ILE A 165 -1.80 -9.06 -22.49
CA ILE A 165 -2.47 -8.63 -23.72
C ILE A 165 -2.95 -7.18 -23.64
N LEU A 166 -3.23 -6.70 -22.42
CA LEU A 166 -3.72 -5.34 -22.19
C LEU A 166 -2.61 -4.27 -22.06
N ASP A 167 -1.35 -4.66 -22.24
CA ASP A 167 -0.22 -3.72 -22.14
C ASP A 167 -0.20 -2.78 -23.35
N TYR A 168 -0.48 -1.50 -23.11
CA TYR A 168 -0.45 -0.46 -24.14
C TYR A 168 0.90 0.26 -24.23
N THR A 169 1.67 0.25 -23.13
CA THR A 169 3.02 0.83 -23.09
C THR A 169 4.11 0.00 -23.79
N ALA A 170 3.77 -1.18 -24.31
CA ALA A 170 4.72 -2.08 -25.00
C ALA A 170 5.45 -1.42 -26.18
N SER A 171 4.76 -0.56 -26.92
CA SER A 171 5.35 0.15 -28.06
C SER A 171 6.43 1.16 -27.66
N LEU A 172 6.29 1.76 -26.48
CA LEU A 172 7.32 2.66 -25.93
C LEU A 172 8.63 1.98 -25.50
N THR A 173 8.59 0.66 -25.31
CA THR A 173 9.77 -0.11 -24.90
C THR A 173 10.89 -0.07 -25.96
N LEU A 174 11.97 0.64 -25.64
CA LEU A 174 13.18 0.67 -26.45
C LEU A 174 14.41 0.56 -25.55
N GLN A 175 15.49 -0.02 -26.08
CA GLN A 175 16.63 -0.49 -25.29
C GLN A 175 17.87 0.41 -25.34
N GLY A 176 17.68 1.73 -25.27
CA GLY A 176 18.80 2.68 -25.16
C GLY A 176 19.62 2.87 -26.41
N GLN A 177 20.36 1.83 -26.81
CA GLN A 177 21.13 1.83 -28.06
C GLN A 177 20.24 1.96 -29.30
N GLN A 178 19.08 1.31 -29.27
CA GLN A 178 18.03 1.52 -30.28
C GLN A 178 17.37 2.89 -30.16
N SER A 179 17.17 3.34 -28.92
CA SER A 179 16.48 4.60 -28.62
C SER A 179 17.21 5.87 -29.07
N ASN A 180 18.54 5.90 -28.95
CA ASN A 180 19.34 7.11 -29.24
C ASN A 180 19.08 7.77 -30.60
N PRO A 181 18.94 6.96 -31.68
CA PRO A 181 18.42 7.49 -32.94
C PRO A 181 17.05 8.17 -32.85
N SER A 182 16.11 7.58 -32.11
CA SER A 182 14.76 8.13 -31.98
C SER A 182 14.68 9.47 -31.22
N PHE A 183 15.72 9.80 -30.44
CA PHE A 183 15.81 11.12 -29.80
C PHE A 183 16.43 12.15 -30.75
N GLU A 184 17.52 11.75 -31.42
CA GLU A 184 18.42 12.69 -32.11
C GLU A 184 18.14 12.92 -33.61
N GLY A 185 16.88 12.82 -34.03
CA GLY A 185 16.48 13.18 -35.40
C GLY A 185 16.59 12.12 -36.46
N PHE A 186 17.50 11.15 -36.29
CA PHE A 186 17.75 10.11 -37.31
C PHE A 186 16.57 9.16 -37.44
N GLY A 187 16.02 8.76 -36.29
CA GLY A 187 14.86 7.88 -36.23
C GLY A 187 15.22 6.41 -36.26
N THR A 188 14.21 5.57 -36.07
CA THR A 188 14.36 4.12 -36.07
C THR A 188 13.06 3.44 -36.51
N LEU A 189 13.16 2.18 -36.94
CA LEU A 189 11.98 1.40 -37.31
C LEU A 189 11.18 1.08 -36.06
N SER A 190 9.86 1.25 -36.13
CA SER A 190 8.98 1.04 -35.00
C SER A 190 8.56 -0.42 -34.90
N ILE A 191 8.43 -0.91 -33.66
CA ILE A 191 8.03 -2.29 -33.39
C ILE A 191 6.81 -2.25 -32.47
N LEU A 192 5.62 -2.35 -33.05
CA LEU A 192 4.35 -2.28 -32.31
C LEU A 192 3.86 -3.65 -31.86
N LYS A 193 3.22 -3.69 -30.70
CA LYS A 193 2.67 -4.92 -30.12
C LYS A 193 1.20 -4.69 -29.77
N VAL A 194 0.31 -5.07 -30.70
CA VAL A 194 -1.11 -4.70 -30.65
C VAL A 194 -1.99 -5.95 -30.49
N ALA A 195 -3.16 -5.76 -29.86
CA ALA A 195 -4.22 -6.76 -29.79
C ALA A 195 -5.55 -6.09 -30.17
N PRO A 196 -5.95 -6.16 -31.46
CA PRO A 196 -7.16 -5.48 -31.94
C PRO A 196 -8.46 -5.88 -31.24
N GLU A 197 -8.68 -7.18 -31.05
CA GLU A 197 -9.92 -7.71 -30.48
C GLU A 197 -10.12 -7.30 -29.02
N PHE A 198 -9.03 -7.27 -28.26
CA PHE A 198 -9.06 -6.88 -26.84
C PHE A 198 -9.07 -5.36 -26.73
N LEU A 199 -10.00 -4.83 -25.94
CA LEU A 199 -10.25 -3.37 -25.87
C LEU A 199 -10.21 -2.88 -24.43
N LEU A 200 -9.62 -1.70 -24.23
CA LEU A 200 -9.72 -0.98 -22.96
C LEU A 200 -11.06 -0.27 -22.92
N THR A 201 -11.57 -0.01 -21.71
CA THR A 201 -12.90 0.58 -21.52
C THR A 201 -12.86 1.77 -20.57
N PHE A 202 -13.76 2.72 -20.80
CA PHE A 202 -13.85 3.97 -20.03
C PHE A 202 -15.32 4.38 -19.85
N SER A 203 -15.56 5.42 -19.06
CA SER A 203 -16.90 5.96 -18.87
C SER A 203 -16.92 7.49 -18.93
N ASP A 204 -18.10 8.05 -19.16
CA ASP A 204 -18.30 9.50 -19.28
C ASP A 204 -19.03 10.08 -18.05
N VAL A 205 -18.62 9.62 -16.87
CA VAL A 205 -19.20 10.04 -15.59
C VAL A 205 -18.71 11.44 -15.23
N THR A 206 -17.42 11.69 -15.44
CA THR A 206 -16.82 13.00 -15.18
C THR A 206 -17.25 14.05 -16.21
N SER A 207 -17.23 13.67 -17.49
CA SER A 207 -17.59 14.57 -18.58
C SER A 207 -19.10 14.81 -18.65
N ASN A 208 -19.51 16.07 -18.50
CA ASN A 208 -20.93 16.46 -18.63
C ASN A 208 -21.48 16.34 -20.06
N GLN A 209 -20.60 16.34 -21.07
CA GLN A 209 -20.96 15.93 -22.43
C GLN A 209 -21.30 14.44 -22.45
N SER A 210 -22.57 14.15 -22.15
CA SER A 210 -23.06 12.78 -22.02
C SER A 210 -24.53 12.67 -22.43
N SER A 211 -24.99 11.43 -22.58
CA SER A 211 -26.36 11.16 -23.02
C SER A 211 -27.37 11.46 -21.91
N ALA A 212 -28.09 12.56 -22.06
CA ALA A 212 -29.23 12.89 -21.19
C ALA A 212 -30.44 11.97 -21.46
N VAL A 213 -30.52 11.42 -22.67
CA VAL A 213 -31.58 10.49 -23.05
C VAL A 213 -31.42 9.15 -22.33
N LEU A 214 -30.22 8.57 -22.42
CA LEU A 214 -29.96 7.21 -21.93
C LEU A 214 -29.35 7.22 -20.52
N GLY A 215 -28.26 7.96 -20.38
CA GLY A 215 -27.54 8.08 -19.11
C GLY A 215 -26.03 7.95 -19.28
N LYS A 216 -25.34 7.73 -18.17
CA LYS A 216 -23.89 7.55 -18.17
C LYS A 216 -23.55 6.14 -18.62
N SER A 217 -22.77 6.03 -19.69
CA SER A 217 -22.42 4.73 -20.29
C SER A 217 -20.97 4.34 -19.99
N ILE A 218 -20.74 3.04 -19.83
CA ILE A 218 -19.40 2.47 -19.80
C ILE A 218 -19.13 2.02 -21.24
N PHE A 219 -18.16 2.66 -21.90
CA PHE A 219 -17.86 2.44 -23.32
C PHE A 219 -16.45 1.89 -23.53
N CYS A 220 -16.20 1.43 -24.75
CA CYS A 220 -14.89 0.90 -25.16
C CYS A 220 -14.18 1.86 -26.11
N MET A 221 -12.84 1.80 -26.13
CA MET A 221 -12.05 2.49 -27.15
C MET A 221 -12.27 1.82 -28.50
N ASP A 222 -12.49 2.61 -29.54
CA ASP A 222 -12.61 2.08 -30.90
C ASP A 222 -11.23 1.59 -31.31
N PRO A 223 -11.09 0.33 -31.74
CA PRO A 223 -9.76 -0.24 -31.99
C PRO A 223 -8.92 0.48 -33.06
N VAL A 224 -9.57 1.24 -33.95
CA VAL A 224 -8.84 2.12 -34.88
C VAL A 224 -8.11 3.25 -34.14
N ILE A 225 -8.75 3.83 -33.12
CA ILE A 225 -8.15 4.91 -32.32
C ILE A 225 -7.00 4.34 -31.49
N ALA A 226 -7.22 3.16 -30.91
CA ALA A 226 -6.19 2.44 -30.17
C ALA A 226 -4.97 2.12 -31.04
N LEU A 227 -5.21 1.73 -32.29
CA LEU A 227 -4.12 1.46 -33.25
C LEU A 227 -3.42 2.75 -33.65
N MET A 228 -4.21 3.76 -34.02
CA MET A 228 -3.68 5.09 -34.38
C MET A 228 -2.89 5.75 -33.26
N HIS A 229 -3.30 5.49 -32.02
CA HIS A 229 -2.54 5.90 -30.83
C HIS A 229 -1.14 5.29 -30.84
N GLU A 230 -1.07 3.98 -31.06
CA GLU A 230 0.22 3.27 -31.14
C GLU A 230 1.06 3.72 -32.34
N LEU A 231 0.40 3.98 -33.47
CA LEU A 231 1.07 4.45 -34.69
C LEU A 231 1.69 5.85 -34.56
N THR A 232 1.18 6.67 -33.63
CA THR A 232 1.75 7.99 -33.35
C THR A 232 3.10 7.89 -32.62
N HIS A 233 3.34 6.79 -31.90
CA HIS A 233 4.67 6.51 -31.33
C HIS A 233 5.65 6.08 -32.42
N SER A 234 5.16 5.27 -33.37
CA SER A 234 5.93 4.94 -34.57
C SER A 234 6.29 6.21 -35.34
N LEU A 235 5.32 7.11 -35.47
CA LEU A 235 5.52 8.42 -36.10
C LEU A 235 6.63 9.22 -35.40
N HIS A 236 6.61 9.25 -34.07
CA HIS A 236 7.66 9.93 -33.30
C HIS A 236 9.01 9.21 -33.35
N GLN A 237 8.98 7.87 -33.30
CA GLN A 237 10.18 7.05 -33.42
C GLN A 237 10.84 7.17 -34.79
N LEU A 238 10.03 7.26 -35.84
CA LEU A 238 10.53 7.33 -37.22
C LEU A 238 11.14 8.68 -37.58
N TYR A 239 10.50 9.77 -37.15
CA TYR A 239 10.99 11.13 -37.46
C TYR A 239 11.99 11.70 -36.45
N GLY A 240 12.37 10.89 -35.46
CA GLY A 240 13.44 11.26 -34.52
C GLY A 240 13.10 12.39 -33.57
N ILE A 241 11.83 12.50 -33.20
CA ILE A 241 11.35 13.48 -32.21
C ILE A 241 10.68 12.78 -31.03
N ASN A 242 11.04 11.51 -30.81
CA ASN A 242 10.53 10.74 -29.69
C ASN A 242 11.18 11.26 -28.41
N ILE A 243 10.36 11.68 -27.46
CA ILE A 243 10.85 12.15 -26.16
C ILE A 243 11.32 10.92 -25.38
N PRO A 244 12.50 11.00 -24.71
CA PRO A 244 13.00 9.84 -23.96
C PRO A 244 12.10 9.37 -22.81
N SER A 245 12.22 8.10 -22.45
CA SER A 245 11.52 7.53 -21.29
C SER A 245 12.06 8.04 -19.96
N ASP A 246 13.27 8.62 -19.97
CA ASP A 246 13.83 9.33 -18.81
C ASP A 246 12.94 10.51 -18.39
N LYS A 247 12.39 11.22 -19.37
CA LYS A 247 11.48 12.34 -19.11
C LYS A 247 10.08 11.78 -18.86
N ARG A 248 9.63 11.88 -17.61
CA ARG A 248 8.40 11.22 -17.18
C ARG A 248 7.77 11.86 -15.94
N ILE A 249 6.50 11.55 -15.71
CA ILE A 249 5.80 11.86 -14.47
C ILE A 249 5.85 10.59 -13.61
N ARG A 250 6.04 10.77 -12.30
CA ARG A 250 6.09 9.67 -11.34
C ARG A 250 4.92 9.82 -10.35
N PRO A 251 4.27 8.69 -9.99
CA PRO A 251 3.15 8.75 -9.06
C PRO A 251 3.59 8.89 -7.60
N GLN A 252 2.82 9.64 -6.82
CA GLN A 252 3.03 9.79 -5.39
C GLN A 252 2.05 8.91 -4.62
N VAL A 253 2.61 8.01 -3.81
CA VAL A 253 1.84 7.18 -2.88
C VAL A 253 2.37 7.52 -1.49
N SER A 254 1.47 7.98 -0.62
CA SER A 254 1.84 8.39 0.74
C SER A 254 0.67 8.14 1.70
N GLU A 255 0.99 7.73 2.93
CA GLU A 255 -0.04 7.53 3.96
C GLU A 255 -0.54 8.89 4.44
N GLY A 256 -1.86 9.01 4.55
CA GLY A 256 -2.53 10.28 4.84
C GLY A 256 -3.68 10.50 3.88
N PHE A 257 -3.41 10.32 2.59
CA PHE A 257 -4.41 10.44 1.54
C PHE A 257 -4.37 9.27 0.58
N PHE A 258 -5.50 8.99 -0.07
CA PHE A 258 -5.62 7.86 -1.00
C PHE A 258 -5.23 8.27 -2.42
N SER A 259 -4.46 7.41 -3.07
CA SER A 259 -4.02 7.63 -4.45
C SER A 259 -3.65 6.32 -5.14
N GLN A 260 -3.52 6.40 -6.46
CA GLN A 260 -3.18 5.25 -7.29
C GLN A 260 -1.69 4.94 -7.15
N ASP A 261 -1.38 3.66 -6.96
CA ASP A 261 0.00 3.17 -7.10
C ASP A 261 0.22 2.96 -8.59
N GLY A 262 0.39 4.07 -9.29
CA GLY A 262 0.31 4.08 -10.74
C GLY A 262 1.61 3.70 -11.42
N PRO A 263 1.59 3.67 -12.77
CA PRO A 263 2.81 3.54 -13.55
C PRO A 263 3.44 4.91 -13.76
N ASN A 264 4.64 4.93 -14.34
CA ASN A 264 5.25 6.17 -14.78
C ASN A 264 4.65 6.57 -16.13
N VAL A 265 3.98 7.71 -16.16
CA VAL A 265 3.41 8.25 -17.39
C VAL A 265 4.49 9.11 -18.06
N GLN A 266 5.02 8.61 -19.17
CA GLN A 266 6.10 9.29 -19.90
C GLN A 266 5.58 10.51 -20.66
N PHE A 267 6.50 11.39 -21.02
CA PHE A 267 6.18 12.62 -21.78
C PHE A 267 5.64 12.30 -23.17
N GLU A 268 6.19 11.27 -23.81
CA GLU A 268 5.68 10.73 -25.08
C GLU A 268 4.20 10.37 -25.03
N GLU A 269 3.79 9.74 -23.93
CA GLU A 269 2.41 9.29 -23.75
C GLU A 269 1.42 10.45 -23.65
N LEU A 270 1.86 11.55 -23.04
CA LEU A 270 1.05 12.78 -22.95
C LEU A 270 0.98 13.50 -24.30
N TYR A 271 2.09 13.54 -25.03
CA TYR A 271 2.14 14.08 -26.40
C TYR A 271 1.22 13.31 -27.36
N THR A 272 1.37 11.99 -27.39
CA THR A 272 0.58 11.13 -28.30
C THR A 272 -0.91 11.09 -27.97
N PHE A 273 -1.28 11.32 -26.71
CA PHE A 273 -2.68 11.47 -26.34
C PHE A 273 -3.19 12.85 -26.75
N GLY A 274 -2.44 13.88 -26.38
CA GLY A 274 -2.77 15.27 -26.75
C GLY A 274 -3.77 15.93 -25.83
N GLY A 275 -4.21 17.12 -26.23
CA GLY A 275 -5.21 17.87 -25.48
C GLY A 275 -4.65 18.58 -24.26
N LEU A 276 -5.52 18.83 -23.29
CA LEU A 276 -5.19 19.58 -22.08
C LEU A 276 -4.06 18.97 -21.24
N ASP A 277 -3.93 17.63 -21.28
CA ASP A 277 -2.90 16.93 -20.50
C ASP A 277 -1.46 17.13 -20.99
N VAL A 278 -1.29 17.68 -22.20
CA VAL A 278 0.03 18.10 -22.69
C VAL A 278 0.59 19.24 -21.82
N GLU A 279 -0.29 20.08 -21.27
CA GLU A 279 0.11 21.19 -20.40
C GLU A 279 0.65 20.75 -19.03
N ILE A 280 0.57 19.46 -18.71
CA ILE A 280 1.28 18.86 -17.56
C ILE A 280 2.80 19.05 -17.75
N ILE A 281 3.27 18.88 -18.99
CA ILE A 281 4.63 19.25 -19.37
C ILE A 281 4.60 20.77 -19.59
N PRO A 282 5.41 21.56 -18.83
CA PRO A 282 5.40 23.01 -19.06
C PRO A 282 6.03 23.43 -20.39
N GLN A 283 5.73 24.66 -20.83
CA GLN A 283 6.22 25.17 -22.12
C GLN A 283 7.75 25.31 -22.17
N ILE A 284 8.36 25.65 -21.04
CA ILE A 284 9.84 25.69 -20.93
C ILE A 284 10.50 24.35 -21.32
N GLU A 285 9.84 23.23 -21.02
CA GLU A 285 10.31 21.90 -21.43
C GLU A 285 9.89 21.56 -22.87
N ARG A 286 8.66 21.90 -23.24
CA ARG A 286 8.15 21.64 -24.61
C ARG A 286 8.86 22.47 -25.68
N SER A 287 9.28 23.69 -25.33
CA SER A 287 10.09 24.53 -26.21
C SER A 287 11.48 23.95 -26.42
N GLN A 288 12.10 23.49 -25.33
CA GLN A 288 13.43 22.85 -25.38
C GLN A 288 13.50 21.64 -26.32
N LEU A 289 12.42 20.84 -26.35
CA LEU A 289 12.33 19.69 -27.26
C LEU A 289 12.25 20.11 -28.74
N ARG A 290 11.57 21.22 -29.02
CA ARG A 290 11.51 21.78 -30.38
C ARG A 290 12.89 22.26 -30.83
N GLU A 291 13.57 23.01 -29.96
CA GLU A 291 14.90 23.55 -30.28
C GLU A 291 15.95 22.44 -30.46
N LYS A 292 15.81 21.37 -29.68
CA LYS A 292 16.68 20.20 -29.82
C LYS A 292 16.43 19.48 -31.14
N ALA A 293 15.15 19.23 -31.43
CA ALA A 293 14.73 18.60 -32.69
C ALA A 293 15.18 19.39 -33.92
N LEU A 294 15.07 20.72 -33.83
CA LEU A 294 15.55 21.63 -34.89
C LEU A 294 17.02 21.44 -35.17
N GLY A 295 17.83 21.49 -34.11
CA GLY A 295 19.29 21.32 -34.20
C GLY A 295 19.71 20.02 -34.85
N HIS A 296 19.03 18.93 -34.50
CA HIS A 296 19.26 17.61 -35.11
C HIS A 296 18.90 17.59 -36.59
N TYR A 297 17.78 18.21 -36.95
CA TYR A 297 17.35 18.34 -38.35
C TYR A 297 18.32 19.17 -39.19
N LYS A 298 18.90 20.22 -38.58
CA LYS A 298 19.93 21.03 -39.24
C LYS A 298 21.24 20.26 -39.46
N ASP A 299 21.65 19.48 -38.45
CA ASP A 299 22.86 18.65 -38.56
C ASP A 299 22.69 17.45 -39.51
N ILE A 300 21.47 16.94 -39.64
CA ILE A 300 21.15 15.88 -40.62
C ILE A 300 21.18 16.44 -42.05
N ALA A 301 20.77 17.68 -42.23
CA ALA A 301 20.86 18.35 -43.54
C ALA A 301 22.32 18.55 -43.96
N LYS A 302 23.16 18.98 -43.02
CA LYS A 302 24.59 19.16 -43.26
C LYS A 302 25.35 17.85 -43.48
N ARG A 303 24.83 16.74 -42.94
CA ARG A 303 25.34 15.40 -43.25
C ARG A 303 25.12 15.05 -44.73
N LEU A 304 23.92 15.31 -45.24
CA LEU A 304 23.59 15.06 -46.65
C LEU A 304 24.43 15.87 -47.64
N ASN A 305 24.92 17.04 -47.21
CA ASN A 305 25.79 17.88 -48.02
C ASN A 305 27.21 17.31 -48.20
N ASN A 306 27.72 16.62 -47.17
CA ASN A 306 29.11 16.15 -47.12
C ASN A 306 29.34 14.66 -47.41
N ILE A 307 28.29 13.91 -47.75
CA ILE A 307 28.42 12.44 -47.94
C ILE A 307 29.07 12.09 -49.28
N ASN A 308 29.98 11.11 -49.22
CA ASN A 308 30.69 10.57 -50.39
C ASN A 308 30.99 9.06 -50.31
N LYS A 309 31.45 8.58 -49.15
CA LYS A 309 31.65 7.14 -48.90
C LYS A 309 30.38 6.50 -48.34
N THR A 310 30.39 5.16 -48.30
CA THR A 310 29.28 4.36 -47.73
C THR A 310 29.78 3.11 -47.00
N ILE A 311 28.97 2.61 -46.07
CA ILE A 311 29.22 1.34 -45.36
C ILE A 311 27.99 0.44 -45.58
N PRO A 312 28.11 -0.70 -46.28
CA PRO A 312 29.36 -1.20 -46.86
C PRO A 312 29.84 -0.42 -48.09
N SER A 313 31.05 -0.73 -48.53
CA SER A 313 31.72 -0.01 -49.62
C SER A 313 31.04 -0.15 -50.99
N SER A 314 30.25 -1.21 -51.19
CA SER A 314 29.58 -1.48 -52.47
C SER A 314 28.26 -0.72 -52.70
N TRP A 315 27.92 0.22 -51.82
CA TRP A 315 26.66 0.99 -51.92
C TRP A 315 26.88 2.46 -52.32
N ILE A 316 27.99 2.75 -53.02
CA ILE A 316 28.32 4.13 -53.43
C ILE A 316 27.40 4.61 -54.55
N SER A 317 26.91 3.69 -55.38
CA SER A 317 25.94 4.01 -56.45
C SER A 317 24.58 4.50 -55.93
N ASN A 318 24.20 4.07 -54.72
CA ASN A 318 22.92 4.43 -54.11
C ASN A 318 22.93 5.69 -53.23
N ILE A 319 23.96 6.53 -53.34
CA ILE A 319 24.06 7.76 -52.53
C ILE A 319 22.97 8.77 -52.92
N ASP A 320 22.77 8.97 -54.22
CA ASP A 320 21.70 9.85 -54.73
C ASP A 320 20.29 9.34 -54.42
N LYS A 321 20.13 8.02 -54.30
CA LYS A 321 18.85 7.40 -53.95
C LYS A 321 18.39 7.82 -52.56
N TYR A 322 19.25 7.58 -51.56
CA TYR A 322 18.93 7.90 -50.17
C TYR A 322 18.98 9.40 -49.84
N LYS A 323 19.67 10.19 -50.67
CA LYS A 323 19.56 11.65 -50.60
C LYS A 323 18.15 12.13 -50.94
N LYS A 324 17.52 11.50 -51.94
CA LYS A 324 16.14 11.81 -52.32
C LYS A 324 15.11 11.34 -51.29
N ILE A 325 15.36 10.19 -50.66
CA ILE A 325 14.42 9.62 -49.67
C ILE A 325 14.34 10.49 -48.42
N PHE A 326 15.48 10.81 -47.83
CA PHE A 326 15.52 11.56 -46.56
C PHE A 326 15.34 13.07 -46.72
N SER A 327 15.59 13.61 -47.92
CA SER A 327 15.27 15.02 -48.22
C SER A 327 13.75 15.24 -48.24
N GLU A 328 13.01 14.31 -48.85
CA GLU A 328 11.54 14.34 -48.86
C GLU A 328 10.93 14.08 -47.48
N LYS A 329 11.59 13.25 -46.66
CA LYS A 329 11.13 12.96 -45.30
C LYS A 329 11.14 14.22 -44.44
N TYR A 330 12.33 14.78 -44.24
CA TYR A 330 12.51 15.96 -43.38
C TYR A 330 12.08 17.25 -44.07
N ASN A 331 11.93 17.21 -45.40
CA ASN A 331 11.39 18.31 -46.19
C ASN A 331 12.33 19.53 -46.19
N PHE A 332 13.59 19.29 -46.54
CA PHE A 332 14.60 20.34 -46.61
C PHE A 332 14.41 21.17 -47.87
N ASP A 333 14.96 22.38 -47.85
CA ASP A 333 14.96 23.29 -49.00
C ASP A 333 16.38 23.36 -49.55
N LYS A 334 16.58 24.11 -50.64
CA LYS A 334 17.90 24.26 -51.28
C LYS A 334 18.31 25.73 -51.38
N ASP A 335 19.48 26.05 -50.83
CA ASP A 335 20.00 27.43 -50.80
C ASP A 335 20.92 27.71 -52.01
N ASN A 336 21.35 28.97 -52.13
CA ASN A 336 22.11 29.46 -53.29
C ASN A 336 23.41 28.74 -53.70
N THR A 337 23.94 27.86 -52.84
CA THR A 337 25.08 27.02 -53.21
C THR A 337 24.65 25.76 -53.98
N GLY A 338 23.54 25.16 -53.57
CA GLY A 338 23.13 23.82 -54.04
C GLY A 338 22.94 22.83 -52.90
N ASN A 339 23.53 23.15 -51.74
CA ASN A 339 23.39 22.35 -50.53
C ASN A 339 21.96 22.36 -49.98
N PHE A 340 21.64 21.33 -49.19
CA PHE A 340 20.36 21.26 -48.48
C PHE A 340 20.38 22.20 -47.28
N VAL A 341 19.21 22.77 -46.96
CA VAL A 341 19.05 23.66 -45.80
C VAL A 341 17.66 23.49 -45.19
N VAL A 342 17.56 23.70 -43.88
CA VAL A 342 16.30 23.58 -43.16
C VAL A 342 15.51 24.88 -43.27
N ASN A 343 14.38 24.83 -43.98
CA ASN A 343 13.41 25.91 -43.96
C ASN A 343 12.70 25.87 -42.61
N ILE A 344 12.81 26.95 -41.86
CA ILE A 344 12.36 26.98 -40.45
C ILE A 344 10.83 26.98 -40.37
N ASP A 345 10.17 27.69 -41.29
CA ASP A 345 8.71 27.70 -41.38
C ASP A 345 8.13 26.31 -41.72
N LYS A 346 8.83 25.57 -42.57
CA LYS A 346 8.44 24.20 -42.93
C LYS A 346 8.78 23.18 -41.83
N PHE A 347 9.82 23.46 -41.04
CA PHE A 347 10.14 22.64 -39.86
C PHE A 347 9.06 22.80 -38.79
N ASN A 348 8.76 24.04 -38.42
CA ASN A 348 7.72 24.33 -37.42
C ASN A 348 6.39 23.71 -37.82
N SER A 349 6.07 23.78 -39.11
CA SER A 349 4.88 23.15 -39.68
C SER A 349 4.92 21.62 -39.53
N LEU A 350 6.09 21.03 -39.80
CA LEU A 350 6.27 19.57 -39.67
C LEU A 350 6.20 19.11 -38.21
N TYR A 351 7.00 19.73 -37.34
CA TYR A 351 7.09 19.35 -35.93
C TYR A 351 5.76 19.50 -35.18
N SER A 352 5.03 20.59 -35.47
CA SER A 352 3.71 20.80 -34.85
C SER A 352 2.65 19.81 -35.34
N ASP A 353 2.80 19.35 -36.58
CA ASP A 353 1.90 18.34 -37.15
C ASP A 353 2.08 16.99 -36.45
N LEU A 354 3.34 16.58 -36.23
CA LEU A 354 3.63 15.30 -35.58
C LEU A 354 3.35 15.29 -34.06
N THR A 355 3.25 16.46 -33.43
CA THR A 355 3.01 16.55 -31.98
C THR A 355 1.58 16.98 -31.61
N ASN A 356 1.13 18.11 -32.17
CA ASN A 356 -0.19 18.68 -31.82
C ASN A 356 -1.35 18.12 -32.65
N VAL A 357 -1.15 18.02 -33.96
CA VAL A 357 -2.21 17.57 -34.88
C VAL A 357 -2.43 16.06 -34.75
N MET A 358 -1.35 15.30 -34.87
CA MET A 358 -1.41 13.85 -34.75
C MET A 358 -1.43 13.44 -33.27
N SER A 359 -2.63 13.18 -32.76
CA SER A 359 -2.82 12.78 -31.36
C SER A 359 -4.19 12.14 -31.15
N GLU A 360 -4.35 11.44 -30.02
CA GLU A 360 -5.55 10.64 -29.76
C GLU A 360 -6.84 11.46 -29.62
N VAL A 361 -6.76 12.57 -28.89
CA VAL A 361 -7.92 13.48 -28.73
C VAL A 361 -8.38 14.11 -30.05
N VAL A 362 -7.44 14.35 -30.95
CA VAL A 362 -7.74 14.86 -32.29
C VAL A 362 -8.42 13.80 -33.16
N TYR A 363 -7.97 12.55 -33.05
CA TYR A 363 -8.57 11.44 -33.82
C TYR A 363 -10.01 11.19 -33.41
N SER A 364 -10.24 11.07 -32.09
CA SER A 364 -11.58 10.78 -31.55
C SER A 364 -12.67 11.76 -32.03
N SER A 365 -12.32 13.02 -32.20
CA SER A 365 -13.23 14.02 -32.77
C SER A 365 -13.45 13.82 -34.27
N GLN A 366 -12.38 13.53 -35.00
CA GLN A 366 -12.43 13.31 -36.45
C GLN A 366 -13.23 12.08 -36.87
N TYR A 367 -13.06 10.97 -36.16
CA TYR A 367 -13.67 9.68 -36.53
C TYR A 367 -15.09 9.44 -35.99
N ASN A 368 -15.67 10.41 -35.29
CA ASN A 368 -17.04 10.34 -34.79
C ASN A 368 -17.27 9.13 -33.88
N VAL A 369 -16.48 9.06 -32.80
CA VAL A 369 -16.52 7.96 -31.84
C VAL A 369 -16.37 8.46 -30.41
N LYS A 370 -17.06 7.79 -29.47
CA LYS A 370 -16.87 8.04 -28.04
C LYS A 370 -15.45 7.64 -27.65
N ASN A 371 -14.83 8.43 -26.78
CA ASN A 371 -13.46 8.18 -26.33
C ASN A 371 -13.13 8.90 -25.03
N ARG A 372 -12.11 8.38 -24.35
CA ARG A 372 -11.47 9.05 -23.21
C ARG A 372 -11.21 10.55 -23.47
N THR A 373 -11.67 11.40 -22.56
CA THR A 373 -11.52 12.86 -22.69
C THR A 373 -10.22 13.39 -22.07
N HIS A 374 -9.81 12.81 -20.93
CA HIS A 374 -8.53 13.13 -20.28
C HIS A 374 -7.78 11.84 -19.96
N TYR A 375 -6.45 11.87 -20.10
CA TYR A 375 -5.60 10.66 -20.01
C TYR A 375 -5.83 9.81 -18.75
N PHE A 376 -6.09 10.46 -17.62
CA PHE A 376 -6.34 9.76 -16.34
C PHE A 376 -7.80 9.36 -16.09
N SER A 377 -8.59 9.17 -17.15
CA SER A 377 -9.95 8.61 -17.00
C SER A 377 -9.86 7.18 -16.49
N ARG A 378 -10.83 6.79 -15.67
CA ARG A 378 -10.79 5.50 -14.98
C ARG A 378 -10.84 4.34 -15.97
N HIS A 379 -9.98 3.36 -15.76
CA HIS A 379 -10.00 2.10 -16.51
C HIS A 379 -11.07 1.21 -15.90
N TYR A 380 -12.11 0.89 -16.67
CA TYR A 380 -13.14 -0.07 -16.25
C TYR A 380 -12.75 -1.47 -16.74
N LEU A 381 -13.59 -2.46 -16.46
CA LEU A 381 -13.34 -3.84 -16.90
C LEU A 381 -13.23 -3.93 -18.43
N PRO A 382 -12.12 -4.51 -18.95
CA PRO A 382 -11.90 -4.57 -20.40
C PRO A 382 -12.83 -5.56 -21.10
N VAL A 383 -12.87 -5.50 -22.43
CA VAL A 383 -13.80 -6.29 -23.23
C VAL A 383 -13.14 -6.91 -24.46
N PHE A 384 -13.84 -7.90 -25.03
CA PHE A 384 -13.44 -8.59 -26.25
C PHE A 384 -14.52 -8.36 -27.30
N ALA A 385 -14.12 -8.33 -28.57
CA ALA A 385 -15.06 -8.13 -29.68
C ALA A 385 -14.51 -8.69 -30.99
N ASN A 386 -15.38 -9.38 -31.74
CA ASN A 386 -15.04 -9.91 -33.05
C ASN A 386 -15.22 -8.82 -34.11
N ILE A 387 -14.14 -8.13 -34.43
CA ILE A 387 -14.16 -7.01 -35.38
C ILE A 387 -14.36 -7.40 -36.85
N LEU A 388 -14.04 -8.66 -37.19
CA LEU A 388 -14.14 -9.13 -38.59
C LEU A 388 -15.58 -9.31 -39.08
N ASP A 389 -16.50 -9.58 -38.16
CA ASP A 389 -17.92 -9.68 -38.49
C ASP A 389 -18.50 -8.28 -38.72
N ASP A 390 -19.03 -8.04 -39.92
CA ASP A 390 -19.59 -6.72 -40.29
C ASP A 390 -20.88 -6.36 -39.56
N ASN A 391 -21.58 -7.36 -39.01
CA ASN A 391 -22.74 -7.11 -38.14
C ASN A 391 -22.36 -6.49 -36.78
N ILE A 392 -21.11 -6.69 -36.35
CA ILE A 392 -20.59 -6.10 -35.12
C ILE A 392 -19.82 -4.80 -35.40
N TYR A 393 -18.94 -4.82 -36.41
CA TYR A 393 -17.97 -3.74 -36.64
C TYR A 393 -17.65 -3.55 -38.13
N THR A 394 -17.98 -2.37 -38.67
CA THR A 394 -17.74 -2.03 -40.08
C THR A 394 -16.57 -1.05 -40.24
N ILE A 395 -16.13 -0.89 -41.49
CA ILE A 395 -15.02 0.00 -41.83
C ILE A 395 -15.43 1.47 -41.74
N ARG A 396 -16.65 1.79 -42.18
CA ARG A 396 -17.10 3.18 -42.29
C ARG A 396 -17.46 3.80 -40.94
N ASP A 397 -18.18 3.06 -40.09
CA ASP A 397 -18.74 3.60 -38.84
C ASP A 397 -18.26 2.94 -37.54
N GLY A 398 -17.51 1.83 -37.62
CA GLY A 398 -17.05 1.12 -36.43
C GLY A 398 -18.16 0.33 -35.75
N PHE A 399 -18.21 0.38 -34.42
CA PHE A 399 -19.27 -0.29 -33.65
C PHE A 399 -20.65 0.36 -33.80
N ASN A 400 -20.67 1.67 -34.06
CA ASN A 400 -21.92 2.43 -34.16
C ASN A 400 -22.61 2.19 -35.51
N LEU A 401 -23.45 1.16 -35.57
CA LEU A 401 -24.15 0.76 -36.80
C LEU A 401 -25.62 1.19 -36.77
N THR A 402 -26.13 1.63 -37.91
CA THR A 402 -27.49 2.16 -38.01
C THR A 402 -28.58 1.08 -37.91
N ASN A 403 -28.37 -0.04 -38.62
CA ASN A 403 -29.38 -1.11 -38.70
C ASN A 403 -29.68 -1.90 -37.42
N LYS A 404 -28.78 -1.86 -36.44
CA LYS A 404 -28.97 -2.57 -35.16
C LYS A 404 -29.43 -1.66 -34.00
N GLY A 405 -29.89 -0.45 -34.33
CA GLY A 405 -30.41 0.49 -33.33
C GLY A 405 -29.33 1.15 -32.49
N PHE A 406 -28.24 1.57 -33.14
CA PHE A 406 -27.16 2.29 -32.49
C PHE A 406 -26.86 3.62 -33.20
N ASN A 407 -27.55 4.68 -32.77
CA ASN A 407 -27.18 6.05 -33.15
C ASN A 407 -25.91 6.48 -32.38
N ILE A 408 -25.51 7.76 -32.44
CA ILE A 408 -24.26 8.20 -31.80
C ILE A 408 -24.39 8.38 -30.28
N GLU A 409 -25.58 8.79 -29.82
CA GLU A 409 -25.86 8.89 -28.38
C GLU A 409 -25.96 7.50 -27.77
N ASN A 410 -26.78 6.65 -28.39
CA ASN A 410 -26.86 5.22 -28.05
C ASN A 410 -25.79 4.45 -28.83
N SER A 411 -24.53 4.69 -28.47
CA SER A 411 -23.41 4.15 -29.22
C SER A 411 -23.31 2.63 -29.09
N GLY A 412 -22.86 1.98 -30.16
CA GLY A 412 -22.53 0.56 -30.13
C GLY A 412 -21.34 0.24 -29.25
N GLN A 413 -20.52 1.26 -28.98
CA GLN A 413 -19.41 1.17 -28.02
C GLN A 413 -19.83 0.91 -26.56
N ASN A 414 -21.10 1.21 -26.23
CA ASN A 414 -21.65 0.90 -24.90
C ASN A 414 -21.73 -0.61 -24.65
N ILE A 415 -21.16 -1.05 -23.53
CA ILE A 415 -21.05 -2.48 -23.20
C ILE A 415 -22.39 -3.00 -22.67
N GLU A 416 -23.05 -2.20 -21.82
CA GLU A 416 -24.39 -2.51 -21.30
C GLU A 416 -25.42 -2.76 -22.41
N ARG A 417 -25.41 -1.89 -23.42
CA ARG A 417 -26.43 -1.91 -24.48
C ARG A 417 -26.03 -2.67 -25.76
N ASN A 418 -24.85 -3.31 -25.75
CA ASN A 418 -24.41 -4.13 -26.89
C ASN A 418 -23.93 -5.52 -26.41
N PRO A 419 -24.55 -6.61 -26.92
CA PRO A 419 -24.11 -7.95 -26.55
C PRO A 419 -22.82 -8.43 -27.24
N ALA A 420 -22.48 -7.84 -28.38
CA ALA A 420 -21.25 -8.21 -29.11
C ALA A 420 -19.97 -7.82 -28.37
N LEU A 421 -20.03 -6.76 -27.57
CA LEU A 421 -18.93 -6.39 -26.68
C LEU A 421 -18.94 -7.28 -25.44
N GLN A 422 -18.32 -8.46 -25.57
CA GLN A 422 -18.28 -9.45 -24.49
C GLN A 422 -17.22 -9.07 -23.45
N LYS A 423 -17.52 -9.33 -22.18
CA LYS A 423 -16.65 -8.97 -21.06
C LYS A 423 -15.68 -10.10 -20.71
N LEU A 424 -14.46 -9.74 -20.32
CA LEU A 424 -13.49 -10.69 -19.78
C LEU A 424 -13.80 -10.92 -18.30
N SER A 425 -13.74 -12.18 -17.86
CA SER A 425 -14.07 -12.55 -16.48
C SER A 425 -12.99 -12.07 -15.50
N SER A 426 -13.43 -11.61 -14.32
CA SER A 426 -12.53 -11.10 -13.29
C SER A 426 -11.65 -12.16 -12.61
N GLU A 427 -11.95 -13.44 -12.86
CA GLU A 427 -11.07 -14.55 -12.42
C GLU A 427 -9.75 -14.53 -13.19
N SER A 428 -9.83 -14.29 -14.50
CA SER A 428 -8.65 -14.20 -15.37
C SER A 428 -7.91 -12.87 -15.28
N VAL A 429 -8.65 -11.77 -15.09
CA VAL A 429 -8.07 -10.43 -15.05
C VAL A 429 -7.34 -10.17 -13.72
N VAL A 430 -6.02 -9.98 -13.80
CA VAL A 430 -5.18 -9.71 -12.63
C VAL A 430 -5.18 -8.19 -12.32
N ASP A 431 -5.13 -7.86 -11.04
CA ASP A 431 -5.10 -6.48 -10.56
C ASP A 431 -4.25 -6.35 -9.30
N LEU A 432 -3.65 -5.17 -9.09
CA LEU A 432 -3.11 -4.79 -7.79
C LEU A 432 -4.25 -4.26 -6.93
N PHE A 433 -4.00 -4.18 -5.62
CA PHE A 433 -5.00 -3.66 -4.67
C PHE A 433 -4.34 -2.77 -3.61
N THR A 434 -4.98 -1.63 -3.34
CA THR A 434 -4.71 -0.84 -2.16
C THR A 434 -5.73 -1.29 -1.13
N LYS A 435 -5.25 -1.91 -0.05
CA LYS A 435 -6.08 -2.59 0.93
C LYS A 435 -6.49 -1.63 2.05
N VAL A 436 -7.80 -1.38 2.16
CA VAL A 436 -8.34 -0.46 3.17
C VAL A 436 -8.73 -1.26 4.40
N CYS A 437 -7.98 -1.10 5.48
CA CYS A 437 -8.21 -1.78 6.75
C CYS A 437 -8.29 -0.79 7.89
N VAL A 438 -8.61 -1.28 9.09
CA VAL A 438 -8.61 -0.47 10.31
C VAL A 438 -8.23 -1.29 11.56
N ASP A 439 -8.89 -2.43 11.77
CA ASP A 439 -8.65 -3.32 12.92
C ASP A 439 -8.86 -2.60 14.25
N GLY A 440 -10.04 -1.99 14.38
CA GLY A 440 -10.41 -1.21 15.58
C GLY A 440 -11.89 -1.29 15.86
N ILE A 441 -12.29 -0.72 17.00
CA ILE A 441 -13.68 -0.81 17.47
C ILE A 441 -14.61 0.09 16.65
N ILE A 442 -14.23 1.36 16.48
CA ILE A 442 -15.02 2.35 15.70
C ILE A 442 -16.36 2.74 16.37
N THR A 443 -16.82 3.95 16.09
CA THR A 443 -18.10 4.46 16.62
C THR A 443 -18.93 5.10 15.52
N GLY B 56 -24.48 3.37 17.14
CA GLY B 56 -23.56 2.74 18.14
C GLY B 56 -22.21 2.33 17.58
N SER B 57 -21.44 1.61 18.40
CA SER B 57 -20.14 1.07 18.00
C SER B 57 -20.27 -0.32 17.38
N ALA B 58 -19.27 -0.70 16.60
CA ALA B 58 -19.27 -2.00 15.91
C ALA B 58 -17.87 -2.42 15.47
N LEU B 59 -17.32 -3.44 16.13
CA LEU B 59 -15.93 -3.89 15.91
C LEU B 59 -15.66 -4.30 14.46
N VAL B 60 -14.92 -3.46 13.74
CA VAL B 60 -14.60 -3.71 12.32
C VAL B 60 -13.26 -4.43 12.20
N LEU B 61 -13.32 -5.70 11.77
CA LEU B 61 -12.21 -6.63 11.85
C LEU B 61 -11.77 -7.15 10.47
N GLN B 62 -12.30 -6.54 9.40
CA GLN B 62 -12.12 -7.03 8.03
C GLN B 62 -11.79 -5.87 7.10
N CYS B 63 -11.06 -6.18 6.03
CA CYS B 63 -10.57 -5.18 5.08
C CYS B 63 -11.45 -5.10 3.83
N ILE B 64 -11.23 -4.03 3.06
CA ILE B 64 -11.90 -3.83 1.76
C ILE B 64 -10.80 -3.68 0.70
N LYS B 65 -10.81 -4.58 -0.28
CA LYS B 65 -9.82 -4.57 -1.34
C LYS B 65 -10.29 -3.67 -2.49
N VAL B 66 -9.78 -2.44 -2.49
CA VAL B 66 -10.04 -1.47 -3.56
C VAL B 66 -9.01 -1.70 -4.66
N LYS B 67 -9.47 -1.75 -5.92
CA LYS B 67 -8.59 -1.95 -7.07
C LYS B 67 -7.70 -0.74 -7.30
N ASN B 68 -6.49 -0.99 -7.79
CA ASN B 68 -5.46 0.06 -7.95
C ASN B 68 -5.87 1.15 -8.95
N ASN B 69 -6.39 0.74 -10.10
CA ASN B 69 -6.86 1.69 -11.13
C ASN B 69 -8.32 2.14 -10.98
N ARG B 70 -8.85 2.08 -9.75
CA ARG B 70 -10.06 2.81 -9.36
C ARG B 70 -9.71 3.71 -8.18
N LEU B 71 -8.61 4.43 -8.34
CA LEU B 71 -8.11 5.41 -7.37
C LEU B 71 -7.49 6.57 -8.16
N PRO B 72 -7.44 7.79 -7.56
CA PRO B 72 -6.95 8.94 -8.32
C PRO B 72 -5.43 8.92 -8.51
N TYR B 73 -4.96 9.23 -9.72
CA TYR B 73 -3.54 9.39 -9.98
C TYR B 73 -3.09 10.74 -9.41
N VAL B 74 -2.13 10.71 -8.50
CA VAL B 74 -1.55 11.94 -7.93
C VAL B 74 -0.04 11.91 -8.19
N ALA B 75 0.42 12.83 -9.05
CA ALA B 75 1.84 12.90 -9.41
C ALA B 75 2.69 13.41 -8.25
N ASP B 76 3.97 13.06 -8.28
CA ASP B 76 4.93 13.56 -7.29
C ASP B 76 5.28 15.02 -7.60
N LYS B 77 5.49 15.81 -6.55
CA LYS B 77 5.74 17.26 -6.69
C LYS B 77 7.07 17.56 -7.37
N ASP B 78 8.11 16.81 -7.00
CA ASP B 78 9.43 16.95 -7.61
C ASP B 78 9.50 16.43 -9.06
N SER B 79 8.61 15.50 -9.40
CA SER B 79 8.60 14.86 -10.71
C SER B 79 8.13 15.73 -11.88
N ILE B 80 7.44 16.84 -11.58
CA ILE B 80 6.85 17.69 -12.63
C ILE B 80 7.92 18.49 -13.39
N SER B 81 8.44 19.56 -12.78
CA SER B 81 9.44 20.42 -13.41
C SER B 81 10.08 21.35 -12.39
N GLN B 82 11.42 21.39 -12.37
CA GLN B 82 12.17 22.17 -11.39
C GLN B 82 12.74 23.49 -11.95
N GLU B 83 12.46 23.78 -13.23
CA GLU B 83 13.10 24.90 -13.95
C GLU B 83 12.92 26.26 -13.29
N ILE B 84 11.70 26.53 -12.81
CA ILE B 84 11.39 27.82 -12.15
C ILE B 84 12.11 28.03 -10.80
N PHE B 85 12.50 26.94 -10.14
CA PHE B 85 13.20 27.00 -8.85
C PHE B 85 14.73 27.07 -9.00
N GLU B 86 15.25 26.72 -10.18
CA GLU B 86 16.69 26.79 -10.47
C GLU B 86 17.18 28.24 -10.55
N ASN B 87 18.41 28.46 -10.09
CA ASN B 87 19.07 29.77 -10.21
C ASN B 87 19.48 30.04 -11.66
N LYS B 88 19.69 31.32 -11.97
CA LYS B 88 20.02 31.74 -13.33
C LYS B 88 20.94 32.96 -13.32
N ILE B 89 21.85 33.00 -14.30
CA ILE B 89 22.73 34.15 -14.52
C ILE B 89 22.32 34.81 -15.84
N ILE B 90 22.14 36.13 -15.79
CA ILE B 90 21.63 36.91 -16.93
C ILE B 90 22.79 37.55 -17.67
N THR B 91 22.76 37.47 -19.00
CA THR B 91 23.86 37.90 -19.87
C THR B 91 23.35 38.96 -20.87
N ASP B 92 24.16 39.27 -21.88
CA ASP B 92 23.84 40.32 -22.86
C ASP B 92 22.98 39.85 -24.05
N GLU B 93 22.68 38.55 -24.15
CA GLU B 93 21.92 38.02 -25.29
C GLU B 93 20.99 36.84 -24.92
N THR B 94 20.38 36.91 -23.74
CA THR B 94 19.38 35.91 -23.32
C THR B 94 18.08 36.15 -24.09
N ASN B 95 17.78 35.28 -25.06
CA ASN B 95 16.62 35.45 -25.94
C ASN B 95 16.18 34.15 -26.63
N VAL B 96 14.92 33.76 -26.37
CA VAL B 96 14.27 32.64 -27.06
C VAL B 96 12.88 33.12 -27.51
N GLN B 97 12.44 32.66 -28.69
CA GLN B 97 11.21 33.14 -29.36
C GLN B 97 11.21 34.66 -29.55
N VAL B 114 -1.40 15.43 -50.67
CA VAL B 114 -0.01 14.99 -50.52
C VAL B 114 0.15 13.49 -50.77
N PRO B 115 -0.67 12.63 -50.11
CA PRO B 115 -0.47 11.19 -50.28
C PRO B 115 -0.76 10.65 -51.68
N ILE B 116 -1.75 11.24 -52.37
CA ILE B 116 -2.15 10.89 -53.75
C ILE B 116 -2.47 9.36 -53.87
N ASN B 117 -2.44 8.80 -55.09
CA ASN B 117 -2.58 7.37 -55.31
C ASN B 117 -1.28 6.84 -55.92
N PRO B 118 -0.40 6.24 -55.07
CA PRO B 118 0.90 5.77 -55.55
C PRO B 118 0.90 4.27 -55.89
N GLU B 119 2.05 3.79 -56.33
CA GLU B 119 2.26 2.38 -56.65
C GLU B 119 3.10 1.73 -55.55
N ILE B 120 2.80 0.45 -55.25
CA ILE B 120 3.58 -0.33 -54.30
C ILE B 120 4.81 -0.88 -55.02
N VAL B 121 5.98 -0.72 -54.39
CA VAL B 121 7.26 -1.11 -54.97
C VAL B 121 7.77 -2.38 -54.30
N ASP B 122 8.62 -3.13 -55.00
CA ASP B 122 9.28 -4.31 -54.43
C ASP B 122 10.20 -3.88 -53.26
N PRO B 123 9.87 -4.30 -52.03
CA PRO B 123 10.62 -3.82 -50.87
C PRO B 123 11.98 -4.50 -50.62
N LEU B 124 12.27 -5.60 -51.33
CA LEU B 124 13.54 -6.32 -51.14
C LEU B 124 14.74 -5.50 -51.62
N LEU B 125 15.87 -5.71 -50.93
CA LEU B 125 17.14 -5.06 -51.26
C LEU B 125 18.28 -6.08 -51.12
N PRO B 126 19.47 -5.78 -51.68
CA PRO B 126 20.59 -6.71 -51.55
C PRO B 126 21.09 -6.85 -50.10
N ASN B 127 21.42 -8.07 -49.71
CA ASN B 127 21.80 -8.39 -48.33
C ASN B 127 23.14 -7.76 -47.94
N VAL B 128 23.26 -7.40 -46.66
CA VAL B 128 24.46 -6.78 -46.10
C VAL B 128 24.88 -7.45 -44.80
N ASN B 129 26.18 -7.44 -44.53
CA ASN B 129 26.73 -8.09 -43.34
C ASN B 129 26.48 -7.27 -42.07
N MET B 130 25.52 -7.72 -41.26
CA MET B 130 25.22 -7.11 -39.97
C MET B 130 25.80 -7.98 -38.85
N GLU B 131 26.51 -7.35 -37.92
CA GLU B 131 26.96 -8.02 -36.70
C GLU B 131 25.77 -8.23 -35.76
N PRO B 132 25.80 -9.28 -34.92
CA PRO B 132 24.64 -9.57 -34.07
C PRO B 132 24.53 -8.59 -32.91
N LEU B 133 23.41 -7.88 -32.83
CA LEU B 133 23.18 -6.86 -31.82
C LEU B 133 22.81 -7.52 -30.50
N ASN B 134 23.78 -7.60 -29.58
CA ASN B 134 23.61 -8.30 -28.30
C ASN B 134 22.77 -7.47 -27.32
N LEU B 135 21.46 -7.72 -27.34
CA LEU B 135 20.52 -7.06 -26.43
C LEU B 135 20.51 -7.81 -25.09
N PRO B 136 20.65 -7.08 -23.95
CA PRO B 136 20.62 -7.77 -22.65
C PRO B 136 19.27 -8.40 -22.31
N GLY B 137 18.20 -7.62 -22.48
CA GLY B 137 16.83 -8.07 -22.17
C GLY B 137 16.35 -7.52 -20.84
N GLU B 138 15.03 -7.30 -20.74
CA GLU B 138 14.42 -6.68 -19.56
C GLU B 138 14.34 -7.66 -18.39
N GLU B 139 14.54 -7.13 -17.17
CA GLU B 139 14.45 -7.91 -15.95
C GLU B 139 13.00 -7.90 -15.45
N ILE B 140 12.51 -9.06 -15.01
CA ILE B 140 11.13 -9.19 -14.51
C ILE B 140 11.04 -8.57 -13.10
N VAL B 141 9.98 -7.81 -12.87
CA VAL B 141 9.77 -7.10 -11.59
C VAL B 141 8.36 -7.40 -11.07
N PHE B 142 8.28 -7.99 -9.88
CA PHE B 142 7.00 -8.29 -9.23
C PHE B 142 6.61 -7.13 -8.32
N TYR B 143 5.40 -6.58 -8.54
CA TYR B 143 4.88 -5.47 -7.74
C TYR B 143 3.98 -5.96 -6.61
N ASP B 144 4.05 -5.27 -5.47
CA ASP B 144 3.34 -5.65 -4.25
C ASP B 144 2.09 -4.78 -4.04
N ASP B 145 1.16 -5.30 -3.23
CA ASP B 145 -0.04 -4.55 -2.83
C ASP B 145 0.31 -3.54 -1.73
N ILE B 146 -0.65 -2.67 -1.41
CA ILE B 146 -0.51 -1.67 -0.35
C ILE B 146 -1.58 -1.94 0.72
N THR B 147 -1.21 -1.74 1.98
CA THR B 147 -2.15 -1.69 3.09
C THR B 147 -2.17 -0.25 3.58
N LYS B 148 -3.37 0.28 3.84
CA LYS B 148 -3.53 1.65 4.31
C LYS B 148 -4.53 1.67 5.47
N TYR B 149 -4.02 1.80 6.69
CA TYR B 149 -4.84 1.83 7.89
C TYR B 149 -5.46 3.21 8.08
N VAL B 150 -6.76 3.23 8.39
CA VAL B 150 -7.53 4.47 8.50
C VAL B 150 -8.33 4.47 9.80
N ASP B 151 -8.52 5.66 10.38
CA ASP B 151 -9.09 5.82 11.72
C ASP B 151 -10.64 5.88 11.79
N TYR B 152 -11.31 5.83 10.64
CA TYR B 152 -12.78 5.89 10.58
C TYR B 152 -13.32 5.12 9.36
N LEU B 153 -14.64 4.92 9.33
CA LEU B 153 -15.29 4.28 8.19
C LEU B 153 -15.39 5.27 7.03
N ASN B 154 -14.34 5.32 6.22
CA ASN B 154 -14.24 6.26 5.10
C ASN B 154 -15.10 5.83 3.90
N SER B 155 -15.04 6.61 2.81
CA SER B 155 -15.82 6.38 1.59
C SER B 155 -15.90 4.94 1.06
N TYR B 156 -14.80 4.20 1.19
CA TYR B 156 -14.73 2.83 0.66
C TYR B 156 -15.53 1.85 1.52
N TYR B 157 -15.58 2.10 2.83
CA TYR B 157 -16.46 1.34 3.74
C TYR B 157 -17.94 1.67 3.51
N TYR B 158 -18.25 2.97 3.39
CA TYR B 158 -19.62 3.41 3.08
C TYR B 158 -20.11 2.91 1.70
N LEU B 159 -19.20 2.74 0.74
CA LEU B 159 -19.56 2.18 -0.57
C LEU B 159 -19.85 0.67 -0.49
N GLU B 160 -19.01 -0.08 0.22
CA GLU B 160 -19.20 -1.54 0.37
C GLU B 160 -20.51 -1.92 1.09
N SER B 161 -20.97 -1.07 2.01
CA SER B 161 -22.25 -1.27 2.69
C SER B 161 -23.45 -1.20 1.73
N GLN B 162 -23.34 -0.35 0.71
CA GLN B 162 -24.42 -0.16 -0.27
C GLN B 162 -24.58 -1.32 -1.27
N LYS B 163 -23.58 -2.18 -1.40
CA LYS B 163 -23.62 -3.27 -2.38
C LYS B 163 -24.54 -4.41 -1.94
N LEU B 164 -25.10 -5.10 -2.93
CA LEU B 164 -25.88 -6.33 -2.70
C LEU B 164 -24.92 -7.50 -2.54
N SER B 165 -25.31 -8.49 -1.74
CA SER B 165 -24.51 -9.71 -1.54
C SER B 165 -24.61 -10.65 -2.73
N ASN B 166 -23.75 -11.66 -2.75
CA ASN B 166 -23.72 -12.67 -3.83
C ASN B 166 -24.95 -13.58 -3.76
N ASN B 167 -25.86 -13.41 -4.72
CA ASN B 167 -27.15 -14.12 -4.77
C ASN B 167 -28.00 -13.82 -3.53
N VAL B 168 -28.60 -12.64 -3.52
CA VAL B 168 -29.48 -12.19 -2.43
C VAL B 168 -30.84 -12.89 -2.48
N GLU B 169 -31.61 -12.72 -1.41
CA GLU B 169 -33.00 -13.19 -1.34
C GLU B 169 -33.94 -12.02 -1.03
N ASN B 170 -34.03 -11.65 0.25
CA ASN B 170 -35.02 -10.67 0.73
C ASN B 170 -34.31 -9.46 1.36
N ILE B 171 -33.86 -8.56 0.51
CA ILE B 171 -33.11 -7.36 0.95
C ILE B 171 -34.03 -6.27 1.50
N THR B 172 -33.50 -5.51 2.48
CA THR B 172 -34.20 -4.36 3.06
C THR B 172 -33.19 -3.24 3.35
N LEU B 173 -33.56 -2.00 3.03
CA LEU B 173 -32.67 -0.85 3.25
C LEU B 173 -32.57 -0.49 4.73
N THR B 174 -31.44 0.12 5.11
CA THR B 174 -31.19 0.53 6.50
C THR B 174 -30.40 1.84 6.58
N THR B 175 -30.77 2.67 7.55
CA THR B 175 -30.13 3.97 7.76
C THR B 175 -28.75 3.89 8.45
N SER B 176 -28.44 2.75 9.07
CA SER B 176 -27.13 2.55 9.74
C SER B 176 -26.15 1.85 8.80
N VAL B 177 -24.92 2.35 8.74
CA VAL B 177 -23.87 1.76 7.91
C VAL B 177 -23.33 0.45 8.49
N GLU B 178 -23.19 0.38 9.82
CA GLU B 178 -22.58 -0.78 10.49
C GLU B 178 -23.45 -2.03 10.43
N GLU B 179 -24.77 -1.84 10.42
CA GLU B 179 -25.72 -2.94 10.21
C GLU B 179 -25.63 -3.51 8.79
N ALA B 180 -25.55 -2.62 7.81
CA ALA B 180 -25.45 -3.00 6.40
C ALA B 180 -24.14 -3.74 6.05
N LEU B 181 -23.05 -3.38 6.73
CA LEU B 181 -21.77 -4.08 6.59
C LEU B 181 -21.80 -5.48 7.20
N GLY B 182 -22.36 -5.59 8.40
CA GLY B 182 -22.41 -6.86 9.14
C GLY B 182 -23.35 -7.89 8.52
N TYR B 183 -24.60 -7.49 8.31
CA TYR B 183 -25.63 -8.38 7.76
C TYR B 183 -25.64 -8.33 6.23
N SER B 184 -25.92 -9.48 5.63
CA SER B 184 -25.85 -9.65 4.18
C SER B 184 -27.07 -9.05 3.48
N ASN B 185 -28.26 -9.37 3.97
CA ASN B 185 -29.51 -8.85 3.42
C ASN B 185 -29.67 -7.32 3.54
N LYS B 186 -29.16 -6.74 4.63
CA LYS B 186 -29.28 -5.30 4.87
C LYS B 186 -28.32 -4.50 3.98
N ILE B 187 -28.84 -3.41 3.41
CA ILE B 187 -28.09 -2.55 2.50
C ILE B 187 -28.21 -1.09 2.96
N TYR B 188 -27.09 -0.37 2.96
CA TYR B 188 -27.05 1.01 3.43
C TYR B 188 -27.75 1.95 2.44
N THR B 189 -28.40 2.98 2.97
CA THR B 189 -28.95 4.08 2.18
C THR B 189 -28.65 5.40 2.89
N PHE B 190 -28.40 6.44 2.08
CA PHE B 190 -28.07 7.78 2.60
C PHE B 190 -29.29 8.73 2.57
N LEU B 191 -30.49 8.16 2.39
CA LEU B 191 -31.73 8.92 2.29
C LEU B 191 -32.74 8.33 3.30
N PRO B 192 -32.93 9.00 4.47
CA PRO B 192 -33.89 8.54 5.49
C PRO B 192 -35.32 8.32 4.99
N SER B 193 -35.84 9.24 4.18
CA SER B 193 -37.18 9.13 3.60
C SER B 193 -37.32 7.91 2.68
N LEU B 194 -36.24 7.57 1.98
CA LEU B 194 -36.23 6.39 1.09
C LEU B 194 -36.28 5.09 1.89
N ALA B 195 -35.60 5.05 3.04
CA ALA B 195 -35.62 3.87 3.92
C ALA B 195 -37.03 3.53 4.43
N GLU B 196 -37.83 4.57 4.70
CA GLU B 196 -39.25 4.39 5.06
C GLU B 196 -40.05 3.78 3.91
N LYS B 197 -40.12 4.49 2.80
CA LYS B 197 -41.01 4.15 1.68
C LYS B 197 -40.63 2.86 0.93
N VAL B 198 -39.35 2.50 0.92
CA VAL B 198 -38.90 1.25 0.27
C VAL B 198 -39.29 0.02 1.10
N ASN B 199 -39.02 0.05 2.40
CA ASN B 199 -39.27 -1.10 3.29
C ASN B 199 -40.74 -1.38 3.61
N LYS B 200 -41.62 -0.42 3.36
CA LYS B 200 -43.08 -0.65 3.48
C LYS B 200 -43.56 -1.77 2.57
N GLY B 201 -43.22 -1.66 1.29
CA GLY B 201 -43.70 -2.59 0.27
C GLY B 201 -45.15 -2.32 -0.09
N VAL B 202 -45.77 -3.28 -0.77
CA VAL B 202 -47.18 -3.21 -1.15
C VAL B 202 -48.03 -3.63 0.07
N GLN B 203 -48.51 -2.63 0.81
CA GLN B 203 -49.23 -2.87 2.07
C GLN B 203 -50.72 -3.14 1.82
N ALA B 204 -51.00 -4.33 1.28
CA ALA B 204 -52.37 -4.75 0.93
C ALA B 204 -53.09 -3.75 0.02
N GLY B 205 -52.42 -3.35 -1.06
CA GLY B 205 -52.96 -2.39 -2.02
C GLY B 205 -52.42 -2.62 -3.42
N LEU B 206 -52.44 -1.58 -4.24
CA LEU B 206 -51.95 -1.64 -5.63
C LEU B 206 -50.42 -1.58 -5.69
N PHE B 207 -49.87 -2.08 -6.78
CA PHE B 207 -48.41 -2.19 -6.97
C PHE B 207 -47.78 -0.85 -7.33
N LEU B 208 -48.33 -0.19 -8.36
CA LEU B 208 -47.80 1.09 -8.85
C LEU B 208 -47.97 2.26 -7.89
N ASN B 209 -48.91 2.15 -6.95
CA ASN B 209 -49.09 3.15 -5.89
C ASN B 209 -47.85 3.27 -5.00
N TRP B 210 -47.31 2.13 -4.59
CA TRP B 210 -46.05 2.08 -3.82
C TRP B 210 -44.83 2.34 -4.70
N ALA B 211 -44.72 1.57 -5.78
CA ALA B 211 -43.52 1.57 -6.65
C ALA B 211 -43.13 2.94 -7.19
N ASN B 212 -44.13 3.73 -7.62
CA ASN B 212 -43.89 5.09 -8.12
C ASN B 212 -43.54 6.08 -7.01
N GLU B 213 -44.09 5.88 -5.82
CA GLU B 213 -43.79 6.70 -4.64
C GLU B 213 -42.32 6.55 -4.19
N VAL B 214 -41.76 5.36 -4.38
CA VAL B 214 -40.35 5.08 -4.10
C VAL B 214 -39.45 5.83 -5.10
N VAL B 215 -39.77 5.74 -6.38
CA VAL B 215 -39.00 6.39 -7.45
C VAL B 215 -39.19 7.92 -7.41
N GLU B 216 -40.40 8.37 -7.08
CA GLU B 216 -40.68 9.79 -6.85
C GLU B 216 -39.81 10.36 -5.73
N ASP B 217 -39.75 9.63 -4.61
CA ASP B 217 -38.91 10.00 -3.48
C ASP B 217 -37.41 9.88 -3.79
N PHE B 218 -37.05 8.87 -4.59
CA PHE B 218 -35.66 8.71 -5.05
C PHE B 218 -35.21 9.87 -5.94
N THR B 219 -36.07 10.28 -6.87
CA THR B 219 -35.75 11.36 -7.81
C THR B 219 -35.60 12.70 -7.09
N THR B 220 -36.62 13.10 -6.34
CA THR B 220 -36.59 14.39 -5.62
C THR B 220 -35.38 14.56 -4.69
N ASN B 221 -34.93 13.46 -4.07
CA ASN B 221 -33.79 13.49 -3.15
C ASN B 221 -32.42 13.62 -3.84
N ILE B 222 -32.25 12.98 -4.99
CA ILE B 222 -30.99 13.09 -5.76
C ILE B 222 -30.80 14.42 -6.50
N MET B 223 -31.88 15.20 -6.66
CA MET B 223 -31.81 16.54 -7.27
CA MET B 223 -31.84 16.54 -7.27
C MET B 223 -31.64 17.65 -6.22
N LYS B 224 -31.50 17.27 -4.94
CA LYS B 224 -31.28 18.25 -3.85
C LYS B 224 -30.06 19.13 -4.08
N LYS B 225 -30.21 20.43 -3.80
CA LYS B 225 -29.11 21.39 -3.80
C LYS B 225 -29.32 22.40 -2.67
N ASP B 226 -28.29 22.58 -1.83
CA ASP B 226 -28.33 23.56 -0.74
C ASP B 226 -27.50 24.78 -1.10
N THR B 227 -28.04 25.96 -0.83
CA THR B 227 -27.41 27.23 -1.21
C THR B 227 -26.65 27.84 -0.02
N LEU B 228 -25.34 27.60 0.01
CA LEU B 228 -24.44 28.26 0.97
C LEU B 228 -24.13 29.68 0.48
N ASP B 229 -24.02 30.62 1.43
CA ASP B 229 -23.74 32.02 1.13
C ASP B 229 -22.65 32.57 2.06
N LYS B 230 -22.23 33.81 1.81
CA LYS B 230 -21.21 34.52 2.60
C LYS B 230 -19.79 34.20 2.14
N ILE B 231 -19.41 32.92 2.20
CA ILE B 231 -18.05 32.47 1.87
C ILE B 231 -18.05 31.59 0.62
N SER B 232 -16.95 31.66 -0.14
CA SER B 232 -16.65 30.79 -1.29
C SER B 232 -17.35 31.20 -2.60
N ASP B 233 -16.66 30.94 -3.71
CA ASP B 233 -17.20 31.14 -5.07
C ASP B 233 -18.19 30.04 -5.46
N VAL B 234 -18.16 28.90 -4.74
CA VAL B 234 -19.12 27.81 -4.93
C VAL B 234 -20.53 28.33 -4.60
N SER B 235 -21.42 28.29 -5.60
CA SER B 235 -22.78 28.81 -5.46
C SER B 235 -23.66 27.89 -4.61
N VAL B 236 -23.67 26.61 -4.98
CA VAL B 236 -24.45 25.58 -4.29
C VAL B 236 -23.61 24.33 -4.06
N ILE B 237 -23.96 23.58 -3.01
CA ILE B 237 -23.34 22.29 -2.71
C ILE B 237 -24.42 21.20 -2.68
N ILE B 238 -24.04 19.98 -3.01
CA ILE B 238 -24.95 18.83 -2.97
C ILE B 238 -24.80 18.15 -1.61
N PRO B 239 -25.85 18.22 -0.76
CA PRO B 239 -25.73 17.83 0.65
C PRO B 239 -25.60 16.32 0.90
N TYR B 240 -26.22 15.49 0.05
CA TYR B 240 -26.24 14.03 0.25
C TYR B 240 -24.92 13.30 -0.05
N ILE B 241 -23.88 14.02 -0.52
CA ILE B 241 -22.53 13.46 -0.64
C ILE B 241 -21.97 13.08 0.74
N GLY B 242 -22.26 13.91 1.75
CA GLY B 242 -21.85 13.67 3.13
C GLY B 242 -22.24 12.30 3.69
N PRO B 243 -23.55 12.00 3.78
CA PRO B 243 -23.97 10.68 4.23
C PRO B 243 -23.71 9.52 3.24
N ALA B 244 -23.48 9.83 1.96
CA ALA B 244 -23.18 8.81 0.95
C ALA B 244 -21.74 8.29 1.04
N LEU B 245 -20.78 9.20 1.20
CA LEU B 245 -19.35 8.86 1.25
C LEU B 245 -18.61 9.16 2.56
N ASN B 246 -19.27 9.84 3.50
CA ASN B 246 -18.64 10.18 4.80
C ASN B 246 -17.29 10.88 4.61
N ILE B 247 -17.34 12.04 3.97
CA ILE B 247 -16.13 12.78 3.61
C ILE B 247 -15.62 13.51 4.85
N GLY B 248 -14.41 13.16 5.30
CA GLY B 248 -13.82 13.74 6.51
C GLY B 248 -14.59 13.43 7.78
N ASN B 249 -15.14 12.21 7.85
CA ASN B 249 -16.01 11.76 8.95
C ASN B 249 -17.22 12.70 9.16
N SER B 250 -17.82 13.13 8.05
CA SER B 250 -18.94 14.09 8.09
C SER B 250 -20.21 13.45 8.63
N ALA B 251 -20.55 12.27 8.14
CA ALA B 251 -21.67 11.49 8.66
C ALA B 251 -21.37 11.02 10.09
N LEU B 252 -22.43 10.70 10.84
CA LEU B 252 -22.40 10.47 12.30
C LEU B 252 -22.48 11.81 13.05
N ARG B 253 -21.52 12.70 12.80
CA ARG B 253 -21.60 14.09 13.26
C ARG B 253 -22.73 14.85 12.54
N GLY B 254 -22.86 14.62 11.24
CA GLY B 254 -23.96 15.15 10.43
C GLY B 254 -23.85 16.64 10.12
N ASN B 255 -22.68 17.04 9.63
CA ASN B 255 -22.41 18.46 9.33
C ASN B 255 -21.53 18.65 8.07
N PHE B 256 -21.96 18.04 6.97
CA PHE B 256 -21.29 18.21 5.68
C PHE B 256 -21.33 19.67 5.21
N ASN B 257 -22.49 20.30 5.39
CA ASN B 257 -22.71 21.68 4.96
C ASN B 257 -21.86 22.68 5.75
N GLN B 258 -21.78 22.47 7.07
CA GLN B 258 -21.01 23.34 7.96
C GLN B 258 -19.50 23.16 7.76
N ALA B 259 -19.06 21.90 7.72
CA ALA B 259 -17.64 21.56 7.60
C ALA B 259 -17.03 21.98 6.25
N PHE B 260 -17.81 21.89 5.18
CA PHE B 260 -17.38 22.33 3.85
C PHE B 260 -17.14 23.84 3.79
N ALA B 261 -17.97 24.61 4.48
CA ALA B 261 -17.83 26.07 4.54
C ALA B 261 -16.66 26.51 5.42
N THR B 262 -16.49 25.85 6.56
CA THR B 262 -15.48 26.23 7.55
C THR B 262 -14.07 25.92 7.07
N ALA B 263 -13.84 24.65 6.70
CA ALA B 263 -12.52 24.19 6.22
C ALA B 263 -12.20 24.67 4.81
N GLY B 264 -13.23 24.73 3.95
CA GLY B 264 -13.11 25.23 2.58
C GLY B 264 -13.28 24.12 1.55
N VAL B 265 -12.85 24.41 0.33
CA VAL B 265 -12.99 23.47 -0.80
C VAL B 265 -12.06 22.25 -0.69
N ALA B 266 -10.94 22.39 0.02
CA ALA B 266 -9.99 21.29 0.23
C ALA B 266 -10.49 20.17 1.16
N PHE B 267 -11.63 20.38 1.81
CA PHE B 267 -12.34 19.36 2.60
C PHE B 267 -12.61 18.06 1.83
N LEU B 268 -12.98 18.18 0.56
CA LEU B 268 -13.28 17.00 -0.29
C LEU B 268 -12.07 16.10 -0.58
N LEU B 269 -10.86 16.64 -0.45
CA LEU B 269 -9.63 15.86 -0.52
C LEU B 269 -9.34 15.30 0.89
N GLU B 270 -9.64 14.02 1.09
CA GLU B 270 -9.54 13.39 2.42
C GLU B 270 -8.10 13.20 2.87
N GLY B 271 -7.65 14.04 3.80
CA GLY B 271 -6.31 13.97 4.38
C GLY B 271 -5.18 14.32 3.44
N PHE B 272 -5.47 15.04 2.35
CA PHE B 272 -4.47 15.44 1.36
C PHE B 272 -3.64 16.58 1.96
N PRO B 273 -2.30 16.44 1.97
CA PRO B 273 -1.44 17.52 2.46
C PRO B 273 -1.75 18.88 1.83
N GLU B 274 -1.77 19.92 2.65
CA GLU B 274 -2.09 21.28 2.19
C GLU B 274 -1.05 21.72 1.16
N PHE B 275 -1.51 22.40 0.11
CA PHE B 275 -0.63 22.88 -0.96
C PHE B 275 0.35 23.91 -0.42
N THR B 276 1.59 23.83 -0.88
CA THR B 276 2.63 24.78 -0.50
C THR B 276 3.77 24.72 -1.53
N ILE B 277 4.26 25.91 -1.91
CA ILE B 277 5.29 26.05 -2.95
C ILE B 277 6.60 26.54 -2.32
N PRO B 278 7.75 25.92 -2.69
CA PRO B 278 9.03 26.42 -2.19
C PRO B 278 9.49 27.70 -2.89
N ALA B 279 10.52 28.34 -2.34
CA ALA B 279 11.01 29.62 -2.86
C ALA B 279 11.60 29.47 -4.27
N LEU B 280 11.37 30.47 -5.11
CA LEU B 280 11.80 30.45 -6.50
C LEU B 280 13.31 30.69 -6.62
N GLY B 281 13.85 30.45 -7.82
CA GLY B 281 15.26 30.62 -8.10
C GLY B 281 15.69 32.07 -8.09
N VAL B 282 16.95 32.31 -7.76
CA VAL B 282 17.50 33.67 -7.60
C VAL B 282 18.21 34.08 -8.88
N PHE B 283 18.05 35.35 -9.26
CA PHE B 283 18.80 35.93 -10.38
C PHE B 283 20.08 36.57 -9.87
N THR B 284 21.16 36.36 -10.63
CA THR B 284 22.47 36.97 -10.35
C THR B 284 23.10 37.45 -11.66
N PHE B 285 24.17 38.23 -11.55
CA PHE B 285 24.89 38.80 -12.69
C PHE B 285 26.38 38.51 -12.56
N TYR B 286 27.15 38.93 -13.57
CA TYR B 286 28.61 38.84 -13.52
C TYR B 286 29.18 39.82 -12.52
N SER B 287 30.36 39.51 -11.99
CA SER B 287 31.07 40.38 -11.05
C SER B 287 31.69 41.58 -11.76
N SER B 288 32.30 41.33 -12.92
CA SER B 288 32.98 42.38 -13.69
C SER B 288 31.99 43.33 -14.39
N ILE B 289 31.33 42.82 -15.43
CA ILE B 289 30.47 43.62 -16.34
C ILE B 289 31.08 45.00 -16.67
N GLN B 290 32.35 44.98 -17.10
CA GLN B 290 33.18 46.19 -17.19
C GLN B 290 33.02 47.03 -18.46
N GLU B 291 32.31 46.51 -19.47
CA GLU B 291 32.16 47.20 -20.76
C GLU B 291 31.11 48.31 -20.70
N ARG B 292 31.30 49.33 -21.53
CA ARG B 292 30.29 50.38 -21.74
C ARG B 292 29.19 49.81 -22.63
N GLU B 293 27.95 50.25 -22.39
CA GLU B 293 26.72 49.69 -22.98
C GLU B 293 26.25 48.33 -22.41
N LYS B 294 27.13 47.63 -21.68
CA LYS B 294 26.90 46.22 -21.33
C LYS B 294 25.95 46.03 -20.15
N ILE B 295 26.02 46.91 -19.15
CA ILE B 295 25.20 46.80 -17.94
C ILE B 295 23.73 47.07 -18.27
N ILE B 296 23.46 48.13 -19.03
CA ILE B 296 22.10 48.38 -19.55
C ILE B 296 21.62 47.28 -20.50
N LYS B 297 22.53 46.78 -21.36
CA LYS B 297 22.19 45.70 -22.30
C LYS B 297 21.69 44.41 -21.63
N THR B 298 22.15 44.14 -20.41
CA THR B 298 21.72 42.96 -19.63
C THR B 298 20.53 43.22 -18.69
N ILE B 299 20.35 44.46 -18.22
CA ILE B 299 19.21 44.82 -17.33
C ILE B 299 17.86 44.74 -18.06
N GLU B 300 17.83 45.11 -19.34
CA GLU B 300 16.63 44.95 -20.17
C GLU B 300 16.27 43.47 -20.35
N ASN B 301 17.29 42.61 -20.47
CA ASN B 301 17.09 41.16 -20.51
C ASN B 301 16.66 40.55 -19.17
N CYS B 302 17.07 41.16 -18.06
CA CYS B 302 16.61 40.76 -16.72
C CYS B 302 15.10 40.93 -16.54
N LEU B 303 14.56 42.03 -17.09
CA LEU B 303 13.12 42.30 -17.02
C LEU B 303 12.29 41.38 -17.93
N GLU B 304 12.89 40.89 -19.01
CA GLU B 304 12.28 39.86 -19.86
C GLU B 304 12.15 38.52 -19.12
N GLN B 305 13.21 38.13 -18.41
CA GLN B 305 13.21 36.89 -17.62
C GLN B 305 12.29 36.94 -16.40
N ARG B 306 12.00 38.14 -15.89
CA ARG B 306 11.00 38.31 -14.82
C ARG B 306 9.60 37.96 -15.33
N VAL B 307 9.24 38.46 -16.51
CA VAL B 307 7.95 38.15 -17.13
C VAL B 307 7.86 36.65 -17.45
N LYS B 308 8.95 36.08 -17.93
CA LYS B 308 9.06 34.62 -18.13
C LYS B 308 8.83 33.81 -16.85
N ARG B 309 9.37 34.30 -15.73
CA ARG B 309 9.22 33.64 -14.43
C ARG B 309 7.78 33.63 -13.94
N TRP B 310 7.06 34.74 -14.13
CA TRP B 310 5.62 34.80 -13.85
C TRP B 310 4.83 33.84 -14.76
N LYS B 311 5.16 33.86 -16.06
CA LYS B 311 4.54 32.98 -17.05
C LYS B 311 4.78 31.50 -16.73
N ASP B 312 6.05 31.14 -16.53
CA ASP B 312 6.44 29.75 -16.29
C ASP B 312 6.07 29.22 -14.90
N SER B 313 5.90 30.11 -13.92
CA SER B 313 5.38 29.73 -12.60
C SER B 313 3.91 29.35 -12.66
N TYR B 314 3.13 30.10 -13.45
CA TYR B 314 1.72 29.78 -13.69
C TYR B 314 1.53 28.44 -14.42
N GLN B 315 2.42 28.14 -15.36
CA GLN B 315 2.40 26.85 -16.08
C GLN B 315 2.76 25.67 -15.17
N TRP B 316 3.67 25.91 -14.22
CA TRP B 316 3.99 24.91 -13.19
C TRP B 316 2.81 24.67 -12.25
N MET B 317 2.16 25.76 -11.81
CA MET B 317 0.94 25.69 -11.00
C MET B 317 -0.15 24.86 -11.67
N VAL B 318 -0.33 25.07 -12.97
CA VAL B 318 -1.30 24.32 -13.77
C VAL B 318 -0.87 22.86 -13.93
N SER B 319 0.43 22.62 -14.11
CA SER B 319 0.97 21.25 -14.19
C SER B 319 0.69 20.44 -12.93
N ASN B 320 0.84 21.08 -11.76
CA ASN B 320 0.46 20.46 -10.48
C ASN B 320 -1.05 20.23 -10.36
N TRP B 321 -1.84 21.23 -10.76
CA TRP B 321 -3.29 21.15 -10.69
C TRP B 321 -3.86 20.01 -11.56
N LEU B 322 -3.38 19.91 -12.79
CA LEU B 322 -3.86 18.91 -13.74
C LEU B 322 -3.51 17.46 -13.35
N SER B 323 -2.31 17.26 -12.81
CA SER B 323 -1.82 15.91 -12.49
C SER B 323 -2.13 15.43 -11.06
N ARG B 324 -2.37 16.36 -10.13
CA ARG B 324 -2.54 16.03 -8.71
C ARG B 324 -3.94 16.33 -8.16
N ILE B 325 -4.49 17.50 -8.49
CA ILE B 325 -5.73 18.00 -7.89
C ILE B 325 -6.98 17.54 -8.64
N THR B 326 -7.01 17.80 -9.94
CA THR B 326 -8.19 17.48 -10.79
C THR B 326 -8.55 16.00 -10.73
N THR B 327 -7.53 15.15 -10.70
CA THR B 327 -7.71 13.70 -10.59
C THR B 327 -8.41 13.28 -9.30
N GLN B 328 -8.02 13.90 -8.17
CA GLN B 328 -8.63 13.60 -6.87
C GLN B 328 -10.08 14.08 -6.75
N PHE B 329 -10.42 15.19 -7.40
CA PHE B 329 -11.79 15.71 -7.39
C PHE B 329 -12.73 14.84 -8.22
N ASN B 330 -12.26 14.37 -9.38
CA ASN B 330 -13.01 13.41 -10.20
C ASN B 330 -13.24 12.06 -9.51
N HIS B 331 -12.40 11.72 -8.53
CA HIS B 331 -12.62 10.53 -7.69
C HIS B 331 -13.98 10.57 -6.96
N ILE B 332 -14.42 11.78 -6.56
CA ILE B 332 -15.73 11.94 -5.93
C ILE B 332 -16.84 11.76 -6.98
N ASN B 333 -16.62 12.25 -8.21
CA ASN B 333 -17.55 11.99 -9.33
C ASN B 333 -17.77 10.49 -9.53
N TYR B 334 -16.67 9.73 -9.60
CA TYR B 334 -16.74 8.27 -9.77
C TYR B 334 -17.38 7.56 -8.58
N GLN B 335 -16.98 7.95 -7.38
CA GLN B 335 -17.54 7.37 -6.14
C GLN B 335 -19.04 7.61 -6.00
N MET B 336 -19.48 8.83 -6.32
CA MET B 336 -20.91 9.18 -6.26
C MET B 336 -21.75 8.48 -7.32
N TYR B 337 -21.17 8.20 -8.49
CA TYR B 337 -21.86 7.42 -9.50
C TYR B 337 -22.02 5.96 -9.05
N ASP B 338 -20.97 5.40 -8.46
CA ASP B 338 -21.04 4.05 -7.86
C ASP B 338 -22.08 4.00 -6.75
N SER B 339 -22.07 5.03 -5.89
CA SER B 339 -23.06 5.16 -4.81
C SER B 339 -24.49 5.22 -5.32
N LEU B 340 -24.73 6.12 -6.26
CA LEU B 340 -26.07 6.28 -6.88
C LEU B 340 -26.50 5.05 -7.68
N SER B 341 -25.54 4.33 -8.27
CA SER B 341 -25.82 3.08 -9.00
C SER B 341 -26.23 1.94 -8.07
N TYR B 342 -25.56 1.81 -6.93
CA TYR B 342 -25.91 0.79 -5.93
C TYR B 342 -27.29 1.01 -5.31
N GLN B 343 -27.69 2.28 -5.18
CA GLN B 343 -29.03 2.62 -4.69
C GLN B 343 -30.11 2.21 -5.68
N ALA B 344 -29.88 2.46 -6.97
CA ALA B 344 -30.80 2.03 -8.04
C ALA B 344 -30.89 0.51 -8.17
N ASP B 345 -29.76 -0.18 -7.97
CA ASP B 345 -29.74 -1.65 -7.96
C ASP B 345 -30.54 -2.23 -6.77
N ALA B 346 -30.50 -1.54 -5.63
CA ALA B 346 -31.29 -1.93 -4.46
C ALA B 346 -32.79 -1.73 -4.67
N ILE B 347 -33.16 -0.62 -5.32
CA ILE B 347 -34.57 -0.32 -5.66
C ILE B 347 -35.09 -1.29 -6.72
N LYS B 348 -34.28 -1.54 -7.74
CA LYS B 348 -34.62 -2.53 -8.79
C LYS B 348 -34.83 -3.94 -8.23
N ALA B 349 -33.97 -4.34 -7.30
CA ALA B 349 -34.09 -5.66 -6.64
C ALA B 349 -35.33 -5.76 -5.75
N LYS B 350 -35.60 -4.70 -4.99
CA LYS B 350 -36.78 -4.65 -4.11
C LYS B 350 -38.10 -4.66 -4.88
N ILE B 351 -38.15 -3.95 -6.00
CA ILE B 351 -39.32 -3.94 -6.88
C ILE B 351 -39.58 -5.35 -7.44
N ASP B 352 -38.52 -6.02 -7.88
CA ASP B 352 -38.63 -7.40 -8.41
C ASP B 352 -39.03 -8.42 -7.34
N LEU B 353 -38.52 -8.27 -6.12
CA LEU B 353 -38.92 -9.13 -4.98
C LEU B 353 -40.38 -8.90 -4.58
N GLU B 354 -40.79 -7.64 -4.51
CA GLU B 354 -42.18 -7.30 -4.18
C GLU B 354 -43.13 -7.64 -5.34
N TYR B 355 -42.62 -7.63 -6.58
CA TYR B 355 -43.38 -8.07 -7.76
C TYR B 355 -43.71 -9.57 -7.67
N LYS B 356 -42.75 -10.37 -7.21
CA LYS B 356 -42.99 -11.80 -6.97
C LYS B 356 -43.99 -12.04 -5.83
N LYS B 357 -43.88 -11.24 -4.77
CA LYS B 357 -44.76 -11.35 -3.60
C LYS B 357 -46.20 -10.86 -3.87
N TYR B 358 -46.34 -9.84 -4.72
CA TYR B 358 -47.66 -9.30 -5.11
C TYR B 358 -48.43 -10.29 -5.99
N SER B 359 -49.76 -10.20 -5.95
CA SER B 359 -50.65 -10.99 -6.81
C SER B 359 -51.97 -10.27 -7.05
N GLY B 360 -52.51 -10.43 -8.26
CA GLY B 360 -53.78 -9.78 -8.63
C GLY B 360 -54.14 -9.91 -10.10
N SER B 361 -55.33 -9.42 -10.44
CA SER B 361 -55.83 -9.43 -11.83
C SER B 361 -55.09 -8.43 -12.72
N ASP B 362 -54.60 -7.34 -12.14
CA ASP B 362 -53.90 -6.28 -12.89
C ASP B 362 -52.37 -6.44 -12.96
N LYS B 363 -51.86 -7.64 -12.67
CA LYS B 363 -50.42 -7.87 -12.54
C LYS B 363 -49.72 -7.96 -13.89
N GLU B 364 -50.21 -8.84 -14.76
CA GLU B 364 -49.68 -9.00 -16.12
C GLU B 364 -49.88 -7.76 -17.02
N ASN B 365 -50.88 -6.95 -16.71
CA ASN B 365 -51.14 -5.69 -17.40
C ASN B 365 -50.01 -4.66 -17.21
N ILE B 366 -49.61 -4.45 -15.95
CA ILE B 366 -48.58 -3.45 -15.61
C ILE B 366 -47.12 -3.83 -15.93
N LYS B 367 -46.88 -5.08 -16.34
CA LYS B 367 -45.53 -5.57 -16.66
C LYS B 367 -44.72 -4.63 -17.56
N SER B 368 -45.35 -4.16 -18.64
CA SER B 368 -44.70 -3.24 -19.58
C SER B 368 -44.37 -1.88 -18.96
N GLN B 369 -45.26 -1.40 -18.08
CA GLN B 369 -45.07 -0.12 -17.40
C GLN B 369 -43.99 -0.15 -16.32
N VAL B 370 -43.90 -1.27 -15.59
CA VAL B 370 -42.94 -1.42 -14.49
C VAL B 370 -41.49 -1.53 -15.01
N GLU B 371 -41.29 -2.20 -16.14
CA GLU B 371 -39.97 -2.28 -16.78
C GLU B 371 -39.45 -0.91 -17.26
N ASN B 372 -40.36 -0.04 -17.67
CA ASN B 372 -40.01 1.34 -18.02
C ASN B 372 -39.59 2.18 -16.80
N LEU B 373 -40.24 1.92 -15.66
CA LEU B 373 -39.87 2.56 -14.38
C LEU B 373 -38.49 2.12 -13.88
N LYS B 374 -38.12 0.87 -14.17
CA LYS B 374 -36.76 0.37 -13.88
C LYS B 374 -35.70 1.04 -14.76
N ASN B 375 -36.01 1.17 -16.06
CA ASN B 375 -35.11 1.83 -17.01
C ASN B 375 -35.02 3.35 -16.83
N SER B 376 -36.06 3.96 -16.26
CA SER B 376 -36.06 5.40 -15.97
C SER B 376 -35.08 5.81 -14.86
N LEU B 377 -34.74 4.86 -13.98
CA LEU B 377 -33.74 5.08 -12.93
C LEU B 377 -32.36 5.44 -13.52
N ASP B 378 -31.97 4.74 -14.59
CA ASP B 378 -30.69 5.00 -15.27
C ASP B 378 -30.61 6.41 -15.87
N VAL B 379 -31.75 6.93 -16.33
CA VAL B 379 -31.84 8.29 -16.87
C VAL B 379 -31.81 9.32 -15.75
N LYS B 380 -32.52 9.04 -14.66
CA LYS B 380 -32.63 9.97 -13.52
C LYS B 380 -31.34 10.10 -12.69
N ILE B 381 -30.48 9.09 -12.74
CA ILE B 381 -29.13 9.19 -12.14
C ILE B 381 -28.27 10.21 -12.90
N SER B 382 -28.37 10.19 -14.24
CA SER B 382 -27.64 11.14 -15.10
C SER B 382 -28.02 12.60 -14.85
N GLU B 383 -29.29 12.83 -14.53
CA GLU B 383 -29.77 14.15 -14.13
C GLU B 383 -29.11 14.62 -12.84
N ALA B 384 -29.03 13.70 -11.86
CA ALA B 384 -28.34 13.95 -10.60
C ALA B 384 -26.82 14.07 -10.76
N MET B 385 -26.25 13.27 -11.68
CA MET B 385 -24.81 13.33 -11.96
C MET B 385 -24.39 14.65 -12.61
N ASN B 386 -25.20 15.17 -13.53
CA ASN B 386 -24.93 16.48 -14.15
C ASN B 386 -24.88 17.65 -13.15
N ASN B 387 -25.61 17.51 -12.05
CA ASN B 387 -25.48 18.46 -10.93
C ASN B 387 -24.17 18.26 -10.17
N ILE B 388 -23.80 17.01 -9.92
CA ILE B 388 -22.55 16.67 -9.21
C ILE B 388 -21.31 17.04 -10.03
N ASN B 389 -21.36 16.81 -11.34
CA ASN B 389 -20.29 17.23 -12.26
C ASN B 389 -20.09 18.75 -12.20
N LYS B 390 -21.19 19.49 -12.31
CA LYS B 390 -21.21 20.95 -12.17
C LYS B 390 -20.66 21.41 -10.81
N PHE B 391 -21.04 20.69 -9.75
CA PHE B 391 -20.55 20.98 -8.39
C PHE B 391 -19.05 20.69 -8.22
N ILE B 392 -18.62 19.52 -8.66
CA ILE B 392 -17.22 19.08 -8.56
C ILE B 392 -16.29 19.93 -9.47
N ARG B 393 -16.77 20.27 -10.67
CA ARG B 393 -16.01 21.13 -11.59
C ARG B 393 -15.70 22.49 -10.96
N GLU B 394 -16.68 23.07 -10.26
CA GLU B 394 -16.48 24.31 -9.48
C GLU B 394 -15.43 24.13 -8.40
N CYS B 395 -15.55 23.05 -7.63
CA CYS B 395 -14.60 22.76 -6.54
C CYS B 395 -13.16 22.61 -7.03
N SER B 396 -12.99 21.94 -8.17
CA SER B 396 -11.66 21.77 -8.78
C SER B 396 -11.07 23.10 -9.25
N VAL B 397 -11.91 23.92 -9.89
CA VAL B 397 -11.50 25.23 -10.41
C VAL B 397 -11.25 26.25 -9.29
N THR B 398 -12.12 26.26 -8.27
CA THR B 398 -11.97 27.19 -7.14
C THR B 398 -10.81 26.83 -6.20
N TYR B 399 -10.37 25.57 -6.21
CA TYR B 399 -9.15 25.15 -5.52
C TYR B 399 -7.93 25.85 -6.11
N LEU B 400 -7.84 25.83 -7.44
CA LEU B 400 -6.75 26.51 -8.16
C LEU B 400 -6.71 28.01 -7.87
N PHE B 401 -7.87 28.64 -7.76
CA PHE B 401 -7.95 30.10 -7.53
C PHE B 401 -7.60 30.54 -6.11
N LYS B 402 -8.08 29.81 -5.11
CA LYS B 402 -8.01 30.26 -3.71
C LYS B 402 -7.05 29.49 -2.78
N ASN B 403 -6.66 28.27 -3.15
CA ASN B 403 -5.70 27.47 -2.36
C ASN B 403 -4.28 27.52 -2.92
N MET B 404 -4.15 27.36 -4.24
CA MET B 404 -2.84 27.29 -4.90
C MET B 404 -2.30 28.67 -5.28
N LEU B 405 -3.10 29.41 -6.05
CA LEU B 405 -2.68 30.68 -6.67
C LEU B 405 -2.16 31.78 -5.71
N PRO B 406 -2.85 32.02 -4.57
CA PRO B 406 -2.34 32.99 -3.59
C PRO B 406 -0.94 32.68 -3.07
N LYS B 407 -0.66 31.41 -2.78
CA LYS B 407 0.68 30.98 -2.36
C LYS B 407 1.73 31.19 -3.46
N VAL B 408 1.34 31.01 -4.72
CA VAL B 408 2.22 31.23 -5.86
C VAL B 408 2.51 32.72 -6.07
N ILE B 409 1.48 33.56 -5.99
CA ILE B 409 1.63 35.01 -6.14
C ILE B 409 2.45 35.62 -4.98
N ASP B 410 2.20 35.15 -3.76
CA ASP B 410 2.99 35.57 -2.58
C ASP B 410 4.47 35.23 -2.74
N GLU B 411 4.77 34.04 -3.27
CA GLU B 411 6.15 33.63 -3.53
C GLU B 411 6.78 34.40 -4.72
N LEU B 412 5.94 34.74 -5.71
CA LEU B 412 6.37 35.60 -6.82
C LEU B 412 6.65 37.03 -6.37
N ASN B 413 5.84 37.55 -5.45
CA ASN B 413 6.08 38.88 -4.87
C ASN B 413 7.35 38.94 -4.01
N LYS B 414 7.67 37.84 -3.33
CA LYS B 414 8.97 37.69 -2.64
C LYS B 414 10.12 37.67 -3.64
N PHE B 415 9.95 36.92 -4.73
CA PHE B 415 10.92 36.89 -5.83
C PHE B 415 11.13 38.26 -6.47
N ASP B 416 10.03 39.01 -6.67
CA ASP B 416 10.10 40.37 -7.23
C ASP B 416 10.88 41.33 -6.33
N LEU B 417 10.57 41.33 -5.04
CA LEU B 417 11.25 42.18 -4.06
C LEU B 417 12.74 41.84 -3.92
N ARG B 418 13.06 40.55 -4.01
CA ARG B 418 14.45 40.08 -3.96
C ARG B 418 15.22 40.45 -5.24
N THR B 419 14.56 40.34 -6.39
CA THR B 419 15.14 40.74 -7.68
C THR B 419 15.28 42.27 -7.81
N LYS B 420 14.33 43.01 -7.24
CA LYS B 420 14.35 44.48 -7.28
C LYS B 420 15.49 45.05 -6.45
N THR B 421 15.67 44.52 -5.23
CA THR B 421 16.80 44.90 -4.36
C THR B 421 18.16 44.57 -5.00
N GLU B 422 18.19 43.51 -5.81
CA GLU B 422 19.39 43.15 -6.59
C GLU B 422 19.65 44.18 -7.70
N LEU B 423 18.58 44.58 -8.40
CA LEU B 423 18.67 45.56 -9.49
C LEU B 423 19.01 46.98 -9.01
N ILE B 424 18.49 47.38 -7.85
CA ILE B 424 18.83 48.67 -7.24
C ILE B 424 20.31 48.70 -6.87
N ASN B 425 20.78 47.66 -6.18
CA ASN B 425 22.19 47.53 -5.78
C ASN B 425 23.16 47.29 -6.95
N LEU B 426 22.66 46.77 -8.08
CA LEU B 426 23.45 46.66 -9.31
C LEU B 426 23.76 48.05 -9.89
N ILE B 427 22.76 48.94 -9.86
CA ILE B 427 22.93 50.32 -10.32
C ILE B 427 23.78 51.13 -9.32
N ASP B 428 23.59 50.87 -8.02
CA ASP B 428 24.41 51.53 -6.98
C ASP B 428 25.90 51.15 -7.05
N SER B 429 26.18 49.90 -7.44
CA SER B 429 27.56 49.45 -7.67
C SER B 429 28.19 50.12 -8.89
N HIS B 430 27.40 50.28 -9.95
CA HIS B 430 27.88 50.85 -11.22
C HIS B 430 27.21 52.19 -11.52
N ASN B 431 27.68 53.23 -10.82
CA ASN B 431 27.23 54.61 -11.02
C ASN B 431 27.95 55.28 -12.19
N ILE B 432 29.28 55.24 -12.14
CA ILE B 432 30.14 56.09 -12.98
C ILE B 432 30.21 55.60 -14.44
N ILE B 433 30.23 54.28 -14.64
CA ILE B 433 30.30 53.69 -15.97
C ILE B 433 29.04 53.96 -16.84
N LEU B 434 29.28 54.21 -18.13
CA LEU B 434 28.25 54.34 -19.17
C LEU B 434 27.12 55.37 -18.98
N VAL B 435 27.31 56.35 -18.08
CA VAL B 435 26.24 57.32 -17.78
C VAL B 435 26.52 58.71 -18.32
N GLY B 436 25.54 59.25 -19.05
CA GLY B 436 25.33 60.68 -19.17
C GLY B 436 24.21 61.08 -18.22
N GLU B 437 24.35 60.70 -16.95
CA GLU B 437 23.25 60.68 -15.97
C GLU B 437 21.98 60.01 -16.51
N VAL B 438 22.12 58.73 -16.85
CA VAL B 438 20.99 57.89 -17.25
C VAL B 438 20.50 57.07 -16.04
N ASP B 439 21.16 57.22 -14.89
CA ASP B 439 20.70 56.65 -13.61
C ASP B 439 19.28 57.08 -13.25
N ARG B 440 18.98 58.37 -13.44
CA ARG B 440 17.63 58.91 -13.22
C ARG B 440 16.60 58.29 -14.17
N LEU B 441 17.02 58.08 -15.42
CA LEU B 441 16.19 57.42 -16.43
C LEU B 441 16.00 55.92 -16.11
N LYS B 442 17.09 55.26 -15.71
CA LYS B 442 17.06 53.80 -15.41
C LYS B 442 16.36 53.46 -14.09
N ALA B 443 16.49 54.34 -13.09
CA ALA B 443 15.78 54.17 -11.82
C ALA B 443 14.26 54.27 -11.97
N LYS B 444 13.80 55.03 -12.97
CA LYS B 444 12.35 55.14 -13.28
C LYS B 444 11.75 53.92 -13.98
N VAL B 445 12.61 53.01 -14.48
CA VAL B 445 12.15 51.77 -15.15
C VAL B 445 11.62 50.74 -14.14
N ASN B 446 11.82 50.98 -12.83
CA ASN B 446 11.12 50.21 -11.77
C ASN B 446 9.59 50.20 -11.88
N GLU B 447 9.03 51.14 -12.63
CA GLU B 447 7.62 51.10 -13.04
C GLU B 447 7.20 49.78 -13.73
N SER B 448 8.16 49.05 -14.29
CA SER B 448 7.95 47.67 -14.76
C SER B 448 7.47 46.72 -13.65
N PHE B 449 8.04 46.85 -12.45
CA PHE B 449 7.59 46.08 -11.27
C PHE B 449 6.22 46.49 -10.74
N GLU B 450 5.78 47.72 -11.04
CA GLU B 450 4.47 48.24 -10.62
C GLU B 450 3.32 47.35 -11.13
N ASN B 451 3.30 47.09 -12.43
CA ASN B 451 2.32 46.19 -13.03
C ASN B 451 2.75 44.73 -12.93
N THR B 452 1.78 43.83 -12.75
CA THR B 452 2.04 42.39 -12.63
C THR B 452 1.17 41.61 -13.62
N MET B 453 1.61 40.39 -13.92
CA MET B 453 0.92 39.50 -14.87
C MET B 453 -0.24 38.79 -14.17
N PRO B 454 -1.50 39.02 -14.62
CA PRO B 454 -2.63 38.33 -14.00
C PRO B 454 -2.81 36.89 -14.48
N PHE B 455 -3.72 36.17 -13.82
CA PHE B 455 -4.10 34.80 -14.19
C PHE B 455 -5.62 34.68 -14.14
N ASN B 456 -6.19 34.07 -15.18
CA ASN B 456 -7.65 33.86 -15.31
C ASN B 456 -7.99 32.46 -15.80
N ILE B 457 -9.27 32.10 -15.70
CA ILE B 457 -9.75 30.76 -16.10
C ILE B 457 -10.94 30.92 -17.08
N PHE B 458 -11.02 30.01 -18.06
CA PHE B 458 -11.91 30.12 -19.23
C PHE B 458 -11.59 31.36 -20.07
N THR C 2 16.19 11.66 4.95
CA THR C 2 17.02 10.42 4.81
C THR C 2 18.42 10.65 5.41
N TRP C 3 18.54 10.40 6.71
CA TRP C 3 19.83 10.54 7.41
C TRP C 3 20.76 9.40 6.98
N PRO C 4 21.95 9.75 6.44
CA PRO C 4 22.80 8.73 5.81
C PRO C 4 23.50 7.81 6.81
N VAL C 5 23.66 6.55 6.42
CA VAL C 5 24.26 5.53 7.28
C VAL C 5 25.72 5.33 6.85
N LYS C 6 26.65 5.73 7.73
CA LYS C 6 28.08 5.62 7.45
C LYS C 6 28.55 4.18 7.61
N ASP C 7 29.37 3.72 6.66
CA ASP C 7 29.94 2.37 6.69
C ASP C 7 31.21 2.33 7.53
N PHE C 8 31.46 1.20 8.17
CA PHE C 8 32.60 1.01 9.07
C PHE C 8 33.11 -0.42 9.05
N ASN C 9 34.43 -0.58 9.16
CA ASN C 9 35.03 -1.82 9.65
C ASN C 9 35.24 -1.65 11.15
N TYR C 10 35.27 -2.76 11.89
CA TYR C 10 35.63 -2.73 13.31
C TYR C 10 37.11 -2.40 13.51
N SER C 11 37.94 -2.77 12.52
CA SER C 11 39.38 -2.48 12.54
C SER C 11 39.76 -1.00 12.35
N ASP C 12 38.80 -0.16 11.94
CA ASP C 12 39.04 1.29 11.78
C ASP C 12 39.43 1.94 13.12
N PRO C 13 40.52 2.74 13.13
CA PRO C 13 41.00 3.34 14.38
C PRO C 13 40.20 4.55 14.83
N VAL C 14 40.55 5.07 16.01
CA VAL C 14 39.92 6.26 16.58
C VAL C 14 40.33 7.51 15.81
N ASN C 15 39.35 8.34 15.46
CA ASN C 15 39.60 9.61 14.73
C ASN C 15 38.99 10.87 15.36
N ASP C 16 38.36 10.74 16.54
CA ASP C 16 37.71 11.86 17.25
C ASP C 16 36.69 12.61 16.38
N ASN C 17 35.85 11.83 15.68
CA ASN C 17 34.84 12.37 14.77
C ASN C 17 33.57 11.51 14.79
N ASP C 18 33.71 10.23 14.48
CA ASP C 18 32.63 9.25 14.63
C ASP C 18 33.11 7.83 15.02
N ILE C 19 34.28 7.73 15.65
CA ILE C 19 34.79 6.48 16.22
C ILE C 19 35.47 6.83 17.56
N LEU C 20 34.81 6.52 18.67
CA LEU C 20 35.28 6.90 20.02
C LEU C 20 35.30 5.71 20.98
N TYR C 21 35.89 5.94 22.15
CA TYR C 21 35.83 5.01 23.29
C TYR C 21 34.95 5.62 24.38
N LEU C 22 33.83 4.97 24.67
CA LEU C 22 32.81 5.52 25.57
C LEU C 22 32.86 4.95 26.99
N ARG C 23 32.31 5.72 27.93
CA ARG C 23 32.16 5.31 29.34
C ARG C 23 30.66 5.17 29.62
N ILE C 24 30.22 3.94 29.85
CA ILE C 24 28.80 3.62 30.08
C ILE C 24 28.65 2.99 31.48
N PRO C 25 28.25 3.80 32.49
CA PRO C 25 27.98 3.26 33.83
C PRO C 25 26.75 2.33 33.93
N GLN C 26 25.83 2.42 32.97
CA GLN C 26 24.62 1.59 32.97
C GLN C 26 24.91 0.10 32.78
N ASN C 27 25.94 -0.20 31.98
CA ASN C 27 26.37 -1.58 31.74
C ASN C 27 27.22 -2.08 32.91
N LYS C 28 26.67 -3.03 33.68
CA LYS C 28 27.38 -3.62 34.83
C LYS C 28 28.33 -4.76 34.45
N LEU C 29 28.22 -5.28 33.22
CA LEU C 29 29.07 -6.39 32.75
C LEU C 29 30.50 -5.92 32.51
N ILE C 30 30.64 -4.90 31.67
CA ILE C 30 31.94 -4.38 31.25
C ILE C 30 32.14 -3.00 31.90
N THR C 31 32.96 -2.97 32.95
CA THR C 31 33.30 -1.72 33.65
C THR C 31 34.33 -0.87 32.89
N THR C 32 35.21 -1.53 32.12
CA THR C 32 36.21 -0.83 31.31
C THR C 32 35.56 -0.12 30.12
N PRO C 33 36.17 0.97 29.60
CA PRO C 33 35.65 1.60 28.37
C PRO C 33 35.76 0.72 27.14
N VAL C 34 34.83 0.88 26.21
CA VAL C 34 34.75 0.06 24.99
C VAL C 34 34.50 0.92 23.76
N LYS C 35 34.80 0.35 22.59
CA LYS C 35 34.79 1.09 21.33
C LYS C 35 33.36 1.36 20.85
N ALA C 36 33.19 2.45 20.09
CA ALA C 36 31.89 2.89 19.59
C ALA C 36 31.99 3.42 18.16
N PHE C 37 30.86 3.42 17.47
CA PHE C 37 30.77 3.88 16.07
C PHE C 37 29.46 4.64 15.86
N MET C 38 29.56 5.90 15.43
CA MET C 38 28.37 6.70 15.09
C MET C 38 27.96 6.44 13.63
N ILE C 39 27.02 5.52 13.45
CA ILE C 39 26.49 5.19 12.10
C ILE C 39 25.73 6.37 11.47
N THR C 40 25.03 7.13 12.32
CA THR C 40 24.38 8.38 11.91
C THR C 40 24.24 9.29 13.12
N GLN C 41 23.85 10.54 12.89
CA GLN C 41 23.88 11.58 13.93
C GLN C 41 23.09 11.21 15.19
N ASN C 42 23.80 11.11 16.32
CA ASN C 42 23.21 10.76 17.63
C ASN C 42 22.63 9.33 17.73
N ILE C 43 23.16 8.40 16.93
CA ILE C 43 22.79 6.98 16.98
C ILE C 43 24.08 6.15 16.94
N TRP C 44 24.56 5.76 18.11
CA TRP C 44 25.85 5.06 18.26
C TRP C 44 25.66 3.55 18.42
N VAL C 45 26.50 2.79 17.73
CA VAL C 45 26.54 1.32 17.84
C VAL C 45 27.76 0.94 18.70
N ILE C 46 27.53 0.06 19.69
CA ILE C 46 28.59 -0.44 20.57
C ILE C 46 28.59 -1.97 20.52
N PRO C 47 29.48 -2.57 19.70
CA PRO C 47 29.59 -4.05 19.64
C PRO C 47 30.13 -4.72 20.92
N GLU C 48 29.29 -4.75 21.95
CA GLU C 48 29.62 -5.35 23.26
C GLU C 48 28.37 -5.87 23.94
N ARG C 49 28.53 -6.89 24.78
CA ARG C 49 27.41 -7.49 25.52
C ARG C 49 27.02 -6.63 26.73
N PHE C 50 25.72 -6.47 26.94
CA PHE C 50 25.17 -5.66 28.03
C PHE C 50 24.68 -6.57 29.17
N SER C 51 24.59 -6.01 30.38
CA SER C 51 23.92 -6.69 31.50
C SER C 51 23.49 -5.70 32.58
N SER C 52 22.24 -5.85 33.04
CA SER C 52 21.67 -4.98 34.08
C SER C 52 21.86 -5.52 35.50
N ASP C 53 22.25 -6.79 35.63
CA ASP C 53 22.29 -7.47 36.93
C ASP C 53 23.49 -7.06 37.77
N THR C 54 23.33 -7.16 39.10
CA THR C 54 24.43 -7.02 40.05
C THR C 54 25.18 -8.35 40.08
N ASN C 55 26.50 -8.28 39.91
CA ASN C 55 27.34 -9.48 39.71
C ASN C 55 26.83 -10.32 38.52
N PRO C 56 26.98 -9.78 37.29
CA PRO C 56 26.41 -10.41 36.09
C PRO C 56 27.18 -11.62 35.59
N SER C 57 26.58 -12.35 34.66
CA SER C 57 27.18 -13.56 34.10
C SER C 57 26.57 -13.90 32.74
N LEU C 58 27.41 -13.98 31.70
CA LEU C 58 26.98 -14.38 30.37
C LEU C 58 26.63 -15.87 30.26
N SER C 59 27.19 -16.68 31.16
CA SER C 59 26.95 -18.13 31.16
C SER C 59 25.51 -18.49 31.52
N LYS C 60 25.15 -19.74 31.24
CA LYS C 60 23.78 -20.23 31.40
C LYS C 60 23.43 -20.39 32.89
N PRO C 61 22.27 -19.84 33.31
CA PRO C 61 21.84 -19.98 34.71
C PRO C 61 21.28 -21.38 35.03
N PRO C 62 21.08 -21.69 36.33
CA PRO C 62 20.51 -23.00 36.70
C PRO C 62 19.02 -23.13 36.35
N ARG C 63 18.27 -22.04 36.49
CA ARG C 63 16.87 -21.97 36.08
C ARG C 63 16.64 -20.78 35.13
N PRO C 64 15.48 -20.75 34.43
CA PRO C 64 15.18 -19.59 33.58
C PRO C 64 14.80 -18.34 34.39
N THR C 65 15.26 -17.18 33.94
CA THR C 65 14.86 -15.88 34.50
C THR C 65 13.98 -15.08 33.50
N SER C 66 13.18 -15.81 32.73
CA SER C 66 12.24 -15.22 31.77
C SER C 66 11.21 -16.27 31.39
N LYS C 67 9.95 -15.84 31.25
CA LYS C 67 8.83 -16.76 31.02
C LYS C 67 8.88 -17.40 29.62
N TYR C 68 9.25 -16.60 28.62
CA TYR C 68 9.44 -17.08 27.25
C TYR C 68 10.85 -17.67 27.04
N GLN C 69 11.11 -18.19 25.84
CA GLN C 69 12.38 -18.83 25.48
C GLN C 69 13.62 -17.98 25.76
N SER C 70 14.70 -18.68 26.11
CA SER C 70 15.98 -18.07 26.44
C SER C 70 17.10 -18.77 25.66
N TYR C 71 18.18 -18.04 25.39
CA TYR C 71 19.35 -18.58 24.69
C TYR C 71 20.64 -17.98 25.25
N TYR C 72 21.61 -18.83 25.55
CA TYR C 72 22.84 -18.42 26.24
C TYR C 72 24.09 -18.87 25.49
N ASP C 73 25.02 -17.94 25.30
CA ASP C 73 26.32 -18.23 24.67
C ASP C 73 27.32 -17.09 25.00
N PRO C 74 28.23 -17.32 25.97
CA PRO C 74 29.29 -16.34 26.26
C PRO C 74 30.24 -16.06 25.09
N SER C 75 30.46 -17.04 24.22
CA SER C 75 31.34 -16.90 23.05
C SER C 75 30.88 -15.85 22.04
N TYR C 76 29.57 -15.60 21.95
CA TYR C 76 29.03 -14.61 21.01
C TYR C 76 29.46 -13.19 21.37
N LEU C 77 29.92 -12.45 20.36
CA LEU C 77 30.34 -11.04 20.49
C LEU C 77 31.54 -10.85 21.43
N SER C 78 32.44 -11.83 21.45
CA SER C 78 33.70 -11.76 22.19
C SER C 78 34.85 -11.42 21.26
N THR C 79 34.98 -12.17 20.17
CA THR C 79 36.02 -11.94 19.16
C THR C 79 35.73 -10.69 18.33
N ASP C 80 36.78 -10.11 17.78
CA ASP C 80 36.67 -8.90 16.94
C ASP C 80 35.97 -9.16 15.61
N GLU C 81 36.10 -10.38 15.09
CA GLU C 81 35.42 -10.78 13.85
C GLU C 81 33.90 -10.86 14.02
N GLN C 82 33.45 -11.35 15.18
CA GLN C 82 32.01 -11.33 15.52
C GLN C 82 31.48 -9.91 15.75
N LYS C 83 32.32 -9.05 16.32
CA LYS C 83 32.00 -7.62 16.46
C LYS C 83 31.93 -6.89 15.12
N ASP C 84 32.78 -7.31 14.17
CA ASP C 84 32.73 -6.81 12.80
C ASP C 84 31.47 -7.30 12.09
N THR C 85 31.12 -8.57 12.28
CA THR C 85 29.88 -9.14 11.75
C THR C 85 28.63 -8.50 12.40
N PHE C 86 28.75 -8.16 13.68
CA PHE C 86 27.69 -7.46 14.41
C PHE C 86 27.49 -6.02 13.94
N LEU C 87 28.60 -5.29 13.78
CA LEU C 87 28.56 -3.87 13.41
C LEU C 87 28.05 -3.66 11.98
N LYS C 88 28.54 -4.48 11.04
CA LYS C 88 28.06 -4.45 9.66
C LYS C 88 26.57 -4.78 9.53
N GLY C 89 26.07 -5.63 10.42
CA GLY C 89 24.65 -6.01 10.44
C GLY C 89 23.73 -4.84 10.74
N ILE C 90 24.02 -4.12 11.81
CA ILE C 90 23.21 -2.95 12.21
C ILE C 90 23.35 -1.81 11.20
N ILE C 91 24.54 -1.64 10.63
CA ILE C 91 24.77 -0.70 9.52
C ILE C 91 23.89 -1.07 8.31
N LYS C 92 23.83 -2.36 7.99
CA LYS C 92 22.99 -2.85 6.89
C LYS C 92 21.49 -2.71 7.18
N LEU C 93 21.10 -2.94 8.44
CA LEU C 93 19.69 -2.82 8.86
C LEU C 93 19.19 -1.37 8.85
N PHE C 94 20.05 -0.42 9.22
CA PHE C 94 19.69 1.01 9.16
C PHE C 94 19.53 1.52 7.71
N LYS C 95 20.30 0.95 6.78
CA LYS C 95 20.11 1.22 5.35
C LYS C 95 18.78 0.67 4.84
N ARG C 96 18.38 -0.49 5.35
CA ARG C 96 17.07 -1.08 5.03
C ARG C 96 15.90 -0.26 5.59
N ILE C 97 16.10 0.41 6.72
CA ILE C 97 15.09 1.34 7.27
C ILE C 97 14.86 2.53 6.32
N ASN C 98 15.94 3.03 5.70
CA ASN C 98 15.83 4.10 4.68
C ASN C 98 15.16 3.68 3.36
N GLU C 99 14.93 2.38 3.16
CA GLU C 99 14.22 1.87 1.98
C GLU C 99 12.76 2.34 1.88
N ARG C 100 12.13 2.63 3.02
CA ARG C 100 10.74 3.13 3.06
C ARG C 100 10.65 4.46 3.79
N ASP C 101 9.60 5.22 3.49
CA ASP C 101 9.43 6.60 3.97
C ASP C 101 9.15 6.69 5.48
N ILE C 102 8.36 5.74 5.99
CA ILE C 102 8.09 5.65 7.43
C ILE C 102 9.37 5.43 8.26
N GLY C 103 10.32 4.69 7.70
CA GLY C 103 11.63 4.48 8.33
C GLY C 103 12.53 5.69 8.32
N LYS C 104 12.51 6.44 7.21
CA LYS C 104 13.22 7.72 7.11
C LYS C 104 12.71 8.69 8.18
N LYS C 105 11.39 8.77 8.29
CA LYS C 105 10.72 9.64 9.27
C LYS C 105 10.93 9.17 10.72
N LEU C 106 11.00 7.85 10.92
CA LEU C 106 11.31 7.26 12.23
C LEU C 106 12.70 7.67 12.71
N ILE C 107 13.70 7.54 11.82
CA ILE C 107 15.07 7.93 12.13
C ILE C 107 15.17 9.44 12.39
N ASN C 108 14.46 10.24 11.58
CA ASN C 108 14.43 11.70 11.75
C ASN C 108 14.00 12.14 13.15
N TYR C 109 12.98 11.48 13.71
CA TYR C 109 12.55 11.74 15.09
C TYR C 109 13.67 11.41 16.09
N LEU C 110 14.32 10.27 15.91
CA LEU C 110 15.39 9.81 16.81
C LEU C 110 16.63 10.71 16.78
N VAL C 111 16.96 11.25 15.61
CA VAL C 111 18.15 12.12 15.45
C VAL C 111 17.93 13.47 16.14
N VAL C 112 16.86 14.17 15.76
CA VAL C 112 16.58 15.50 16.31
C VAL C 112 16.10 15.47 17.77
N GLY C 113 15.41 14.39 18.15
CA GLY C 113 14.80 14.29 19.48
C GLY C 113 15.78 13.97 20.59
N SER C 114 16.57 14.97 20.98
CA SER C 114 17.47 14.85 22.12
C SER C 114 16.69 15.03 23.42
N PRO C 115 17.12 14.35 24.52
CA PRO C 115 16.40 14.47 25.79
C PRO C 115 16.61 15.83 26.44
N PHE C 116 15.60 16.31 27.17
CA PHE C 116 15.63 17.64 27.78
C PHE C 116 16.66 17.71 28.90
N MET C 117 17.36 18.83 28.98
CA MET C 117 18.36 19.08 30.02
C MET C 117 17.66 19.56 31.30
N GLY C 118 16.97 18.63 31.97
CA GLY C 118 16.17 18.95 33.14
C GLY C 118 15.06 17.96 33.42
N ASP C 119 14.47 18.07 34.61
CA ASP C 119 13.38 17.21 35.06
C ASP C 119 12.59 17.91 36.18
N SER C 120 11.70 17.19 36.86
CA SER C 120 10.97 17.74 38.01
C SER C 120 11.89 18.21 39.14
N SER C 121 13.00 17.50 39.35
CA SER C 121 14.02 17.88 40.34
C SER C 121 14.66 19.25 40.04
N THR C 122 14.95 19.51 38.76
CA THR C 122 15.52 20.79 38.33
C THR C 122 14.47 21.90 38.42
N PRO C 123 14.87 23.14 38.77
CA PRO C 123 13.93 24.26 38.76
C PRO C 123 13.31 24.59 37.38
N GLU C 124 12.30 25.46 37.40
CA GLU C 124 11.56 25.84 36.19
C GLU C 124 12.31 26.79 35.24
N ASP C 125 13.46 27.33 35.68
CA ASP C 125 14.25 28.27 34.87
C ASP C 125 15.75 27.94 34.92
N THR C 126 16.08 26.67 34.67
CA THR C 126 17.47 26.19 34.70
C THR C 126 17.69 25.02 33.76
N PHE C 127 18.85 24.99 33.10
CA PHE C 127 19.33 23.82 32.36
C PHE C 127 20.38 23.08 33.21
N ASP C 128 20.16 21.79 33.47
CA ASP C 128 21.10 20.96 34.22
C ASP C 128 21.80 19.99 33.25
N PHE C 129 23.07 20.28 32.95
CA PHE C 129 23.85 19.51 31.97
C PHE C 129 24.64 18.32 32.56
N THR C 130 24.65 18.19 33.89
CA THR C 130 25.44 17.14 34.57
C THR C 130 24.79 15.75 34.58
N ARG C 131 23.50 15.65 34.24
CA ARG C 131 22.74 14.40 34.38
C ARG C 131 23.13 13.33 33.34
N HIS C 132 23.10 12.07 33.78
CA HIS C 132 23.50 10.92 32.94
C HIS C 132 22.47 10.56 31.85
N THR C 133 21.20 10.92 32.06
CA THR C 133 20.15 10.67 31.06
C THR C 133 20.31 11.47 29.77
N THR C 134 21.07 12.57 29.84
CA THR C 134 21.40 13.39 28.67
C THR C 134 22.82 13.10 28.15
N ASN C 135 23.81 13.15 29.06
CA ASN C 135 25.23 13.08 28.68
C ASN C 135 25.85 11.68 28.80
N ILE C 136 26.83 11.42 27.93
CA ILE C 136 27.69 10.22 27.99
C ILE C 136 29.14 10.67 27.77
N ALA C 137 30.07 10.11 28.54
CA ALA C 137 31.47 10.53 28.53
C ALA C 137 32.32 9.75 27.53
N VAL C 138 33.38 10.39 27.03
CA VAL C 138 34.35 9.81 26.09
C VAL C 138 35.71 9.72 26.79
N GLU C 139 36.50 8.70 26.44
CA GLU C 139 37.81 8.48 27.06
C GLU C 139 38.90 8.04 26.06
N LYS C 140 40.14 8.08 26.53
CA LYS C 140 41.32 7.65 25.74
C LYS C 140 42.36 6.96 26.64
N PHE C 141 43.15 6.07 26.03
CA PHE C 141 44.12 5.23 26.75
C PHE C 141 45.54 5.81 26.71
N GLU C 142 46.01 6.30 27.85
CA GLU C 142 47.38 6.84 27.99
C GLU C 142 47.95 6.61 29.40
N ASN C 143 49.22 6.19 29.46
CA ASN C 143 49.97 6.00 30.73
C ASN C 143 49.40 4.91 31.65
N GLY C 144 49.19 3.72 31.08
CA GLY C 144 48.76 2.54 31.85
C GLY C 144 47.34 2.56 32.39
N SER C 145 46.50 3.44 31.86
CA SER C 145 45.10 3.59 32.31
C SER C 145 44.31 4.48 31.34
N TRP C 146 42.99 4.47 31.47
CA TRP C 146 42.13 5.32 30.66
C TRP C 146 42.06 6.74 31.21
N LYS C 147 41.59 7.67 30.38
CA LYS C 147 41.58 9.10 30.71
C LYS C 147 40.43 9.81 29.99
N VAL C 148 39.67 10.62 30.74
CA VAL C 148 38.46 11.28 30.22
C VAL C 148 38.84 12.55 29.46
N THR C 149 38.22 12.77 28.30
CA THR C 149 38.53 13.90 27.41
C THR C 149 37.30 14.80 27.19
N ASN C 150 36.26 14.23 26.59
CA ASN C 150 35.06 14.98 26.19
C ASN C 150 33.77 14.21 26.51
N ILE C 151 32.63 14.86 26.26
CA ILE C 151 31.31 14.24 26.39
C ILE C 151 30.55 14.27 25.06
N ILE C 152 29.46 13.49 25.01
CA ILE C 152 28.50 13.53 23.90
C ILE C 152 27.08 13.43 24.44
N THR C 153 26.11 13.87 23.63
CA THR C 153 24.69 13.83 24.00
C THR C 153 23.91 12.99 22.99
N PRO C 154 24.06 11.65 23.05
CA PRO C 154 23.39 10.77 22.09
C PRO C 154 21.92 10.54 22.44
N SER C 155 21.19 10.02 21.46
CA SER C 155 19.79 9.64 21.62
C SER C 155 19.67 8.14 21.83
N VAL C 156 20.19 7.37 20.87
CA VAL C 156 20.12 5.91 20.87
C VAL C 156 21.52 5.33 21.08
N LEU C 157 21.61 4.24 21.86
CA LEU C 157 22.84 3.49 22.10
C LEU C 157 22.58 2.01 21.82
N ILE C 158 22.95 1.56 20.62
CA ILE C 158 22.66 0.20 20.17
C ILE C 158 23.75 -0.76 20.67
N PHE C 159 23.51 -1.34 21.85
CA PHE C 159 24.39 -2.35 22.45
C PHE C 159 24.13 -3.73 21.83
N GLY C 160 24.99 -4.68 22.21
CA GLY C 160 24.76 -6.10 21.94
C GLY C 160 23.76 -6.69 22.92
N PRO C 161 23.48 -8.00 22.80
CA PRO C 161 22.42 -8.62 23.60
C PRO C 161 22.73 -8.78 25.10
N LEU C 162 21.68 -9.02 25.87
CA LEU C 162 21.78 -9.38 27.29
C LEU C 162 22.36 -10.80 27.43
N PRO C 163 22.60 -11.28 28.68
CA PRO C 163 22.99 -12.69 28.83
C PRO C 163 22.01 -13.65 28.17
N ASN C 164 20.72 -13.40 28.39
CA ASN C 164 19.66 -13.99 27.57
C ASN C 164 19.58 -13.21 26.26
N ILE C 165 20.00 -13.85 25.18
CA ILE C 165 20.06 -13.21 23.86
C ILE C 165 18.65 -12.94 23.30
N LEU C 166 17.71 -13.84 23.57
CA LEU C 166 16.32 -13.72 23.07
C LEU C 166 15.43 -12.77 23.89
N ASP C 167 15.96 -12.19 24.98
CA ASP C 167 15.19 -11.26 25.82
C ASP C 167 14.83 -9.99 25.04
N TYR C 168 13.61 -9.97 24.50
CA TYR C 168 13.11 -8.83 23.72
C TYR C 168 12.46 -7.72 24.57
N THR C 169 12.34 -7.93 25.87
CA THR C 169 11.86 -6.90 26.82
C THR C 169 13.05 -6.26 27.54
N ALA C 170 14.06 -5.84 26.77
CA ALA C 170 15.31 -5.28 27.29
C ALA C 170 15.26 -3.77 27.40
N SER C 171 14.70 -3.11 26.37
CA SER C 171 14.55 -1.65 26.35
C SER C 171 13.55 -1.12 27.38
N LEU C 172 12.59 -1.95 27.78
CA LEU C 172 11.64 -1.61 28.84
C LEU C 172 12.32 -1.54 30.20
N THR C 173 13.18 -2.51 30.48
CA THR C 173 13.90 -2.60 31.75
C THR C 173 15.02 -1.55 31.83
N LEU C 174 14.64 -0.34 32.22
CA LEU C 174 15.59 0.74 32.50
C LEU C 174 15.89 0.79 34.00
N GLN C 175 16.93 1.55 34.36
CA GLN C 175 17.52 1.48 35.72
C GLN C 175 17.42 2.79 36.51
N GLY C 176 16.50 2.81 37.49
CA GLY C 176 16.45 3.85 38.52
C GLY C 176 16.08 5.26 38.06
N GLN C 177 17.09 6.11 37.89
CA GLN C 177 16.90 7.50 37.43
C GLN C 177 16.45 7.57 35.97
N GLN C 178 16.72 6.52 35.19
CA GLN C 178 16.26 6.40 33.80
C GLN C 178 14.78 5.95 33.78
N SER C 179 13.89 6.79 34.32
CA SER C 179 12.47 6.45 34.46
C SER C 179 11.59 7.70 34.55
N ASN C 180 11.80 8.52 35.57
CA ASN C 180 10.99 9.72 35.81
C ASN C 180 11.00 10.76 34.66
N PRO C 181 12.14 10.95 33.98
CA PRO C 181 12.14 11.75 32.75
C PRO C 181 11.33 11.15 31.59
N SER C 182 11.38 9.83 31.42
CA SER C 182 10.69 9.15 30.32
C SER C 182 9.16 9.22 30.39
N PHE C 183 8.62 9.30 31.61
CA PHE C 183 7.16 9.38 31.82
C PHE C 183 6.68 10.84 31.76
N GLU C 184 7.44 11.75 32.35
CA GLU C 184 6.99 13.14 32.59
C GLU C 184 7.26 14.13 31.44
N GLY C 185 7.55 13.64 30.24
CA GLY C 185 7.64 14.49 29.05
C GLY C 185 9.02 15.02 28.68
N PHE C 186 9.96 15.01 29.63
CA PHE C 186 11.29 15.59 29.42
C PHE C 186 12.13 14.76 28.46
N GLY C 187 12.20 13.45 28.73
CA GLY C 187 12.89 12.49 27.87
C GLY C 187 14.15 11.91 28.48
N THR C 188 14.62 10.82 27.86
CA THR C 188 15.86 10.16 28.27
C THR C 188 16.47 9.39 27.10
N LEU C 189 17.80 9.26 27.09
CA LEU C 189 18.51 8.45 26.10
C LEU C 189 18.14 6.96 26.25
N SER C 190 18.13 6.25 25.13
CA SER C 190 17.69 4.86 25.08
C SER C 190 18.86 3.92 24.82
N ILE C 191 18.94 2.86 25.62
CA ILE C 191 19.99 1.83 25.48
C ILE C 191 19.30 0.57 24.95
N LEU C 192 19.66 0.18 23.72
CA LEU C 192 19.07 -0.97 23.04
C LEU C 192 20.01 -2.17 23.07
N LYS C 193 19.47 -3.33 23.47
CA LYS C 193 20.26 -4.55 23.59
C LYS C 193 19.77 -5.55 22.53
N VAL C 194 20.30 -5.43 21.31
CA VAL C 194 19.78 -6.13 20.14
C VAL C 194 20.71 -7.27 19.69
N ALA C 195 20.10 -8.32 19.13
CA ALA C 195 20.81 -9.42 18.50
C ALA C 195 20.26 -9.62 17.07
N PRO C 196 20.86 -8.94 16.07
CA PRO C 196 20.39 -8.98 14.68
C PRO C 196 20.30 -10.39 14.05
N GLU C 197 21.34 -11.20 14.24
CA GLU C 197 21.44 -12.51 13.58
C GLU C 197 20.44 -13.54 14.15
N PHE C 198 20.17 -13.46 15.44
CA PHE C 198 19.19 -14.34 16.11
C PHE C 198 17.78 -13.79 15.91
N LEU C 199 16.94 -14.56 15.20
CA LEU C 199 15.60 -14.13 14.82
C LEU C 199 14.52 -14.95 15.51
N LEU C 200 13.55 -14.27 16.11
CA LEU C 200 12.35 -14.91 16.65
C LEU C 200 11.43 -15.30 15.49
N THR C 201 10.73 -16.43 15.65
CA THR C 201 9.87 -16.98 14.60
C THR C 201 8.40 -17.03 15.04
N PHE C 202 7.51 -17.03 14.05
CA PHE C 202 6.06 -17.09 14.27
C PHE C 202 5.44 -18.03 13.23
N SER C 203 4.11 -18.09 13.17
CA SER C 203 3.41 -18.85 12.12
C SER C 203 2.12 -18.17 11.69
N ASP C 204 1.67 -18.52 10.49
CA ASP C 204 0.43 -17.97 9.90
C ASP C 204 -0.68 -19.03 9.87
N VAL C 205 -0.78 -19.79 10.97
CA VAL C 205 -1.74 -20.89 11.08
C VAL C 205 -3.16 -20.34 11.30
N THR C 206 -3.26 -19.34 12.18
CA THR C 206 -4.55 -18.69 12.48
C THR C 206 -5.07 -17.83 11.32
N SER C 207 -4.16 -17.22 10.57
CA SER C 207 -4.52 -16.27 9.51
C SER C 207 -5.10 -16.95 8.26
N ASN C 208 -6.32 -16.58 7.91
CA ASN C 208 -6.94 -17.00 6.63
C ASN C 208 -6.30 -16.37 5.39
N GLN C 209 -5.65 -15.22 5.57
CA GLN C 209 -4.96 -14.50 4.48
C GLN C 209 -3.57 -15.07 4.14
N SER C 210 -3.19 -16.20 4.76
CA SER C 210 -1.94 -16.90 4.44
C SER C 210 -1.92 -17.49 3.02
N SER C 211 -0.76 -18.03 2.64
CA SER C 211 -0.57 -18.60 1.30
C SER C 211 -1.35 -19.90 1.07
N ALA C 212 -2.22 -19.90 0.06
CA ALA C 212 -2.95 -21.10 -0.37
C ALA C 212 -2.14 -21.99 -1.32
N VAL C 213 -1.03 -21.46 -1.87
CA VAL C 213 -0.21 -22.18 -2.84
C VAL C 213 0.64 -23.24 -2.15
N LEU C 214 1.59 -22.79 -1.31
CA LEU C 214 2.51 -23.68 -0.60
C LEU C 214 2.06 -24.03 0.82
N GLY C 215 1.07 -23.29 1.34
CA GLY C 215 0.37 -23.66 2.58
C GLY C 215 0.85 -22.91 3.81
N LYS C 216 0.56 -23.50 4.97
CA LYS C 216 0.84 -22.88 6.27
C LYS C 216 2.32 -23.02 6.59
N SER C 217 2.98 -21.89 6.84
CA SER C 217 4.43 -21.84 7.06
C SER C 217 4.77 -21.42 8.48
N ILE C 218 6.04 -21.58 8.83
CA ILE C 218 6.59 -21.08 10.08
C ILE C 218 7.62 -20.01 9.69
N PHE C 219 7.13 -18.80 9.41
CA PHE C 219 7.98 -17.69 8.97
C PHE C 219 8.82 -17.13 10.11
N CYS C 220 10.04 -16.68 9.79
CA CYS C 220 10.89 -15.95 10.73
C CYS C 220 10.56 -14.46 10.67
N MET C 221 10.81 -13.75 11.76
CA MET C 221 10.63 -12.30 11.80
C MET C 221 11.82 -11.63 11.11
N ASP C 222 11.54 -10.64 10.26
CA ASP C 222 12.60 -9.91 9.55
C ASP C 222 13.32 -8.99 10.55
N PRO C 223 14.67 -9.03 10.58
CA PRO C 223 15.42 -8.27 11.60
C PRO C 223 15.23 -6.74 11.59
N VAL C 224 14.89 -6.17 10.44
CA VAL C 224 14.58 -4.74 10.35
C VAL C 224 13.30 -4.40 11.12
N ILE C 225 12.33 -5.31 11.12
CA ILE C 225 11.07 -5.12 11.85
C ILE C 225 11.32 -5.27 13.35
N ALA C 226 12.16 -6.24 13.72
CA ALA C 226 12.60 -6.43 15.10
C ALA C 226 13.37 -5.22 15.63
N LEU C 227 14.24 -4.67 14.80
CA LEU C 227 15.02 -3.48 15.16
C LEU C 227 14.15 -2.22 15.25
N MET C 228 13.34 -1.99 14.22
CA MET C 228 12.41 -0.84 14.19
C MET C 228 11.41 -0.88 15.34
N HIS C 229 10.92 -2.08 15.69
CA HIS C 229 10.08 -2.28 16.86
C HIS C 229 10.78 -1.82 18.13
N GLU C 230 12.04 -2.23 18.29
CA GLU C 230 12.83 -1.87 19.46
C GLU C 230 13.23 -0.38 19.46
N LEU C 231 13.45 0.18 18.27
CA LEU C 231 13.70 1.63 18.10
C LEU C 231 12.48 2.50 18.45
N THR C 232 11.27 1.95 18.30
CA THR C 232 10.04 2.64 18.68
C THR C 232 9.91 2.84 20.20
N HIS C 233 10.55 1.98 20.99
CA HIS C 233 10.66 2.19 22.44
C HIS C 233 11.61 3.34 22.77
N SER C 234 12.71 3.46 22.01
CA SER C 234 13.58 4.64 22.09
C SER C 234 12.83 5.91 21.68
N LEU C 235 12.02 5.79 20.63
CA LEU C 235 11.16 6.89 20.16
C LEU C 235 10.22 7.39 21.27
N HIS C 236 9.65 6.45 22.02
CA HIS C 236 8.79 6.80 23.16
C HIS C 236 9.59 7.30 24.37
N GLN C 237 10.76 6.71 24.61
CA GLN C 237 11.66 7.13 25.69
C GLN C 237 12.17 8.56 25.53
N LEU C 238 12.62 8.88 24.32
CA LEU C 238 13.21 10.20 24.01
C LEU C 238 12.20 11.34 24.06
N TYR C 239 11.03 11.13 23.45
CA TYR C 239 9.99 12.17 23.38
C TYR C 239 9.13 12.31 24.65
N GLY C 240 9.34 11.42 25.63
CA GLY C 240 8.68 11.54 26.93
C GLY C 240 7.24 11.09 26.93
N ILE C 241 6.92 10.09 26.10
CA ILE C 241 5.59 9.49 26.05
C ILE C 241 5.66 7.99 26.39
N ASN C 242 6.60 7.64 27.27
CA ASN C 242 6.75 6.27 27.74
C ASN C 242 5.61 5.98 28.73
N ILE C 243 4.97 4.82 28.56
CA ILE C 243 3.90 4.37 29.46
C ILE C 243 4.56 3.42 30.45
N PRO C 244 4.44 3.69 31.77
CA PRO C 244 5.21 2.95 32.76
C PRO C 244 4.81 1.48 32.95
N SER C 245 5.65 0.73 33.66
CA SER C 245 5.37 -0.68 33.98
C SER C 245 4.25 -0.87 35.02
N ASP C 246 3.86 0.22 35.70
CA ASP C 246 2.66 0.24 36.54
C ASP C 246 1.41 -0.12 35.73
N LYS C 247 1.29 0.49 34.55
CA LYS C 247 0.22 0.17 33.60
C LYS C 247 0.56 -1.15 32.91
N ARG C 248 -0.26 -2.17 33.12
CA ARG C 248 0.08 -3.54 32.70
C ARG C 248 -1.13 -4.45 32.51
N ILE C 249 -0.88 -5.57 31.84
CA ILE C 249 -1.82 -6.70 31.78
C ILE C 249 -1.15 -7.86 32.49
N ARG C 250 -1.85 -8.48 33.44
CA ARG C 250 -1.32 -9.61 34.22
C ARG C 250 -1.92 -10.93 33.70
N PRO C 251 -1.11 -12.01 33.70
CA PRO C 251 -1.61 -13.30 33.28
C PRO C 251 -2.29 -14.05 34.41
N GLN C 252 -3.48 -14.60 34.15
CA GLN C 252 -4.18 -15.44 35.12
C GLN C 252 -3.72 -16.89 34.97
N VAL C 253 -2.94 -17.36 35.93
CA VAL C 253 -2.51 -18.75 36.01
C VAL C 253 -3.39 -19.43 37.06
N SER C 254 -4.35 -20.22 36.60
CA SER C 254 -5.34 -20.87 37.48
C SER C 254 -5.56 -22.32 37.09
N GLU C 255 -5.82 -23.16 38.09
CA GLU C 255 -6.16 -24.57 37.86
C GLU C 255 -7.59 -24.67 37.31
N GLY C 256 -7.85 -25.73 36.55
CA GLY C 256 -9.13 -25.93 35.87
C GLY C 256 -9.00 -25.83 34.36
N PHE C 257 -8.29 -24.81 33.89
CA PHE C 257 -8.06 -24.57 32.46
C PHE C 257 -6.58 -24.24 32.21
N PHE C 258 -6.08 -24.67 31.06
CA PHE C 258 -4.67 -24.51 30.72
C PHE C 258 -4.38 -23.14 30.12
N SER C 259 -4.04 -22.19 30.99
CA SER C 259 -3.55 -20.87 30.58
C SER C 259 -2.03 -20.86 30.60
N GLN C 260 -1.45 -19.82 30.01
CA GLN C 260 -0.01 -19.63 29.97
C GLN C 260 0.47 -18.99 31.27
N ASP C 261 1.62 -19.46 31.77
CA ASP C 261 2.36 -18.74 32.81
C ASP C 261 3.18 -17.68 32.09
N GLY C 262 2.51 -16.59 31.73
CA GLY C 262 3.10 -15.54 30.88
C GLY C 262 3.78 -14.45 31.68
N PRO C 263 4.30 -13.42 30.98
CA PRO C 263 4.86 -12.24 31.62
C PRO C 263 3.83 -11.12 31.73
N ASN C 264 4.20 -10.05 32.43
CA ASN C 264 3.40 -8.83 32.47
C ASN C 264 3.59 -8.05 31.17
N VAL C 265 2.56 -8.08 30.31
CA VAL C 265 2.58 -7.33 29.06
C VAL C 265 2.17 -5.89 29.38
N GLN C 266 3.13 -4.98 29.23
CA GLN C 266 2.93 -3.57 29.56
C GLN C 266 2.12 -2.85 28.50
N PHE C 267 1.63 -1.66 28.84
CA PHE C 267 0.85 -0.83 27.92
C PHE C 267 1.69 -0.32 26.74
N GLU C 268 2.98 -0.10 26.96
CA GLU C 268 3.90 0.35 25.91
C GLU C 268 4.15 -0.73 24.84
N GLU C 269 4.23 -1.99 25.25
CA GLU C 269 4.39 -3.10 24.30
C GLU C 269 3.18 -3.28 23.37
N LEU C 270 1.99 -3.08 23.92
CA LEU C 270 0.76 -3.11 23.12
C LEU C 270 0.72 -1.92 22.14
N TYR C 271 1.19 -0.75 22.60
CA TYR C 271 1.31 0.45 21.76
C TYR C 271 2.30 0.26 20.60
N THR C 272 3.52 -0.18 20.92
CA THR C 272 4.58 -0.33 19.92
C THR C 272 4.33 -1.44 18.90
N PHE C 273 3.53 -2.45 19.27
CA PHE C 273 3.07 -3.46 18.31
C PHE C 273 1.97 -2.87 17.43
N GLY C 274 0.96 -2.27 18.07
CA GLY C 274 -0.13 -1.59 17.37
C GLY C 274 -1.26 -2.50 16.95
N GLY C 275 -2.08 -2.01 16.02
CA GLY C 275 -3.16 -2.80 15.42
C GLY C 275 -4.35 -3.02 16.34
N LEU C 276 -4.91 -4.22 16.28
CA LEU C 276 -6.09 -4.58 17.07
C LEU C 276 -5.81 -4.69 18.57
N ASP C 277 -4.59 -5.09 18.93
CA ASP C 277 -4.24 -5.38 20.33
C ASP C 277 -4.07 -4.13 21.22
N VAL C 278 -4.05 -2.94 20.62
CA VAL C 278 -4.14 -1.68 21.37
C VAL C 278 -5.54 -1.54 21.99
N GLU C 279 -6.57 -2.13 21.36
CA GLU C 279 -7.94 -2.08 21.86
C GLU C 279 -8.17 -2.85 23.18
N ILE C 280 -7.16 -3.63 23.62
CA ILE C 280 -7.14 -4.18 24.98
C ILE C 280 -7.10 -3.04 26.02
N ILE C 281 -6.38 -1.97 25.69
CA ILE C 281 -6.42 -0.74 26.47
C ILE C 281 -7.62 0.08 25.95
N PRO C 282 -8.64 0.33 26.81
CA PRO C 282 -9.81 1.07 26.35
C PRO C 282 -9.55 2.57 26.15
N GLN C 283 -10.47 3.24 25.46
CA GLN C 283 -10.31 4.66 25.10
C GLN C 283 -10.17 5.60 26.31
N ILE C 284 -10.88 5.29 27.39
CA ILE C 284 -10.78 6.07 28.64
C ILE C 284 -9.39 5.98 29.29
N GLU C 285 -8.74 4.82 29.17
CA GLU C 285 -7.34 4.64 29.63
C GLU C 285 -6.35 5.38 28.73
N ARG C 286 -6.55 5.28 27.42
CA ARG C 286 -5.68 5.96 26.43
C ARG C 286 -5.81 7.49 26.47
N SER C 287 -7.04 7.98 26.64
CA SER C 287 -7.31 9.43 26.69
C SER C 287 -6.58 10.13 27.84
N GLN C 288 -6.49 9.46 28.99
CA GLN C 288 -5.75 9.99 30.14
C GLN C 288 -4.25 10.15 29.85
N LEU C 289 -3.67 9.23 29.07
CA LEU C 289 -2.26 9.30 28.68
C LEU C 289 -1.97 10.43 27.68
N ARG C 290 -2.93 10.72 26.80
CA ARG C 290 -2.83 11.83 25.86
C ARG C 290 -2.92 13.18 26.59
N GLU C 291 -3.91 13.32 27.46
CA GLU C 291 -4.15 14.56 28.20
C GLU C 291 -3.06 14.87 29.24
N LYS C 292 -2.44 13.84 29.80
CA LYS C 292 -1.36 14.01 30.77
C LYS C 292 -0.06 14.45 30.09
N ALA C 293 0.25 13.84 28.95
CA ALA C 293 1.41 14.23 28.12
C ALA C 293 1.27 15.64 27.55
N LEU C 294 0.05 16.04 27.22
CA LEU C 294 -0.25 17.42 26.80
C LEU C 294 0.09 18.43 27.91
N GLY C 295 -0.25 18.09 29.15
CA GLY C 295 0.11 18.89 30.31
C GLY C 295 1.61 18.97 30.56
N HIS C 296 2.31 17.87 30.30
CA HIS C 296 3.78 17.84 30.38
C HIS C 296 4.46 18.70 29.32
N TYR C 297 3.89 18.73 28.11
CA TYR C 297 4.43 19.53 27.00
C TYR C 297 4.25 21.04 27.21
N LYS C 298 3.11 21.45 27.77
CA LYS C 298 2.86 22.86 28.13
C LYS C 298 3.77 23.36 29.25
N ASP C 299 4.16 22.46 30.16
CA ASP C 299 5.14 22.76 31.20
C ASP C 299 6.53 23.02 30.61
N ILE C 300 6.90 22.24 29.60
CA ILE C 300 8.16 22.42 28.87
C ILE C 300 8.15 23.72 28.05
N ALA C 301 6.98 24.09 27.51
CA ALA C 301 6.82 25.36 26.79
C ALA C 301 7.03 26.58 27.71
N LYS C 302 6.47 26.53 28.90
CA LYS C 302 6.64 27.59 29.91
C LYS C 302 8.07 27.67 30.46
N ARG C 303 8.78 26.54 30.49
CA ARG C 303 10.20 26.52 30.89
C ARG C 303 11.07 27.32 29.92
N LEU C 304 10.92 27.04 28.63
CA LEU C 304 11.71 27.71 27.57
C LEU C 304 11.54 29.24 27.52
N ASN C 305 10.39 29.73 27.99
CA ASN C 305 10.14 31.17 28.10
C ASN C 305 10.98 31.86 29.18
N ASN C 306 11.19 31.19 30.32
CA ASN C 306 11.72 31.81 31.54
C ASN C 306 13.14 31.40 31.98
N ILE C 307 13.80 30.49 31.27
CA ILE C 307 15.14 30.00 31.66
C ILE C 307 16.20 31.10 31.55
N ASN C 308 16.79 31.45 32.70
CA ASN C 308 17.87 32.43 32.79
C ASN C 308 19.22 31.77 33.05
N LYS C 309 19.32 31.05 34.17
CA LYS C 309 20.59 30.45 34.62
C LYS C 309 20.82 29.07 34.01
N THR C 310 22.03 28.53 34.24
CA THR C 310 22.42 27.19 33.80
C THR C 310 23.29 26.50 34.86
N ILE C 311 23.54 25.21 34.66
CA ILE C 311 24.39 24.39 35.54
C ILE C 311 25.28 23.46 34.70
N PRO C 312 26.60 23.68 34.63
CA PRO C 312 27.32 24.76 35.34
C PRO C 312 27.08 26.17 34.79
N SER C 313 27.69 27.15 35.45
CA SER C 313 27.58 28.56 35.05
C SER C 313 28.33 28.90 33.75
N SER C 314 29.27 28.05 33.36
CA SER C 314 30.00 28.21 32.09
C SER C 314 29.14 27.94 30.83
N TRP C 315 27.99 27.27 31.00
CA TRP C 315 27.09 26.95 29.87
C TRP C 315 25.99 28.00 29.61
N ILE C 316 26.20 29.26 30.02
CA ILE C 316 25.28 30.37 29.70
C ILE C 316 25.31 30.70 28.20
N SER C 317 26.47 30.49 27.56
CA SER C 317 26.62 30.73 26.11
C SER C 317 25.75 29.82 25.23
N ASN C 318 25.46 28.60 25.71
CA ASN C 318 24.68 27.61 24.95
C ASN C 318 23.22 27.49 25.44
N ILE C 319 22.55 28.64 25.61
CA ILE C 319 21.12 28.69 25.95
C ILE C 319 20.31 28.64 24.66
N ASP C 320 20.60 29.56 23.74
CA ASP C 320 19.88 29.68 22.47
C ASP C 320 20.10 28.50 21.50
N LYS C 321 21.20 27.76 21.67
CA LYS C 321 21.46 26.55 20.89
C LYS C 321 20.43 25.47 21.19
N TYR C 322 20.31 25.12 22.48
CA TYR C 322 19.38 24.08 22.93
C TYR C 322 17.90 24.51 22.91
N LYS C 323 17.64 25.81 22.97
CA LYS C 323 16.26 26.32 22.85
C LYS C 323 15.63 25.98 21.50
N LYS C 324 16.39 26.14 20.42
CA LYS C 324 15.94 25.77 19.08
C LYS C 324 15.81 24.24 18.91
N ILE C 325 16.75 23.49 19.48
CA ILE C 325 16.79 22.03 19.34
C ILE C 325 15.57 21.37 19.98
N PHE C 326 15.22 21.80 21.20
CA PHE C 326 14.04 21.29 21.90
C PHE C 326 12.72 21.85 21.35
N SER C 327 12.77 23.07 20.80
CA SER C 327 11.60 23.65 20.11
C SER C 327 11.31 22.92 18.79
N GLU C 328 12.36 22.56 18.05
CA GLU C 328 12.24 21.71 16.85
C GLU C 328 11.72 20.30 17.16
N LYS C 329 12.11 19.77 18.32
CA LYS C 329 11.67 18.45 18.78
C LYS C 329 10.17 18.42 19.08
N TYR C 330 9.75 19.23 20.06
CA TYR C 330 8.36 19.22 20.55
C TYR C 330 7.36 19.97 19.65
N ASN C 331 7.86 20.73 18.68
CA ASN C 331 7.03 21.40 17.66
C ASN C 331 6.14 22.49 18.27
N PHE C 332 6.77 23.42 18.99
CA PHE C 332 6.09 24.58 19.57
C PHE C 332 5.96 25.69 18.53
N ASP C 333 4.75 26.21 18.35
CA ASP C 333 4.54 27.43 17.56
C ASP C 333 4.96 28.65 18.38
N LYS C 334 5.25 29.74 17.67
CA LYS C 334 5.63 31.01 18.31
C LYS C 334 4.51 32.04 18.16
N ASP C 335 3.94 32.45 19.29
CA ASP C 335 2.97 33.55 19.33
C ASP C 335 3.67 34.91 19.12
N ASN C 336 2.89 35.99 19.07
CA ASN C 336 3.42 37.34 18.82
C ASN C 336 3.86 38.12 20.08
N THR C 337 4.52 37.42 21.01
CA THR C 337 5.12 38.04 22.22
C THR C 337 6.56 37.55 22.46
N GLY C 338 7.21 37.02 21.42
CA GLY C 338 8.55 36.42 21.56
C GLY C 338 8.64 35.22 22.48
N ASN C 339 7.55 34.45 22.57
CA ASN C 339 7.44 33.28 23.47
C ASN C 339 7.11 32.01 22.69
N PHE C 340 7.17 30.88 23.39
CA PHE C 340 6.78 29.57 22.85
C PHE C 340 5.41 29.15 23.39
N VAL C 341 4.66 28.40 22.59
CA VAL C 341 3.33 27.90 22.97
C VAL C 341 3.02 26.59 22.22
N VAL C 342 2.24 25.73 22.87
CA VAL C 342 1.91 24.41 22.33
C VAL C 342 0.67 24.50 21.45
N ASN C 343 0.81 24.10 20.18
CA ASN C 343 -0.32 24.02 19.25
C ASN C 343 -1.01 22.66 19.38
N ILE C 344 -2.34 22.67 19.42
CA ILE C 344 -3.13 21.45 19.64
C ILE C 344 -3.09 20.53 18.43
N ASP C 345 -3.24 21.10 17.24
CA ASP C 345 -3.27 20.32 15.98
C ASP C 345 -1.92 19.67 15.66
N LYS C 346 -0.82 20.39 15.90
CA LYS C 346 0.53 19.85 15.71
C LYS C 346 0.96 18.89 16.83
N PHE C 347 0.41 19.08 18.03
CA PHE C 347 0.60 18.11 19.13
C PHE C 347 -0.16 16.82 18.85
N ASN C 348 -1.41 16.94 18.42
CA ASN C 348 -2.25 15.78 18.09
C ASN C 348 -1.68 14.98 16.91
N SER C 349 -1.13 15.69 15.91
CA SER C 349 -0.46 15.06 14.78
C SER C 349 0.85 14.38 15.20
N LEU C 350 1.56 14.97 16.15
CA LEU C 350 2.81 14.40 16.68
C LEU C 350 2.55 13.16 17.53
N TYR C 351 1.66 13.29 18.53
CA TYR C 351 1.36 12.21 19.47
C TYR C 351 0.73 10.99 18.77
N SER C 352 -0.14 11.24 17.79
CA SER C 352 -0.74 10.16 17.00
C SER C 352 0.28 9.38 16.19
N ASP C 353 1.22 10.10 15.55
CA ASP C 353 2.30 9.48 14.77
C ASP C 353 3.15 8.54 15.62
N LEU C 354 3.60 9.03 16.77
CA LEU C 354 4.50 8.27 17.66
C LEU C 354 3.84 6.99 18.21
N THR C 355 2.55 7.05 18.49
CA THR C 355 1.80 5.94 19.11
C THR C 355 1.06 5.06 18.09
N ASN C 356 0.20 5.68 17.30
CA ASN C 356 -0.69 4.97 16.37
C ASN C 356 -0.04 4.55 15.05
N VAL C 357 0.68 5.47 14.42
CA VAL C 357 1.29 5.23 13.11
C VAL C 357 2.59 4.43 13.25
N MET C 358 3.49 4.93 14.10
CA MET C 358 4.78 4.28 14.36
C MET C 358 4.57 3.05 15.25
N SER C 359 4.33 1.91 14.60
CA SER C 359 4.11 0.63 15.30
C SER C 359 4.48 -0.56 14.41
N GLU C 360 4.63 -1.73 15.03
CA GLU C 360 5.16 -2.93 14.36
C GLU C 360 4.27 -3.45 13.22
N VAL C 361 2.95 -3.50 13.45
CA VAL C 361 2.00 -3.95 12.42
C VAL C 361 1.99 -3.06 11.18
N VAL C 362 2.23 -1.76 11.39
CA VAL C 362 2.33 -0.80 10.28
C VAL C 362 3.62 -1.02 9.49
N TYR C 363 4.72 -1.26 10.20
CA TYR C 363 6.02 -1.52 9.55
C TYR C 363 5.98 -2.79 8.69
N SER C 364 5.35 -3.84 9.22
CA SER C 364 5.23 -5.12 8.50
C SER C 364 4.47 -5.00 7.16
N SER C 365 3.47 -4.12 7.13
CA SER C 365 2.71 -3.87 5.89
C SER C 365 3.48 -2.98 4.91
N GLN C 366 4.07 -1.90 5.43
CA GLN C 366 4.83 -0.93 4.62
C GLN C 366 6.04 -1.55 3.93
N TYR C 367 6.77 -2.39 4.67
CA TYR C 367 8.01 -3.01 4.17
C TYR C 367 7.80 -4.27 3.33
N ASN C 368 6.55 -4.74 3.22
CA ASN C 368 6.22 -5.93 2.44
C ASN C 368 7.00 -7.14 2.96
N VAL C 369 6.64 -7.57 4.17
CA VAL C 369 7.26 -8.74 4.82
C VAL C 369 6.23 -9.49 5.64
N LYS C 370 6.48 -10.78 5.85
CA LYS C 370 5.65 -11.61 6.73
C LYS C 370 5.97 -11.26 8.18
N ASN C 371 4.92 -11.09 8.99
CA ASN C 371 5.09 -10.72 10.39
C ASN C 371 3.91 -11.19 11.25
N ARG C 372 4.00 -10.97 12.55
CA ARG C 372 2.94 -11.33 13.50
C ARG C 372 1.68 -10.52 13.21
N THR C 373 0.56 -11.21 13.00
CA THR C 373 -0.75 -10.57 12.83
C THR C 373 -1.26 -9.97 14.14
N HIS C 374 -0.97 -10.66 15.26
CA HIS C 374 -1.32 -10.19 16.60
C HIS C 374 -0.22 -10.52 17.62
N TYR C 375 -0.26 -9.84 18.76
CA TYR C 375 0.80 -9.90 19.77
C TYR C 375 0.95 -11.27 20.45
N PHE C 376 -0.16 -11.97 20.67
CA PHE C 376 -0.14 -13.30 21.32
C PHE C 376 -0.08 -14.47 20.33
N SER C 377 0.67 -14.30 19.23
CA SER C 377 1.00 -15.40 18.33
C SER C 377 2.07 -16.28 18.97
N ARG C 378 2.06 -17.56 18.65
CA ARG C 378 2.99 -18.52 19.26
C ARG C 378 4.42 -18.25 18.81
N HIS C 379 5.33 -18.21 19.77
CA HIS C 379 6.76 -18.11 19.50
C HIS C 379 7.29 -19.51 19.21
N TYR C 380 7.44 -19.83 17.93
CA TYR C 380 8.02 -21.12 17.51
C TYR C 380 9.53 -21.15 17.77
N LEU C 381 10.15 -22.31 17.54
CA LEU C 381 11.59 -22.50 17.75
C LEU C 381 12.42 -21.47 16.95
N PRO C 382 13.23 -20.64 17.65
CA PRO C 382 13.94 -19.54 16.97
C PRO C 382 15.07 -20.01 16.05
N VAL C 383 15.57 -19.08 15.23
CA VAL C 383 16.55 -19.38 14.18
C VAL C 383 17.71 -18.38 14.15
N PHE C 384 18.75 -18.75 13.41
CA PHE C 384 19.97 -17.96 13.23
C PHE C 384 20.28 -17.86 11.74
N ALA C 385 20.79 -16.70 11.32
CA ALA C 385 21.14 -16.47 9.92
C ALA C 385 22.11 -15.30 9.77
N ASN C 386 23.16 -15.50 8.97
CA ASN C 386 24.15 -14.45 8.70
C ASN C 386 23.60 -13.47 7.66
N ILE C 387 23.22 -12.29 8.12
CA ILE C 387 22.53 -11.29 7.27
C ILE C 387 23.43 -10.49 6.32
N LEU C 388 24.76 -10.62 6.46
CA LEU C 388 25.70 -9.87 5.63
C LEU C 388 25.86 -10.46 4.22
N ASP C 389 25.65 -11.76 4.08
CA ASP C 389 25.70 -12.43 2.77
C ASP C 389 24.51 -12.00 1.92
N ASP C 390 24.79 -11.32 0.80
CA ASP C 390 23.74 -10.82 -0.10
C ASP C 390 22.95 -11.92 -0.82
N ASN C 391 23.52 -13.12 -0.89
CA ASN C 391 22.79 -14.31 -1.38
C ASN C 391 21.66 -14.75 -0.45
N ILE C 392 21.82 -14.49 0.85
CA ILE C 392 20.81 -14.79 1.86
C ILE C 392 19.88 -13.58 2.08
N TYR C 393 20.48 -12.42 2.37
CA TYR C 393 19.74 -11.24 2.83
C TYR C 393 20.25 -9.94 2.20
N THR C 394 19.37 -9.22 1.49
CA THR C 394 19.72 -7.93 0.86
C THR C 394 19.03 -6.77 1.56
N ILE C 395 19.45 -5.55 1.21
CA ILE C 395 18.90 -4.33 1.80
C ILE C 395 17.53 -3.98 1.20
N ARG C 396 17.39 -4.16 -0.11
CA ARG C 396 16.15 -3.80 -0.81
C ARG C 396 15.00 -4.78 -0.53
N ASP C 397 15.28 -6.08 -0.62
CA ASP C 397 14.26 -7.13 -0.49
C ASP C 397 14.23 -7.85 0.87
N GLY C 398 15.39 -8.04 1.49
CA GLY C 398 15.50 -8.86 2.69
C GLY C 398 15.75 -10.31 2.31
N PHE C 399 15.04 -11.23 2.95
CA PHE C 399 15.15 -12.67 2.65
C PHE C 399 14.48 -13.08 1.34
N ASN C 400 13.50 -12.30 0.88
CA ASN C 400 12.63 -12.69 -0.23
C ASN C 400 13.21 -12.28 -1.59
N LEU C 401 14.19 -13.06 -2.04
CA LEU C 401 14.97 -12.76 -3.24
C LEU C 401 14.45 -13.52 -4.46
N THR C 402 14.33 -12.81 -5.58
CA THR C 402 13.79 -13.37 -6.83
C THR C 402 14.71 -14.43 -7.46
N ASN C 403 16.02 -14.27 -7.28
CA ASN C 403 17.02 -15.18 -7.87
C ASN C 403 16.96 -16.61 -7.32
N LYS C 404 16.62 -16.76 -6.04
CA LYS C 404 16.49 -18.08 -5.39
C LYS C 404 15.07 -18.68 -5.46
N GLY C 405 14.15 -18.02 -6.15
CA GLY C 405 12.77 -18.47 -6.26
C GLY C 405 11.94 -18.17 -5.02
N PHE C 406 12.22 -17.02 -4.39
CA PHE C 406 11.42 -16.50 -3.28
C PHE C 406 10.79 -15.16 -3.68
N ASN C 407 9.69 -14.81 -3.01
CA ASN C 407 8.93 -13.58 -3.35
C ASN C 407 7.87 -13.09 -2.33
N ILE C 408 7.87 -13.62 -1.10
CA ILE C 408 6.75 -13.52 -0.13
C ILE C 408 5.44 -14.13 -0.68
N GLU C 409 4.72 -14.84 0.18
CA GLU C 409 3.61 -15.73 -0.24
C GLU C 409 4.23 -17.02 -0.80
N ASN C 410 5.12 -16.87 -1.78
CA ASN C 410 6.21 -17.82 -2.01
C ASN C 410 7.46 -17.24 -1.33
N SER C 411 7.46 -17.26 0.00
CA SER C 411 8.44 -16.52 0.82
C SER C 411 9.79 -17.20 1.00
N GLY C 412 10.82 -16.39 1.22
CA GLY C 412 12.13 -16.84 1.66
C GLY C 412 12.30 -16.83 3.18
N GLN C 413 11.31 -16.28 3.88
CA GLN C 413 11.30 -16.27 5.35
C GLN C 413 10.83 -17.60 5.95
N ASN C 414 10.28 -18.50 5.12
CA ASN C 414 9.91 -19.85 5.57
C ASN C 414 11.16 -20.68 5.90
N ILE C 415 11.13 -21.37 7.03
CA ILE C 415 12.26 -22.17 7.52
C ILE C 415 12.38 -23.47 6.73
N GLU C 416 11.24 -24.11 6.46
CA GLU C 416 11.18 -25.32 5.62
C GLU C 416 11.83 -25.14 4.24
N ARG C 417 11.55 -24.00 3.61
CA ARG C 417 12.02 -23.72 2.24
C ARG C 417 13.16 -22.70 2.20
N ASN C 418 14.05 -22.75 3.19
CA ASN C 418 15.26 -21.90 3.20
C ASN C 418 16.31 -22.48 4.16
N PRO C 419 17.42 -23.03 3.61
CA PRO C 419 18.47 -23.59 4.47
C PRO C 419 19.33 -22.53 5.17
N ALA C 420 19.30 -21.28 4.69
CA ALA C 420 19.99 -20.17 5.34
C ALA C 420 19.44 -19.86 6.74
N LEU C 421 18.13 -20.01 6.91
CA LEU C 421 17.49 -19.87 8.23
C LEU C 421 17.79 -21.11 9.07
N GLN C 422 18.93 -21.08 9.75
CA GLN C 422 19.45 -22.22 10.50
C GLN C 422 18.77 -22.33 11.86
N LYS C 423 18.32 -23.53 12.23
CA LYS C 423 17.69 -23.77 13.53
C LYS C 423 18.72 -23.87 14.64
N LEU C 424 18.28 -23.61 15.87
CA LEU C 424 19.12 -23.72 17.06
C LEU C 424 18.85 -25.04 17.79
N SER C 425 19.86 -25.56 18.47
CA SER C 425 19.75 -26.86 19.16
C SER C 425 18.95 -26.77 20.46
N SER C 426 18.57 -27.93 20.98
CA SER C 426 17.77 -28.03 22.21
C SER C 426 18.58 -27.80 23.50
N GLU C 427 19.91 -27.86 23.41
CA GLU C 427 20.78 -27.72 24.58
C GLU C 427 20.92 -26.27 25.03
N SER C 428 21.32 -25.41 24.10
CA SER C 428 21.55 -23.98 24.39
C SER C 428 20.28 -23.20 24.69
N VAL C 429 19.17 -23.57 24.04
CA VAL C 429 17.85 -22.97 24.33
C VAL C 429 17.34 -23.44 25.70
N VAL C 430 16.71 -22.52 26.44
CA VAL C 430 16.21 -22.76 27.79
C VAL C 430 14.82 -22.13 27.95
N ASP C 431 13.88 -22.90 28.48
CA ASP C 431 12.51 -22.41 28.73
C ASP C 431 11.85 -23.17 29.89
N LEU C 432 10.85 -22.54 30.49
CA LEU C 432 9.99 -23.18 31.49
C LEU C 432 9.16 -24.32 30.89
N PHE C 433 8.50 -25.08 31.75
CA PHE C 433 7.56 -26.12 31.34
C PHE C 433 6.32 -26.11 32.24
N THR C 434 5.26 -26.75 31.74
CA THR C 434 4.03 -26.94 32.48
C THR C 434 3.67 -28.41 32.43
N LYS C 435 4.07 -29.15 33.47
CA LYS C 435 3.84 -30.60 33.55
C LYS C 435 2.36 -30.94 33.69
N VAL C 436 1.83 -31.60 32.67
CA VAL C 436 0.48 -32.17 32.71
C VAL C 436 0.64 -33.62 33.15
N CYS C 437 0.05 -33.96 34.31
CA CYS C 437 0.21 -35.28 34.92
C CYS C 437 -1.12 -35.93 35.24
N VAL C 438 -1.15 -37.26 35.16
CA VAL C 438 -2.26 -38.07 35.67
C VAL C 438 -1.80 -38.72 36.97
N ASP C 439 -0.75 -39.53 36.88
CA ASP C 439 -0.20 -40.30 38.01
C ASP C 439 -1.24 -41.23 38.64
N GLY C 440 -1.74 -42.17 37.82
CA GLY C 440 -2.77 -43.12 38.24
C GLY C 440 -3.33 -43.90 37.07
N ILE C 441 -4.30 -44.78 37.36
CA ILE C 441 -4.94 -45.62 36.34
C ILE C 441 -6.06 -44.85 35.66
N ILE C 442 -6.11 -44.92 34.33
CA ILE C 442 -7.24 -44.45 33.53
C ILE C 442 -7.86 -45.66 32.84
N THR C 443 -9.19 -45.64 32.71
CA THR C 443 -9.93 -46.75 32.09
C THR C 443 -11.20 -46.24 31.39
N SER C 444 -11.54 -46.85 30.26
CA SER C 444 -12.69 -46.46 29.46
C SER C 444 -13.98 -47.04 30.04
N GLY D 54 -13.66 -49.36 21.68
CA GLY D 54 -13.01 -50.67 22.00
C GLY D 54 -12.92 -50.93 23.49
N GLY D 55 -12.31 -50.00 24.21
CA GLY D 55 -12.13 -50.09 25.67
C GLY D 55 -10.66 -50.08 26.08
N GLY D 56 -10.39 -50.54 27.29
CA GLY D 56 -9.02 -50.72 27.80
C GLY D 56 -8.70 -49.93 29.06
N SER D 57 -8.00 -50.58 29.99
CA SER D 57 -7.43 -49.94 31.17
C SER D 57 -5.99 -49.53 30.85
N ALA D 58 -5.46 -48.56 31.60
CA ALA D 58 -4.11 -48.02 31.33
C ALA D 58 -3.51 -47.31 32.55
N LEU D 59 -2.35 -47.77 33.00
CA LEU D 59 -1.62 -47.15 34.12
C LEU D 59 -0.77 -45.99 33.60
N VAL D 60 -1.28 -44.77 33.77
CA VAL D 60 -0.62 -43.57 33.27
C VAL D 60 0.36 -43.03 34.31
N LEU D 61 1.56 -43.58 34.31
CA LEU D 61 2.71 -42.97 34.97
C LEU D 61 3.32 -41.99 33.97
N GLN D 62 4.27 -41.18 34.42
CA GLN D 62 5.05 -40.28 33.54
C GLN D 62 4.25 -39.07 33.03
N CYS D 63 4.78 -37.87 33.25
CA CYS D 63 4.12 -36.62 32.88
C CYS D 63 4.51 -36.16 31.48
N ILE D 64 3.82 -35.13 30.98
CA ILE D 64 4.13 -34.50 29.70
C ILE D 64 4.52 -33.05 29.94
N LYS D 65 5.78 -32.73 29.66
CA LYS D 65 6.29 -31.37 29.77
C LYS D 65 5.83 -30.53 28.57
N VAL D 66 4.76 -29.75 28.79
CA VAL D 66 4.25 -28.82 27.79
C VAL D 66 5.06 -27.53 27.91
N LYS D 67 5.57 -27.06 26.77
CA LYS D 67 6.42 -25.87 26.72
C LYS D 67 5.57 -24.62 27.00
N ASN D 68 6.17 -23.61 27.62
CA ASN D 68 5.42 -22.43 28.08
C ASN D 68 4.87 -21.57 26.92
N ASN D 69 5.59 -21.53 25.79
CA ASN D 69 5.15 -20.79 24.60
C ASN D 69 3.99 -21.50 23.87
N ARG D 70 3.89 -22.81 24.05
CA ARG D 70 2.81 -23.62 23.48
C ARG D 70 1.43 -23.27 24.05
N LEU D 71 1.36 -22.95 25.34
CA LEU D 71 0.09 -22.64 26.02
C LEU D 71 -0.42 -21.23 25.67
N PRO D 72 -1.76 -21.03 25.66
CA PRO D 72 -2.34 -19.74 25.30
C PRO D 72 -2.34 -18.72 26.44
N TYR D 73 -2.04 -17.46 26.11
CA TYR D 73 -2.04 -16.37 27.08
C TYR D 73 -3.47 -15.99 27.45
N VAL D 74 -3.79 -16.00 28.74
CA VAL D 74 -5.10 -15.61 29.25
C VAL D 74 -4.90 -14.53 30.31
N ALA D 75 -5.45 -13.34 30.06
CA ALA D 75 -5.26 -12.21 30.96
C ALA D 75 -6.20 -12.26 32.17
N ASP D 76 -5.81 -11.56 33.22
CA ASP D 76 -6.62 -11.40 34.42
C ASP D 76 -7.59 -10.24 34.20
N LYS D 77 -8.88 -10.48 34.43
CA LYS D 77 -9.91 -9.45 34.22
C LYS D 77 -9.84 -8.29 35.22
N ASP D 78 -9.26 -8.55 36.40
CA ASP D 78 -9.02 -7.48 37.40
C ASP D 78 -7.95 -6.49 36.93
N SER D 79 -7.00 -6.97 36.13
CA SER D 79 -5.90 -6.15 35.62
C SER D 79 -6.24 -5.23 34.45
N ILE D 80 -7.41 -5.41 33.82
CA ILE D 80 -7.79 -4.65 32.62
C ILE D 80 -8.21 -3.21 32.97
N SER D 81 -9.42 -3.05 33.50
CA SER D 81 -10.00 -1.72 33.77
C SER D 81 -11.24 -1.84 34.63
N GLN D 82 -11.44 -0.86 35.52
CA GLN D 82 -12.60 -0.82 36.42
C GLN D 82 -13.33 0.53 36.37
N GLU D 83 -13.13 1.31 35.32
CA GLU D 83 -13.70 2.66 35.21
C GLU D 83 -15.21 2.64 34.98
N ILE D 84 -15.68 1.69 34.19
CA ILE D 84 -17.12 1.50 33.93
C ILE D 84 -17.92 1.03 35.16
N PHE D 85 -17.24 0.38 36.11
CA PHE D 85 -17.88 -0.15 37.34
C PHE D 85 -17.84 0.83 38.53
N GLU D 86 -16.83 1.71 38.56
CA GLU D 86 -16.73 2.75 39.60
C GLU D 86 -17.80 3.82 39.44
N ASN D 87 -18.34 4.30 40.55
CA ASN D 87 -19.37 5.34 40.54
C ASN D 87 -18.81 6.69 40.10
N LYS D 88 -19.68 7.51 39.52
CA LYS D 88 -19.30 8.80 38.94
C LYS D 88 -20.30 9.89 39.36
N ILE D 89 -19.77 11.03 39.80
CA ILE D 89 -20.58 12.18 40.21
C ILE D 89 -20.68 13.13 39.00
N ILE D 90 -21.85 13.22 38.40
CA ILE D 90 -22.08 14.06 37.22
C ILE D 90 -22.27 15.51 37.66
N THR D 91 -21.63 16.43 36.93
CA THR D 91 -21.63 17.86 37.23
C THR D 91 -21.91 18.68 35.96
N ASP D 92 -21.95 20.00 36.11
CA ASP D 92 -22.14 20.92 34.96
C ASP D 92 -20.83 21.31 34.24
N GLU D 93 -19.75 20.54 34.42
CA GLU D 93 -18.44 20.84 33.83
C GLU D 93 -17.69 19.55 33.47
N THR D 94 -18.35 18.69 32.69
CA THR D 94 -17.80 17.41 32.25
C THR D 94 -18.04 17.25 30.75
N ASN D 95 -16.97 17.07 29.97
CA ASN D 95 -17.05 16.98 28.51
C ASN D 95 -15.77 16.39 27.91
N VAL D 96 -15.87 15.89 26.67
CA VAL D 96 -14.76 15.30 25.89
C VAL D 96 -13.81 14.41 26.70
N VAL D 114 10.45 14.39 7.13
CA VAL D 114 10.33 15.60 6.32
C VAL D 114 11.65 16.43 6.26
N PRO D 115 12.83 15.76 6.31
CA PRO D 115 14.08 16.54 6.23
C PRO D 115 14.44 16.91 4.77
N ILE D 116 14.74 18.19 4.54
CA ILE D 116 15.24 18.65 3.23
C ILE D 116 16.68 18.16 2.97
N ASN D 117 17.55 18.30 3.96
CA ASN D 117 18.96 17.90 3.86
C ASN D 117 19.62 17.84 5.24
N PRO D 118 20.11 16.64 5.65
CA PRO D 118 20.83 16.52 6.91
C PRO D 118 22.31 16.91 6.78
N GLU D 119 22.91 17.34 7.89
CA GLU D 119 24.34 17.67 7.96
C GLU D 119 25.00 16.84 9.06
N ILE D 120 26.08 16.15 8.71
CA ILE D 120 26.85 15.34 9.67
C ILE D 120 27.79 16.27 10.44
N VAL D 121 27.48 16.52 11.72
CA VAL D 121 28.24 17.43 12.59
C VAL D 121 29.12 16.61 13.53
N ASP D 122 30.24 17.20 13.96
CA ASP D 122 31.13 16.57 14.96
C ASP D 122 30.43 16.65 16.33
N PRO D 123 30.25 15.50 17.01
CA PRO D 123 29.45 15.46 18.24
C PRO D 123 30.16 15.87 19.53
N LEU D 124 31.48 16.05 19.50
CA LEU D 124 32.27 16.32 20.72
C LEU D 124 31.91 17.65 21.39
N LEU D 125 32.00 17.68 22.71
CA LEU D 125 31.61 18.83 23.53
C LEU D 125 32.53 18.96 24.76
N PRO D 126 32.52 20.13 25.43
CA PRO D 126 33.35 20.29 26.65
C PRO D 126 32.86 19.43 27.82
N ASN D 127 33.79 18.74 28.47
CA ASN D 127 33.48 17.76 29.52
C ASN D 127 33.01 18.41 30.83
N VAL D 128 31.70 18.37 31.07
CA VAL D 128 31.16 18.69 32.39
C VAL D 128 31.46 17.52 33.34
N ASN D 129 31.92 17.85 34.55
CA ASN D 129 32.36 16.85 35.51
C ASN D 129 31.18 16.22 36.25
N MET D 130 30.76 15.06 35.76
CA MET D 130 29.57 14.36 36.28
C MET D 130 29.88 13.58 37.55
N GLU D 131 28.83 13.22 38.27
CA GLU D 131 28.91 12.35 39.45
C GLU D 131 28.83 10.89 39.02
N PRO D 132 29.34 9.95 39.85
CA PRO D 132 29.22 8.53 39.52
C PRO D 132 27.79 8.02 39.70
N LEU D 133 27.24 7.38 38.68
CA LEU D 133 25.85 6.93 38.70
C LEU D 133 25.69 5.71 39.61
N ASN D 134 25.41 5.96 40.88
CA ASN D 134 25.17 4.90 41.86
C ASN D 134 23.76 4.35 41.71
N LEU D 135 23.66 3.10 41.24
CA LEU D 135 22.38 2.41 41.06
C LEU D 135 22.48 0.97 41.54
N PRO D 136 21.35 0.37 42.00
CA PRO D 136 21.40 -0.95 42.63
C PRO D 136 21.63 -2.12 41.67
N GLY D 137 21.13 -2.02 40.44
CA GLY D 137 21.13 -3.12 39.49
C GLY D 137 19.87 -3.94 39.64
N GLU D 138 19.52 -4.67 38.58
CA GLU D 138 18.28 -5.44 38.56
C GLU D 138 18.36 -6.67 39.47
N GLU D 139 17.33 -6.85 40.30
CA GLU D 139 17.24 -8.01 41.20
C GLU D 139 16.86 -9.24 40.38
N ILE D 140 17.67 -10.29 40.47
CA ILE D 140 17.47 -11.50 39.66
C ILE D 140 16.34 -12.34 40.26
N VAL D 141 15.34 -12.66 39.43
CA VAL D 141 14.17 -13.43 39.84
C VAL D 141 14.06 -14.68 38.96
N PHE D 142 14.30 -15.85 39.56
CA PHE D 142 14.10 -17.13 38.88
C PHE D 142 12.61 -17.52 38.89
N TYR D 143 12.24 -18.47 38.03
CA TYR D 143 10.84 -18.90 37.88
C TYR D 143 10.70 -20.43 37.88
N ASP D 144 9.62 -20.92 38.48
CA ASP D 144 9.35 -22.37 38.65
C ASP D 144 8.54 -22.95 37.49
N ASP D 145 8.70 -24.25 37.29
CA ASP D 145 7.81 -25.03 36.42
C ASP D 145 6.50 -25.29 37.17
N ILE D 146 5.44 -25.60 36.43
CA ILE D 146 4.10 -25.77 36.99
C ILE D 146 3.64 -27.23 36.84
N THR D 147 3.36 -27.87 37.96
CA THR D 147 2.69 -29.17 37.97
C THR D 147 1.18 -28.92 37.87
N LYS D 148 0.47 -29.80 37.16
CA LYS D 148 -0.97 -29.66 36.97
C LYS D 148 -1.61 -31.03 36.75
N TYR D 149 -2.49 -31.42 37.66
CA TYR D 149 -3.07 -32.78 37.66
C TYR D 149 -4.37 -32.86 36.86
N VAL D 150 -4.60 -34.03 36.28
CA VAL D 150 -5.60 -34.25 35.23
C VAL D 150 -6.26 -35.62 35.41
N ASP D 151 -7.56 -35.69 35.13
CA ASP D 151 -8.37 -36.90 35.37
C ASP D 151 -8.52 -37.85 34.16
N TYR D 152 -8.29 -37.33 32.94
CA TYR D 152 -8.41 -38.13 31.71
C TYR D 152 -7.31 -37.79 30.69
N LEU D 153 -7.08 -38.68 29.74
CA LEU D 153 -6.08 -38.45 28.69
C LEU D 153 -6.54 -37.32 27.76
N ASN D 154 -6.01 -36.12 27.99
CA ASN D 154 -6.52 -34.88 27.37
C ASN D 154 -5.73 -34.44 26.12
N SER D 155 -6.01 -33.23 25.63
CA SER D 155 -5.34 -32.62 24.45
C SER D 155 -3.83 -32.89 24.33
N TYR D 156 -3.13 -32.74 25.44
CA TYR D 156 -1.66 -32.82 25.46
C TYR D 156 -1.16 -34.27 25.48
N TYR D 157 -1.94 -35.17 26.08
CA TYR D 157 -1.70 -36.63 25.98
C TYR D 157 -2.00 -37.17 24.58
N TYR D 158 -3.12 -36.73 24.00
CA TYR D 158 -3.49 -37.13 22.63
C TYR D 158 -2.51 -36.60 21.56
N LEU D 159 -1.89 -35.45 21.80
CA LEU D 159 -0.82 -34.94 20.93
C LEU D 159 0.50 -35.70 21.10
N GLU D 160 0.79 -36.13 22.34
CA GLU D 160 1.96 -37.00 22.60
C GLU D 160 1.87 -38.37 21.95
N SER D 161 0.65 -38.91 21.85
CA SER D 161 0.41 -40.22 21.23
C SER D 161 0.65 -40.23 19.72
N GLN D 162 0.51 -39.07 19.07
CA GLN D 162 0.74 -38.94 17.61
C GLN D 162 2.20 -38.74 17.22
N LYS D 163 3.06 -38.39 18.18
CA LYS D 163 4.48 -38.08 17.90
C LYS D 163 5.30 -39.30 17.49
N LEU D 164 6.28 -39.07 16.62
CA LEU D 164 7.30 -40.07 16.28
C LEU D 164 8.33 -40.15 17.39
N SER D 165 8.92 -41.33 17.57
CA SER D 165 10.06 -41.52 18.48
C SER D 165 11.34 -41.03 17.81
N ASN D 166 12.39 -40.86 18.61
CA ASN D 166 13.71 -40.48 18.09
C ASN D 166 14.35 -41.66 17.37
N ASN D 167 14.79 -41.44 16.13
CA ASN D 167 15.34 -42.48 15.25
C ASN D 167 14.36 -43.64 15.03
N VAL D 168 13.32 -43.36 14.24
CA VAL D 168 12.26 -44.34 13.96
C VAL D 168 12.74 -45.51 13.10
N GLU D 169 12.25 -46.70 13.41
CA GLU D 169 12.49 -47.90 12.60
C GLU D 169 11.13 -48.31 12.00
N ASN D 170 10.60 -49.50 12.32
CA ASN D 170 9.29 -49.92 11.81
C ASN D 170 8.20 -49.27 12.66
N ILE D 171 7.16 -48.76 11.99
CA ILE D 171 6.02 -48.11 12.66
C ILE D 171 4.69 -48.60 12.09
N THR D 172 3.65 -48.54 12.93
CA THR D 172 2.29 -48.94 12.55
C THR D 172 1.28 -48.01 13.23
N LEU D 173 0.25 -47.61 12.49
CA LEU D 173 -0.81 -46.76 13.04
C LEU D 173 -1.75 -47.57 13.92
N THR D 174 -2.45 -46.88 14.82
CA THR D 174 -3.42 -47.54 15.71
C THR D 174 -4.54 -46.58 16.14
N THR D 175 -5.77 -47.11 16.21
CA THR D 175 -6.93 -46.36 16.68
C THR D 175 -6.97 -46.17 18.21
N SER D 176 -6.19 -46.97 18.95
CA SER D 176 -6.12 -46.86 20.41
C SER D 176 -5.05 -45.85 20.85
N VAL D 177 -5.49 -44.82 21.58
CA VAL D 177 -4.58 -43.83 22.18
C VAL D 177 -3.70 -44.44 23.28
N GLU D 178 -4.22 -45.45 23.99
CA GLU D 178 -3.47 -46.17 25.03
C GLU D 178 -2.29 -46.92 24.42
N GLU D 179 -2.55 -47.65 23.35
CA GLU D 179 -1.55 -48.44 22.64
C GLU D 179 -0.43 -47.59 22.03
N ALA D 180 -0.79 -46.41 21.53
CA ALA D 180 0.17 -45.48 20.91
C ALA D 180 1.15 -44.87 21.92
N LEU D 181 0.65 -44.52 23.09
CA LEU D 181 1.50 -44.02 24.19
C LEU D 181 2.38 -45.12 24.79
N GLY D 182 1.86 -46.35 24.85
CA GLY D 182 2.58 -47.49 25.42
C GLY D 182 3.83 -47.90 24.65
N TYR D 183 3.69 -48.08 23.34
CA TYR D 183 4.78 -48.53 22.47
C TYR D 183 5.28 -47.39 21.57
N SER D 184 6.60 -47.30 21.43
CA SER D 184 7.24 -46.28 20.59
C SER D 184 7.00 -46.53 19.09
N ASN D 185 6.91 -47.79 18.71
CA ASN D 185 6.56 -48.17 17.33
C ASN D 185 5.11 -47.82 16.94
N LYS D 186 4.18 -47.91 17.89
CA LYS D 186 2.78 -47.55 17.66
C LYS D 186 2.58 -46.03 17.67
N ILE D 187 1.77 -45.53 16.73
CA ILE D 187 1.43 -44.10 16.63
C ILE D 187 -0.09 -43.94 16.52
N TYR D 188 -0.63 -42.98 17.25
CA TYR D 188 -2.08 -42.73 17.28
C TYR D 188 -2.55 -42.06 15.97
N THR D 189 -3.75 -42.42 15.54
CA THR D 189 -4.44 -41.74 14.44
C THR D 189 -5.93 -41.62 14.75
N PHE D 190 -6.53 -40.54 14.24
CA PHE D 190 -7.95 -40.21 14.49
C PHE D 190 -8.84 -40.53 13.28
N LEU D 191 -8.26 -41.17 12.26
CA LEU D 191 -8.97 -41.61 11.06
C LEU D 191 -8.85 -43.13 10.98
N PRO D 192 -9.92 -43.88 11.37
CA PRO D 192 -9.91 -45.34 11.28
C PRO D 192 -9.67 -45.91 9.86
N SER D 193 -10.15 -45.19 8.84
CA SER D 193 -9.91 -45.57 7.44
C SER D 193 -8.42 -45.51 7.07
N LEU D 194 -7.72 -44.49 7.54
CA LEU D 194 -6.29 -44.31 7.31
C LEU D 194 -5.45 -45.44 7.95
N ALA D 195 -5.85 -45.87 9.15
CA ALA D 195 -5.16 -46.95 9.87
C ALA D 195 -5.17 -48.29 9.12
N GLU D 196 -6.25 -48.56 8.39
CA GLU D 196 -6.38 -49.78 7.60
C GLU D 196 -5.38 -49.81 6.43
N LYS D 197 -5.45 -48.78 5.60
CA LYS D 197 -4.67 -48.71 4.35
C LYS D 197 -3.17 -48.50 4.55
N VAL D 198 -2.80 -47.80 5.63
CA VAL D 198 -1.39 -47.53 5.95
C VAL D 198 -0.69 -48.79 6.48
N ASN D 199 -1.32 -49.50 7.41
CA ASN D 199 -0.72 -50.68 8.05
C ASN D 199 -0.49 -51.90 7.14
N LYS D 200 -1.28 -52.02 6.07
CA LYS D 200 -1.14 -53.13 5.12
C LYS D 200 0.21 -53.09 4.38
N GLY D 201 0.52 -51.94 3.80
CA GLY D 201 1.70 -51.77 2.96
C GLY D 201 1.43 -52.26 1.55
N VAL D 202 2.49 -52.61 0.82
CA VAL D 202 2.38 -53.05 -0.57
C VAL D 202 2.18 -54.58 -0.57
N GLN D 203 0.93 -54.99 -0.36
CA GLN D 203 0.54 -56.40 -0.36
C GLN D 203 0.00 -56.79 -1.73
N ALA D 204 0.90 -57.25 -2.61
CA ALA D 204 0.57 -57.69 -3.97
C ALA D 204 -0.08 -56.57 -4.80
N GLY D 205 0.63 -55.45 -4.94
CA GLY D 205 0.13 -54.28 -5.67
C GLY D 205 1.23 -53.29 -6.06
N LEU D 206 0.82 -52.20 -6.70
CA LEU D 206 1.74 -51.12 -7.08
C LEU D 206 2.04 -50.22 -5.88
N PHE D 207 3.16 -49.50 -5.96
CA PHE D 207 3.58 -48.59 -4.89
C PHE D 207 2.75 -47.29 -4.92
N LEU D 208 2.67 -46.67 -6.09
CA LEU D 208 1.90 -45.43 -6.27
C LEU D 208 0.39 -45.63 -6.09
N ASN D 209 -0.11 -46.83 -6.42
CA ASN D 209 -1.52 -47.18 -6.19
C ASN D 209 -1.84 -47.28 -4.70
N TRP D 210 -0.90 -47.84 -3.92
CA TRP D 210 -0.99 -47.86 -2.46
C TRP D 210 -0.76 -46.48 -1.85
N ALA D 211 0.27 -45.77 -2.33
CA ALA D 211 0.63 -44.45 -1.81
C ALA D 211 -0.49 -43.42 -2.00
N ASN D 212 -1.08 -43.40 -3.19
CA ASN D 212 -2.24 -42.53 -3.46
C ASN D 212 -3.48 -42.93 -2.67
N GLU D 213 -3.65 -44.23 -2.40
CA GLU D 213 -4.74 -44.71 -1.52
C GLU D 213 -4.61 -44.16 -0.09
N VAL D 214 -3.37 -44.06 0.39
CA VAL D 214 -3.10 -43.46 1.71
C VAL D 214 -3.35 -41.95 1.70
N VAL D 215 -2.79 -41.26 0.69
CA VAL D 215 -2.87 -39.79 0.60
C VAL D 215 -4.29 -39.29 0.27
N GLU D 216 -4.98 -39.98 -0.65
CA GLU D 216 -6.37 -39.62 -1.00
C GLU D 216 -7.33 -39.84 0.17
N ASP D 217 -7.14 -40.94 0.91
CA ASP D 217 -7.92 -41.20 2.13
C ASP D 217 -7.59 -40.20 3.24
N PHE D 218 -6.33 -39.79 3.34
CA PHE D 218 -5.91 -38.72 4.25
C PHE D 218 -6.53 -37.38 3.84
N THR D 219 -6.48 -37.06 2.55
CA THR D 219 -7.00 -35.80 2.02
C THR D 219 -8.53 -35.71 2.13
N THR D 220 -9.23 -36.78 1.73
CA THR D 220 -10.70 -36.79 1.76
C THR D 220 -11.28 -36.74 3.19
N ASN D 221 -10.53 -37.24 4.18
CA ASN D 221 -10.95 -37.18 5.58
C ASN D 221 -10.74 -35.81 6.23
N ILE D 222 -9.60 -35.18 5.97
CA ILE D 222 -9.32 -33.83 6.52
C ILE D 222 -10.17 -32.72 5.90
N MET D 223 -10.77 -32.96 4.73
CA MET D 223 -11.71 -32.05 4.09
C MET D 223 -13.15 -32.52 4.32
N LYS D 224 -13.51 -32.72 5.59
CA LYS D 224 -14.87 -33.13 5.98
C LYS D 224 -15.50 -32.04 6.85
N LYS D 225 -16.69 -31.60 6.45
CA LYS D 225 -17.47 -30.60 7.18
C LYS D 225 -18.92 -31.05 7.25
N ASP D 226 -19.41 -31.28 8.47
CA ASP D 226 -20.79 -31.72 8.70
C ASP D 226 -21.72 -30.51 8.87
N THR D 227 -22.91 -30.60 8.29
CA THR D 227 -23.97 -29.60 8.52
C THR D 227 -24.49 -29.82 9.94
N LEU D 228 -24.72 -28.72 10.66
CA LEU D 228 -25.07 -28.79 12.09
C LEU D 228 -26.48 -29.34 12.34
N ASP D 229 -26.54 -30.52 12.97
CA ASP D 229 -27.77 -31.00 13.59
C ASP D 229 -28.01 -30.14 14.82
N LYS D 230 -29.24 -29.61 14.96
CA LYS D 230 -29.58 -28.53 15.89
C LYS D 230 -29.10 -27.17 15.34
N ILE D 231 -29.59 -26.10 15.96
CA ILE D 231 -29.38 -24.73 15.45
C ILE D 231 -28.22 -24.01 16.12
N SER D 232 -27.52 -23.19 15.34
CA SER D 232 -26.43 -22.33 15.83
C SER D 232 -26.09 -21.26 14.80
N ASP D 233 -25.41 -20.21 15.24
CA ASP D 233 -24.86 -19.17 14.36
C ASP D 233 -23.61 -19.68 13.60
N VAL D 234 -22.98 -20.74 14.13
CA VAL D 234 -21.88 -21.43 13.44
C VAL D 234 -22.43 -22.22 12.24
N SER D 235 -21.81 -22.04 11.08
CA SER D 235 -22.30 -22.64 9.82
C SER D 235 -21.91 -24.11 9.65
N VAL D 236 -20.67 -24.45 10.00
CA VAL D 236 -20.16 -25.84 9.93
C VAL D 236 -19.23 -26.17 11.09
N ILE D 237 -19.19 -27.44 11.47
CA ILE D 237 -18.22 -27.97 12.43
C ILE D 237 -17.35 -29.03 11.77
N ILE D 238 -16.18 -29.28 12.35
CA ILE D 238 -15.22 -30.26 11.84
C ILE D 238 -15.17 -31.45 12.80
N PRO D 239 -15.70 -32.62 12.37
CA PRO D 239 -15.90 -33.74 13.29
C PRO D 239 -14.63 -34.43 13.79
N TYR D 240 -13.55 -34.38 13.00
CA TYR D 240 -12.29 -35.04 13.36
C TYR D 240 -11.41 -34.27 14.36
N ILE D 241 -11.83 -33.08 14.79
CA ILE D 241 -11.22 -32.39 15.95
C ILE D 241 -11.43 -33.22 17.22
N GLY D 242 -12.62 -33.80 17.36
CA GLY D 242 -12.99 -34.64 18.51
C GLY D 242 -12.00 -35.75 18.83
N PRO D 243 -11.86 -36.75 17.94
CA PRO D 243 -10.90 -37.84 18.17
C PRO D 243 -9.42 -37.41 18.12
N ALA D 244 -9.09 -36.33 17.42
CA ALA D 244 -7.71 -35.85 17.31
C ALA D 244 -7.17 -35.30 18.62
N LEU D 245 -7.92 -34.38 19.24
CA LEU D 245 -7.51 -33.72 20.49
C LEU D 245 -8.26 -34.17 21.75
N ASN D 246 -9.40 -34.86 21.60
CA ASN D 246 -10.19 -35.34 22.74
C ASN D 246 -10.64 -34.18 23.66
N ILE D 247 -11.34 -33.23 23.06
CA ILE D 247 -11.76 -32.00 23.75
C ILE D 247 -12.97 -32.33 24.62
N GLY D 248 -12.82 -32.18 25.94
CA GLY D 248 -13.87 -32.54 26.90
C GLY D 248 -14.14 -34.03 27.00
N ASN D 249 -13.10 -34.85 26.76
CA ASN D 249 -13.18 -36.31 26.79
C ASN D 249 -14.22 -36.88 25.80
N SER D 250 -14.26 -36.30 24.59
CA SER D 250 -15.27 -36.65 23.59
C SER D 250 -15.08 -38.01 22.94
N ALA D 251 -13.82 -38.41 22.72
CA ALA D 251 -13.50 -39.68 22.04
C ALA D 251 -13.89 -40.91 22.85
N LEU D 252 -13.88 -42.07 22.20
CA LEU D 252 -14.34 -43.36 22.75
C LEU D 252 -15.84 -43.39 23.08
N ARG D 253 -16.30 -42.47 23.94
CA ARG D 253 -17.73 -42.15 24.05
C ARG D 253 -18.32 -41.79 22.68
N GLY D 254 -17.56 -41.03 21.89
CA GLY D 254 -17.87 -40.80 20.49
C GLY D 254 -19.03 -39.84 20.28
N ASN D 255 -18.93 -38.67 20.91
CA ASN D 255 -20.03 -37.70 20.95
C ASN D 255 -19.56 -36.24 20.86
N PHE D 256 -18.54 -35.99 20.04
CA PHE D 256 -18.03 -34.62 19.85
C PHE D 256 -19.07 -33.70 19.20
N ASN D 257 -19.82 -34.24 18.23
CA ASN D 257 -20.88 -33.48 17.56
C ASN D 257 -22.05 -33.15 18.51
N GLN D 258 -22.49 -34.15 19.26
CA GLN D 258 -23.58 -34.00 20.23
C GLN D 258 -23.19 -33.14 21.43
N ALA D 259 -21.97 -33.32 21.93
CA ALA D 259 -21.46 -32.55 23.07
C ALA D 259 -21.27 -31.07 22.72
N PHE D 260 -20.67 -30.81 21.56
CA PHE D 260 -20.51 -29.44 21.05
C PHE D 260 -21.86 -28.76 20.80
N ALA D 261 -22.85 -29.52 20.34
CA ALA D 261 -24.20 -29.01 20.13
C ALA D 261 -24.90 -28.66 21.45
N THR D 262 -24.83 -29.57 22.42
CA THR D 262 -25.49 -29.39 23.72
C THR D 262 -24.78 -28.32 24.55
N ALA D 263 -23.48 -28.49 24.75
CA ALA D 263 -22.67 -27.55 25.54
C ALA D 263 -22.45 -26.19 24.83
N GLY D 264 -22.59 -26.18 23.50
CA GLY D 264 -22.47 -24.96 22.73
C GLY D 264 -21.04 -24.62 22.38
N VAL D 265 -20.76 -23.34 22.17
CA VAL D 265 -19.45 -22.86 21.71
C VAL D 265 -18.38 -22.85 22.81
N ALA D 266 -18.79 -22.67 24.07
CA ALA D 266 -17.86 -22.66 25.21
C ALA D 266 -17.25 -24.04 25.55
N PHE D 267 -17.80 -25.11 24.96
CA PHE D 267 -17.26 -26.47 25.08
C PHE D 267 -15.75 -26.59 24.86
N LEU D 268 -15.23 -25.86 23.87
CA LEU D 268 -13.80 -25.91 23.53
C LEU D 268 -12.89 -25.27 24.58
N LEU D 269 -13.44 -24.38 25.41
CA LEU D 269 -12.74 -23.82 26.56
C LEU D 269 -12.91 -24.75 27.76
N GLU D 270 -12.00 -25.74 27.87
CA GLU D 270 -12.11 -26.82 28.85
C GLU D 270 -11.88 -26.34 30.28
N GLY D 271 -12.94 -26.38 31.09
CA GLY D 271 -12.86 -25.97 32.50
C GLY D 271 -12.66 -24.47 32.72
N PHE D 272 -13.07 -23.67 31.74
CA PHE D 272 -12.94 -22.21 31.82
C PHE D 272 -14.19 -21.64 32.50
N PRO D 273 -14.02 -20.62 33.38
CA PRO D 273 -15.18 -19.96 33.99
C PRO D 273 -16.17 -19.39 32.99
N GLU D 274 -17.46 -19.53 33.29
CA GLU D 274 -18.52 -18.88 32.51
C GLU D 274 -18.40 -17.37 32.69
N PHE D 275 -18.66 -16.61 31.62
CA PHE D 275 -18.42 -15.16 31.63
C PHE D 275 -19.30 -14.45 32.65
N THR D 276 -18.70 -13.51 33.37
CA THR D 276 -19.38 -12.74 34.41
C THR D 276 -18.93 -11.28 34.36
N ILE D 277 -19.84 -10.39 34.74
CA ILE D 277 -19.61 -8.95 34.73
C ILE D 277 -20.25 -8.33 35.98
N PRO D 278 -19.51 -7.48 36.73
CA PRO D 278 -20.12 -6.83 37.90
C PRO D 278 -21.07 -5.69 37.51
N ALA D 279 -21.86 -5.23 38.47
CA ALA D 279 -22.82 -4.14 38.24
C ALA D 279 -22.08 -2.84 37.94
N LEU D 280 -22.61 -2.08 36.98
CA LEU D 280 -21.95 -0.85 36.53
C LEU D 280 -22.08 0.26 37.56
N GLY D 281 -21.20 1.25 37.45
CA GLY D 281 -21.18 2.39 38.36
C GLY D 281 -22.38 3.31 38.14
N VAL D 282 -23.08 3.61 39.23
CA VAL D 282 -24.34 4.37 39.15
C VAL D 282 -24.03 5.86 39.00
N PHE D 283 -24.92 6.56 38.29
CA PHE D 283 -24.80 8.01 38.07
C PHE D 283 -25.60 8.75 39.13
N THR D 284 -24.98 9.77 39.74
CA THR D 284 -25.62 10.60 40.77
C THR D 284 -25.21 12.07 40.62
N PHE D 285 -26.09 12.97 41.07
CA PHE D 285 -25.89 14.42 40.98
C PHE D 285 -25.84 15.03 42.39
N TYR D 286 -25.73 16.36 42.45
CA TYR D 286 -25.81 17.08 43.73
C TYR D 286 -27.23 17.03 44.27
N SER D 287 -27.38 17.04 45.59
CA SER D 287 -28.69 16.97 46.24
C SER D 287 -29.54 18.21 45.96
N SER D 288 -28.89 19.39 45.99
CA SER D 288 -29.53 20.65 45.61
C SER D 288 -28.89 21.23 44.35
N ILE D 289 -27.81 22.01 44.49
CA ILE D 289 -27.21 22.77 43.38
C ILE D 289 -28.23 23.68 42.68
N GLN D 290 -29.17 24.24 43.44
CA GLN D 290 -30.35 24.93 42.88
C GLN D 290 -30.06 26.30 42.26
N GLU D 291 -28.95 26.93 42.64
CA GLU D 291 -28.59 28.26 42.12
C GLU D 291 -28.19 28.19 40.65
N ARG D 292 -28.67 29.16 39.86
CA ARG D 292 -28.42 29.26 38.42
C ARG D 292 -29.09 28.12 37.61
N GLU D 293 -28.92 28.16 36.30
CA GLU D 293 -29.36 27.09 35.39
C GLU D 293 -28.15 26.26 34.93
N LYS D 294 -27.43 25.72 35.91
CA LYS D 294 -26.38 24.73 35.66
C LYS D 294 -27.00 23.35 35.49
N ILE D 295 -28.17 23.14 36.11
CA ILE D 295 -28.96 21.91 35.96
C ILE D 295 -29.31 21.61 34.50
N ILE D 296 -29.59 22.65 33.71
CA ILE D 296 -29.82 22.51 32.26
C ILE D 296 -28.66 21.82 31.54
N LYS D 297 -27.43 22.19 31.90
CA LYS D 297 -26.22 21.57 31.34
C LYS D 297 -25.86 20.25 32.02
N THR D 298 -26.18 20.12 33.31
CA THR D 298 -25.97 18.86 34.06
C THR D 298 -26.77 17.69 33.48
N ILE D 299 -28.00 17.97 33.01
CA ILE D 299 -28.82 16.96 32.33
C ILE D 299 -28.21 16.60 30.98
N GLU D 300 -27.72 17.60 30.25
CA GLU D 300 -27.10 17.40 28.94
C GLU D 300 -25.81 16.58 29.03
N ASN D 301 -25.00 16.86 30.06
CA ASN D 301 -23.77 16.09 30.32
C ASN D 301 -24.05 14.63 30.67
N CYS D 302 -25.08 14.40 31.48
CA CYS D 302 -25.49 13.04 31.88
C CYS D 302 -25.85 12.16 30.67
N LEU D 303 -26.54 12.75 29.70
CA LEU D 303 -26.92 12.06 28.47
C LEU D 303 -25.70 11.75 27.60
N GLU D 304 -24.79 12.71 27.49
CA GLU D 304 -23.51 12.52 26.77
C GLU D 304 -22.60 11.50 27.45
N GLN D 305 -22.53 11.56 28.77
CA GLN D 305 -21.69 10.64 29.57
C GLN D 305 -22.25 9.22 29.61
N ARG D 306 -23.58 9.08 29.54
CA ARG D 306 -24.24 7.78 29.42
C ARG D 306 -23.87 7.08 28.12
N VAL D 307 -23.88 7.83 27.02
CA VAL D 307 -23.50 7.30 25.70
C VAL D 307 -22.06 6.76 25.74
N LYS D 308 -21.19 7.44 26.49
CA LYS D 308 -19.80 6.98 26.70
C LYS D 308 -19.71 5.66 27.48
N ARG D 309 -20.59 5.46 28.45
CA ARG D 309 -20.60 4.19 29.23
C ARG D 309 -21.03 2.97 28.42
N TRP D 310 -22.01 3.13 27.53
CA TRP D 310 -22.37 2.07 26.56
C TRP D 310 -21.16 1.75 25.67
N LYS D 311 -20.57 2.81 25.12
CA LYS D 311 -19.37 2.75 24.29
C LYS D 311 -18.20 2.06 25.03
N ASP D 312 -17.91 2.54 26.24
CA ASP D 312 -16.83 1.98 27.07
C ASP D 312 -17.12 0.57 27.63
N SER D 313 -18.40 0.22 27.75
CA SER D 313 -18.79 -1.15 28.13
C SER D 313 -18.48 -2.14 27.01
N TYR D 314 -18.78 -1.76 25.77
CA TYR D 314 -18.41 -2.56 24.60
C TYR D 314 -16.89 -2.62 24.40
N GLN D 315 -16.19 -1.54 24.73
CA GLN D 315 -14.72 -1.50 24.67
C GLN D 315 -14.08 -2.45 25.70
N TRP D 316 -14.65 -2.47 26.91
CA TRP D 316 -14.23 -3.40 27.97
C TRP D 316 -14.53 -4.87 27.60
N MET D 317 -15.68 -5.10 26.97
CA MET D 317 -16.06 -6.44 26.49
C MET D 317 -15.02 -6.99 25.51
N VAL D 318 -14.63 -6.16 24.54
CA VAL D 318 -13.60 -6.53 23.56
C VAL D 318 -12.24 -6.74 24.24
N SER D 319 -11.91 -5.87 25.19
CA SER D 319 -10.65 -5.99 25.95
C SER D 319 -10.48 -7.35 26.63
N ASN D 320 -11.57 -7.88 27.19
CA ASN D 320 -11.60 -9.25 27.71
C ASN D 320 -11.55 -10.30 26.60
N TRP D 321 -12.33 -10.07 25.53
CA TRP D 321 -12.40 -11.01 24.40
C TRP D 321 -11.05 -11.24 23.73
N LEU D 322 -10.33 -10.16 23.45
CA LEU D 322 -9.01 -10.24 22.81
C LEU D 322 -7.96 -10.87 23.72
N SER D 323 -7.94 -10.44 24.99
CA SER D 323 -6.91 -10.86 25.95
C SER D 323 -7.17 -12.20 26.67
N ARG D 324 -8.41 -12.70 26.62
CA ARG D 324 -8.78 -13.93 27.36
C ARG D 324 -9.42 -15.04 26.48
N ILE D 325 -10.29 -14.67 25.54
CA ILE D 325 -11.06 -15.65 24.76
C ILE D 325 -10.40 -16.05 23.45
N THR D 326 -10.06 -15.08 22.60
CA THR D 326 -9.51 -15.36 21.26
C THR D 326 -8.22 -16.18 21.28
N THR D 327 -7.39 -15.94 22.29
CA THR D 327 -6.14 -16.67 22.48
C THR D 327 -6.39 -18.15 22.77
N GLN D 328 -7.35 -18.43 23.65
CA GLN D 328 -7.75 -19.80 23.97
C GLN D 328 -8.34 -20.56 22.78
N PHE D 329 -9.08 -19.85 21.92
CA PHE D 329 -9.66 -20.47 20.72
C PHE D 329 -8.59 -20.76 19.66
N ASN D 330 -7.68 -19.80 19.43
CA ASN D 330 -6.54 -20.02 18.52
C ASN D 330 -5.56 -21.11 18.98
N HIS D 331 -5.58 -21.45 20.27
CA HIS D 331 -4.83 -22.60 20.79
C HIS D 331 -5.23 -23.92 20.11
N ILE D 332 -6.50 -24.04 19.71
CA ILE D 332 -6.97 -25.23 18.98
C ILE D 332 -6.41 -25.23 17.54
N ASN D 333 -6.38 -24.06 16.90
CA ASN D 333 -5.74 -23.91 15.57
C ASN D 333 -4.29 -24.41 15.58
N TYR D 334 -3.53 -24.01 16.60
CA TYR D 334 -2.14 -24.44 16.75
C TYR D 334 -2.04 -25.94 17.03
N GLN D 335 -2.86 -26.42 17.95
CA GLN D 335 -2.91 -27.85 18.31
C GLN D 335 -3.35 -28.74 17.14
N MET D 336 -4.26 -28.24 16.31
CA MET D 336 -4.72 -28.98 15.12
C MET D 336 -3.66 -29.03 14.02
N TYR D 337 -2.95 -27.93 13.81
CA TYR D 337 -1.85 -27.90 12.84
C TYR D 337 -0.74 -28.90 13.23
N ASP D 338 -0.41 -28.92 14.53
CA ASP D 338 0.55 -29.90 15.06
C ASP D 338 0.03 -31.34 14.94
N SER D 339 -1.27 -31.53 15.21
CA SER D 339 -1.91 -32.85 15.07
C SER D 339 -1.89 -33.34 13.63
N LEU D 340 -2.30 -32.47 12.70
CA LEU D 340 -2.25 -32.77 11.26
C LEU D 340 -0.82 -32.97 10.75
N SER D 341 0.13 -32.24 11.34
CA SER D 341 1.56 -32.41 11.02
C SER D 341 2.12 -33.76 11.48
N TYR D 342 1.77 -34.17 12.70
CA TYR D 342 2.21 -35.47 13.24
C TYR D 342 1.66 -36.66 12.44
N GLN D 343 0.43 -36.53 11.94
CA GLN D 343 -0.16 -37.54 11.07
C GLN D 343 0.55 -37.59 9.71
N ALA D 344 0.84 -36.42 9.15
CA ALA D 344 1.58 -36.32 7.88
C ALA D 344 3.00 -36.87 8.00
N ASP D 345 3.68 -36.54 9.11
CA ASP D 345 5.01 -37.07 9.40
C ASP D 345 5.04 -38.58 9.57
N ALA D 346 3.96 -39.15 10.13
CA ALA D 346 3.80 -40.61 10.21
C ALA D 346 3.58 -41.25 8.84
N ILE D 347 2.81 -40.57 7.97
CA ILE D 347 2.58 -41.02 6.59
C ILE D 347 3.89 -40.96 5.77
N LYS D 348 4.63 -39.87 5.91
CA LYS D 348 5.95 -39.72 5.26
C LYS D 348 6.96 -40.75 5.78
N ALA D 349 6.95 -40.98 7.09
CA ALA D 349 7.84 -41.97 7.73
C ALA D 349 7.53 -43.41 7.32
N LYS D 350 6.26 -43.71 7.06
CA LYS D 350 5.85 -45.04 6.56
C LYS D 350 6.31 -45.25 5.11
N ILE D 351 6.23 -44.21 4.29
CA ILE D 351 6.69 -44.26 2.89
C ILE D 351 8.20 -44.54 2.80
N ASP D 352 8.98 -43.96 3.72
CA ASP D 352 10.43 -44.20 3.77
C ASP D 352 10.77 -45.67 4.06
N LEU D 353 10.04 -46.27 5.00
CA LEU D 353 10.18 -47.71 5.32
C LEU D 353 9.63 -48.60 4.21
N GLU D 354 8.47 -48.25 3.66
CA GLU D 354 7.81 -49.05 2.63
C GLU D 354 8.53 -49.03 1.27
N TYR D 355 9.19 -47.93 0.96
CA TYR D 355 9.94 -47.78 -0.30
C TYR D 355 11.18 -48.69 -0.35
N LYS D 356 11.87 -48.84 0.77
CA LYS D 356 13.05 -49.71 0.87
C LYS D 356 12.71 -51.20 0.83
N LYS D 357 11.60 -51.58 1.47
CA LYS D 357 11.13 -52.97 1.47
C LYS D 357 10.71 -53.43 0.08
N TYR D 358 10.04 -52.54 -0.67
CA TYR D 358 9.60 -52.82 -2.04
C TYR D 358 10.82 -52.97 -2.96
N SER D 359 10.85 -54.07 -3.72
CA SER D 359 11.91 -54.33 -4.69
C SER D 359 11.29 -54.88 -5.98
N GLY D 360 10.33 -54.11 -6.51
CA GLY D 360 9.53 -54.53 -7.67
C GLY D 360 10.14 -54.09 -8.99
N SER D 361 9.27 -53.89 -9.98
CA SER D 361 9.68 -53.54 -11.35
C SER D 361 9.86 -52.04 -11.55
N ASP D 362 8.87 -51.26 -11.12
CA ASP D 362 8.81 -49.81 -11.42
C ASP D 362 9.33 -48.89 -10.30
N LYS D 363 10.19 -49.41 -9.42
CA LYS D 363 10.70 -48.64 -8.27
C LYS D 363 11.54 -47.41 -8.65
N GLU D 364 12.39 -47.57 -9.67
CA GLU D 364 13.35 -46.52 -10.05
C GLU D 364 12.71 -45.29 -10.71
N ASN D 365 11.66 -45.51 -11.51
CA ASN D 365 10.97 -44.43 -12.21
C ASN D 365 10.17 -43.50 -11.29
N ILE D 366 9.51 -44.07 -10.30
CA ILE D 366 8.51 -43.36 -9.48
C ILE D 366 9.03 -42.31 -8.48
N LYS D 367 10.34 -42.33 -8.17
CA LYS D 367 10.89 -41.47 -7.10
C LYS D 367 10.72 -39.96 -7.31
N SER D 368 10.55 -39.52 -8.56
CA SER D 368 10.18 -38.13 -8.86
C SER D 368 8.78 -37.81 -8.31
N GLN D 369 7.84 -38.73 -8.53
CA GLN D 369 6.47 -38.60 -8.03
C GLN D 369 6.34 -38.76 -6.51
N VAL D 370 7.22 -39.58 -5.91
CA VAL D 370 7.17 -39.88 -4.47
C VAL D 370 7.38 -38.63 -3.62
N GLU D 371 8.50 -37.92 -3.83
CA GLU D 371 8.80 -36.70 -3.07
C GLU D 371 7.85 -35.54 -3.40
N ASN D 372 7.28 -35.54 -4.61
CA ASN D 372 6.18 -34.61 -4.95
C ASN D 372 4.89 -34.97 -4.20
N LEU D 373 4.59 -36.26 -4.09
CA LEU D 373 3.43 -36.74 -3.34
C LEU D 373 3.58 -36.55 -1.83
N LYS D 374 4.82 -36.63 -1.32
CA LYS D 374 5.11 -36.34 0.08
C LYS D 374 5.02 -34.83 0.37
N ASN D 375 5.59 -34.02 -0.51
CA ASN D 375 5.50 -32.55 -0.38
C ASN D 375 4.09 -31.98 -0.60
N SER D 376 3.22 -32.72 -1.29
CA SER D 376 1.82 -32.31 -1.49
C SER D 376 0.98 -32.35 -0.20
N LEU D 377 1.40 -33.13 0.79
CA LEU D 377 0.75 -33.18 2.11
C LEU D 377 0.77 -31.83 2.83
N ASP D 378 1.84 -31.06 2.65
CA ASP D 378 1.96 -29.71 3.23
C ASP D 378 0.92 -28.73 2.66
N VAL D 379 0.57 -28.90 1.39
CA VAL D 379 -0.45 -28.07 0.74
C VAL D 379 -1.85 -28.50 1.18
N LYS D 380 -2.08 -29.82 1.21
CA LYS D 380 -3.39 -30.38 1.60
C LYS D 380 -3.76 -30.16 3.08
N ILE D 381 -2.76 -29.99 3.94
CA ILE D 381 -2.99 -29.57 5.35
C ILE D 381 -3.54 -28.14 5.40
N SER D 382 -2.99 -27.24 4.57
CA SER D 382 -3.47 -25.85 4.50
C SER D 382 -4.93 -25.75 4.06
N GLU D 383 -5.37 -26.65 3.18
CA GLU D 383 -6.76 -26.73 2.75
C GLU D 383 -7.66 -27.10 3.93
N ALA D 384 -7.21 -28.09 4.70
CA ALA D 384 -7.91 -28.52 5.92
C ALA D 384 -7.83 -27.47 7.03
N MET D 385 -6.68 -26.79 7.15
CA MET D 385 -6.50 -25.70 8.13
C MET D 385 -7.38 -24.49 7.83
N ASN D 386 -7.63 -24.21 6.54
CA ASN D 386 -8.55 -23.13 6.15
C ASN D 386 -9.99 -23.38 6.60
N ASN D 387 -10.42 -24.64 6.60
CA ASN D 387 -11.71 -25.04 7.17
C ASN D 387 -11.75 -24.82 8.68
N ILE D 388 -10.65 -25.16 9.37
CA ILE D 388 -10.55 -25.04 10.83
C ILE D 388 -10.47 -23.57 11.25
N ASN D 389 -9.71 -22.76 10.50
CA ASN D 389 -9.62 -21.32 10.76
C ASN D 389 -10.99 -20.63 10.78
N LYS D 390 -11.86 -21.01 9.83
CA LYS D 390 -13.23 -20.48 9.80
C LYS D 390 -14.05 -20.98 10.99
N PHE D 391 -13.97 -22.29 11.26
CA PHE D 391 -14.67 -22.90 12.39
C PHE D 391 -14.28 -22.27 13.73
N ILE D 392 -12.98 -22.11 13.94
CA ILE D 392 -12.45 -21.54 15.19
C ILE D 392 -12.76 -20.05 15.32
N ARG D 393 -12.67 -19.30 14.21
CA ARG D 393 -12.97 -17.86 14.23
C ARG D 393 -14.47 -17.59 14.37
N GLU D 394 -15.31 -18.44 13.77
CA GLU D 394 -16.77 -18.37 13.98
C GLU D 394 -17.16 -18.70 15.41
N CYS D 395 -16.49 -19.67 16.02
CA CYS D 395 -16.64 -19.97 17.45
C CYS D 395 -16.24 -18.80 18.34
N SER D 396 -15.12 -18.16 17.99
CA SER D 396 -14.59 -17.03 18.75
C SER D 396 -15.54 -15.82 18.74
N VAL D 397 -16.11 -15.51 17.58
CA VAL D 397 -17.05 -14.40 17.43
C VAL D 397 -18.42 -14.71 18.08
N THR D 398 -18.91 -15.94 17.91
CA THR D 398 -20.18 -16.34 18.53
C THR D 398 -20.11 -16.46 20.06
N TYR D 399 -18.90 -16.58 20.61
CA TYR D 399 -18.70 -16.43 22.06
C TYR D 399 -18.93 -14.97 22.46
N LEU D 400 -18.31 -14.05 21.72
CA LEU D 400 -18.47 -12.61 21.95
C LEU D 400 -19.94 -12.15 21.87
N PHE D 401 -20.70 -12.70 20.92
CA PHE D 401 -22.08 -12.26 20.65
C PHE D 401 -23.18 -13.00 21.42
N LYS D 402 -23.00 -14.28 21.69
CA LYS D 402 -24.02 -15.09 22.38
C LYS D 402 -23.71 -15.47 23.83
N ASN D 403 -22.42 -15.46 24.23
CA ASN D 403 -22.02 -15.74 25.61
C ASN D 403 -21.68 -14.50 26.43
N MET D 404 -20.95 -13.55 25.85
CA MET D 404 -20.50 -12.33 26.54
C MET D 404 -21.50 -11.17 26.42
N LEU D 405 -21.89 -10.85 25.18
CA LEU D 405 -22.70 -9.66 24.89
C LEU D 405 -24.05 -9.54 25.62
N PRO D 406 -24.88 -10.61 25.65
CA PRO D 406 -26.16 -10.51 26.38
C PRO D 406 -26.02 -10.12 27.85
N LYS D 407 -24.97 -10.60 28.52
CA LYS D 407 -24.69 -10.23 29.91
C LYS D 407 -24.23 -8.77 30.07
N VAL D 408 -23.56 -8.23 29.05
CA VAL D 408 -23.18 -6.81 29.03
C VAL D 408 -24.40 -5.92 28.81
N ILE D 409 -25.31 -6.35 27.93
CA ILE D 409 -26.55 -5.62 27.63
C ILE D 409 -27.46 -5.54 28.86
N ASP D 410 -27.67 -6.69 29.53
CA ASP D 410 -28.52 -6.77 30.72
C ASP D 410 -28.06 -5.87 31.87
N GLU D 411 -26.73 -5.75 32.05
CA GLU D 411 -26.18 -4.87 33.08
C GLU D 411 -26.29 -3.40 32.69
N LEU D 412 -26.19 -3.11 31.38
CA LEU D 412 -26.41 -1.76 30.85
C LEU D 412 -27.88 -1.31 30.93
N ASN D 413 -28.81 -2.24 30.74
CA ASN D 413 -30.26 -1.94 30.88
C ASN D 413 -30.64 -1.62 32.33
N LYS D 414 -29.99 -2.29 33.28
CA LYS D 414 -30.14 -1.97 34.70
C LYS D 414 -29.52 -0.60 35.04
N PHE D 415 -28.38 -0.30 34.41
CA PHE D 415 -27.76 1.04 34.50
C PHE D 415 -28.68 2.11 33.88
N ASP D 416 -29.30 1.79 32.74
CA ASP D 416 -30.27 2.68 32.09
C ASP D 416 -31.49 2.97 32.96
N LEU D 417 -32.02 1.94 33.62
CA LEU D 417 -33.18 2.10 34.49
C LEU D 417 -32.85 2.98 35.71
N ARG D 418 -31.67 2.74 36.30
CA ARG D 418 -31.20 3.51 37.46
C ARG D 418 -30.88 4.98 37.11
N THR D 419 -30.27 5.20 35.94
CA THR D 419 -29.88 6.55 35.50
C THR D 419 -31.07 7.38 35.02
N LYS D 420 -32.03 6.75 34.34
CA LYS D 420 -33.21 7.46 33.82
C LYS D 420 -34.13 7.94 34.94
N THR D 421 -34.36 7.07 35.92
CA THR D 421 -35.17 7.42 37.09
C THR D 421 -34.54 8.58 37.88
N GLU D 422 -33.21 8.58 37.98
CA GLU D 422 -32.47 9.67 38.65
C GLU D 422 -32.57 11.00 37.88
N LEU D 423 -32.57 10.93 36.55
CA LEU D 423 -32.75 12.11 35.70
C LEU D 423 -34.16 12.70 35.81
N ILE D 424 -35.18 11.84 35.83
CA ILE D 424 -36.58 12.27 36.00
C ILE D 424 -36.78 12.88 37.40
N ASN D 425 -36.10 12.33 38.41
CA ASN D 425 -36.09 12.91 39.75
C ASN D 425 -35.42 14.29 39.80
N LEU D 426 -34.32 14.46 39.06
CA LEU D 426 -33.64 15.75 38.96
C LEU D 426 -34.51 16.82 38.30
N ILE D 427 -35.34 16.42 37.34
CA ILE D 427 -36.33 17.30 36.71
C ILE D 427 -37.43 17.67 37.72
N ASP D 428 -38.06 16.67 38.30
CA ASP D 428 -39.22 16.86 39.20
C ASP D 428 -38.85 17.44 40.58
N SER D 429 -37.62 17.24 41.03
CA SER D 429 -37.14 17.84 42.29
C SER D 429 -36.93 19.34 42.13
N HIS D 430 -36.25 19.72 41.04
CA HIS D 430 -36.02 21.13 40.70
C HIS D 430 -37.03 21.58 39.63
N ASN D 431 -38.31 21.45 39.96
CA ASN D 431 -39.40 21.70 39.01
C ASN D 431 -39.65 23.19 38.80
N ILE D 432 -39.91 23.90 39.91
CA ILE D 432 -40.26 25.33 39.85
C ILE D 432 -39.05 26.23 39.53
N ILE D 433 -37.91 25.97 40.18
CA ILE D 433 -36.71 26.80 39.99
C ILE D 433 -36.01 26.50 38.67
N LEU D 434 -35.42 27.53 38.07
CA LEU D 434 -34.63 27.43 36.83
C LEU D 434 -35.48 27.00 35.62
N VAL D 435 -35.82 25.70 35.56
CA VAL D 435 -36.64 25.17 34.46
C VAL D 435 -38.12 25.58 34.61
N GLY D 436 -38.43 26.80 34.22
CA GLY D 436 -39.79 27.35 34.28
C GLY D 436 -40.70 26.71 33.25
N GLU D 437 -41.15 25.49 33.57
CA GLU D 437 -41.90 24.61 32.64
C GLU D 437 -41.10 24.26 31.37
N VAL D 438 -39.78 24.19 31.49
CA VAL D 438 -38.90 23.62 30.48
C VAL D 438 -38.79 22.10 30.75
N ASP D 439 -39.08 21.69 31.99
CA ASP D 439 -39.31 20.28 32.34
C ASP D 439 -40.20 19.49 31.36
N ARG D 440 -41.22 20.16 30.81
CA ARG D 440 -42.02 19.59 29.71
C ARG D 440 -41.19 19.46 28.43
N LEU D 441 -40.44 20.52 28.12
CA LEU D 441 -39.51 20.53 26.97
C LEU D 441 -38.31 19.57 27.12
N LYS D 442 -37.98 19.19 28.35
CA LYS D 442 -36.94 18.19 28.64
C LYS D 442 -37.49 16.75 28.68
N ALA D 443 -38.34 16.41 27.70
CA ALA D 443 -38.80 15.04 27.49
C ALA D 443 -37.93 14.30 26.47
N LYS D 444 -36.86 14.96 26.00
CA LYS D 444 -35.83 14.31 25.16
C LYS D 444 -35.06 13.22 25.91
N VAL D 445 -35.07 13.28 27.24
CA VAL D 445 -34.51 12.20 28.09
C VAL D 445 -35.30 10.90 27.88
N ASN D 446 -36.63 10.99 27.85
CA ASN D 446 -37.49 9.82 27.62
C ASN D 446 -37.34 9.19 26.23
N GLU D 447 -36.87 9.97 25.24
CA GLU D 447 -36.57 9.47 23.90
C GLU D 447 -35.08 9.12 23.67
N SER D 448 -34.18 9.72 24.45
CA SER D 448 -32.74 9.42 24.36
C SER D 448 -32.40 7.99 24.81
N PHE D 449 -33.10 7.51 25.84
CA PHE D 449 -32.91 6.14 26.35
C PHE D 449 -33.55 5.06 25.46
N GLU D 450 -34.47 5.46 24.58
CA GLU D 450 -35.11 4.54 23.63
C GLU D 450 -34.16 4.12 22.52
N ASN D 451 -33.42 5.09 21.96
CA ASN D 451 -32.44 4.83 20.91
C ASN D 451 -31.24 4.04 21.46
N THR D 452 -31.30 2.71 21.34
CA THR D 452 -30.23 1.82 21.80
C THR D 452 -29.05 1.78 20.83
N MET D 453 -27.88 1.44 21.36
CA MET D 453 -26.65 1.29 20.57
C MET D 453 -26.38 -0.20 20.31
N PRO D 454 -26.60 -0.66 19.06
CA PRO D 454 -26.34 -2.07 18.77
C PRO D 454 -24.86 -2.34 18.53
N PHE D 455 -24.37 -3.50 18.99
CA PHE D 455 -23.00 -3.94 18.76
C PHE D 455 -22.97 -4.88 17.56
N ASN D 456 -22.30 -4.46 16.48
CA ASN D 456 -22.17 -5.25 15.25
C ASN D 456 -20.70 -5.59 14.96
N ILE D 457 -20.49 -6.41 13.93
CA ILE D 457 -19.14 -6.88 13.57
C ILE D 457 -19.02 -7.03 12.05
N PHE D 458 -17.83 -6.73 11.52
CA PHE D 458 -17.52 -6.86 10.10
C PHE D 458 -16.20 -7.62 9.92
ZN ZN E . 0.98 5.22 -25.74
ZN ZN F . 9.41 -4.30 22.92
#